data_8XBS
#
_entry.id   8XBS
#
_cell.length_a   1.00
_cell.length_b   1.00
_cell.length_c   1.00
_cell.angle_alpha   90.00
_cell.angle_beta   90.00
_cell.angle_gamma   90.00
#
_symmetry.space_group_name_H-M   'P 1'
#
loop_
_entity.id
_entity.type
_entity.pdbx_description
1 polymer 'Systemic RNA interference defective protein 1'
2 branched 2-acetamido-2-deoxy-beta-D-glucopyranose-(1-4)-2-acetamido-2-deoxy-beta-D-glucopyranose
3 non-polymer 'ZINC ION'
4 non-polymer CHOLESTEROL
5 non-polymer '(2S)-3-(hexadecanoyloxy)-2-[(9Z)-octadec-9-enoyloxy]propyl 2-(trimethylammonio)ethyl phosphate'
6 non-polymer 2-acetamido-2-deoxy-beta-D-glucopyranose
#
_entity_poly.entity_id   1
_entity_poly.type   'polypeptide(L)'
_entity_poly.pdbx_seq_one_letter_code
;MIRVYLIILMHLVIGLTHHHHHHVEDYKDDDDKQNNSTTPSPIITSSNSSVLVFEISSKMKMIEKKLEANTVHVLRLELD
QSFILDLTKVAAEIVDSSKYSKEDGVILEVTVSNGRDSFLLKLPTVYPNLKLYTDGKLLNPLVEQDFGAHRKRHRIGDPH
FHQNLIVTVQSRLNADIDYRLHVTHLDRAQYDFLKFKTGQTTKTLSNQKLTFVKPIGFFLNCSEQNISQFHVTLYSEDDI
CANLITVPANESIYDRSVISDKTHNRRVLSFTKRADIFFTETEISMFKSFRIFVFIAPDDSGCSTNTSRKSFNEKKKISF
EFKKLENQSYAVPTALMMIFLTTPCLLFLPIVINIIKNSRKLAPSQSNLISFSPVPSEQRDMDLSHDEQQNTSSELENNG
EIPAAENQIVEEITAENQETSVEEGNREIQVKIPLKQDSLSLHGQMLQYPVAIILPVLMHTAIEFHKWTTSTMANRDEMC
FHNHACARPLGELRAWNNIITNIGYTLYGAIFIVLSICRRGRHEYSHVFGTYECTLLDVTIGVFMVLQSIASATYHICPS
DVAFQFDTPCIQVICGLLMVRQWFVRHESPSPAYTNILLVGVVSLNFLISAFSKTSYVRFIIAVIHVIVVGSICLAKERS
LGSEKLKTRFFIMAFSMGNFAAIVMYLTLSAFHLNQIATYCFIINCIMYLMYYGCMKVLHSERITSKAKLCGALSLLAWA
VAGFFFFQDDTDWTRSAAASRALNKPCLLLGFFGSHDLWHIFGALAGLFTFIFVSFVDDDLINTRKTSINIF
;
_entity_poly.pdbx_strand_id   A,B
#
loop_
_chem_comp.id
_chem_comp.type
_chem_comp.name
_chem_comp.formula
CLR non-polymer CHOLESTEROL 'C27 H46 O'
NAG D-saccharide, beta linking 2-acetamido-2-deoxy-beta-D-glucopyranose 'C8 H15 N O6'
POV non-polymer '(2S)-3-(hexadecanoyloxy)-2-[(9Z)-octadec-9-enoyloxy]propyl 2-(trimethylammonio)ethyl phosphate' 'C42 H82 N O8 P'
ZN non-polymer 'ZINC ION' 'Zn 2'
#
# COMPACT_ATOMS: atom_id res chain seq x y z
N SER A 49 -54.80 17.31 13.11
CA SER A 49 -53.59 18.11 13.21
C SER A 49 -52.07 17.97 13.16
N SER A 50 -51.59 16.76 13.42
CA SER A 50 -50.17 16.43 13.40
C SER A 50 -49.26 17.00 12.30
N VAL A 51 -49.79 17.19 11.11
CA VAL A 51 -49.04 17.74 9.99
C VAL A 51 -49.53 19.16 9.89
N LEU A 52 -48.60 20.11 9.96
CA LEU A 52 -48.91 21.53 9.87
C LEU A 52 -48.16 22.11 8.69
N VAL A 53 -48.89 22.77 7.80
CA VAL A 53 -48.32 23.34 6.59
C VAL A 53 -48.21 24.85 6.74
N PHE A 54 -47.04 25.37 6.38
CA PHE A 54 -46.76 26.80 6.46
C PHE A 54 -46.29 27.30 5.12
N GLU A 55 -46.63 28.54 4.81
CA GLU A 55 -46.17 29.21 3.60
C GLU A 55 -45.16 30.28 3.99
N ILE A 56 -43.99 30.24 3.36
CA ILE A 56 -42.87 31.07 3.73
C ILE A 56 -42.55 32.02 2.57
N SER A 57 -42.42 33.31 2.89
CA SER A 57 -42.10 34.31 1.88
C SER A 57 -40.64 34.21 1.47
N SER A 58 -40.36 34.68 0.25
CA SER A 58 -38.99 34.64 -0.28
C SER A 58 -38.06 35.55 0.51
N LYS A 59 -38.59 36.66 1.05
CA LYS A 59 -37.75 37.61 1.76
C LYS A 59 -37.22 37.03 3.07
N MET A 60 -37.95 36.05 3.62
CA MET A 60 -37.61 35.52 4.94
C MET A 60 -36.23 34.90 4.94
N LYS A 61 -35.43 35.28 5.95
CA LYS A 61 -34.07 34.76 6.11
C LYS A 61 -33.99 33.93 7.38
N MET A 62 -34.85 34.23 8.36
CA MET A 62 -34.86 33.56 9.64
C MET A 62 -36.29 33.21 10.02
N ILE A 63 -36.50 31.98 10.47
CA ILE A 63 -37.80 31.50 10.90
C ILE A 63 -37.65 30.91 12.30
N GLU A 64 -38.53 31.34 13.20
CA GLU A 64 -38.55 30.84 14.58
C GLU A 64 -39.91 30.20 14.84
N LYS A 65 -39.90 28.95 15.28
CA LYS A 65 -41.14 28.22 15.49
C LYS A 65 -40.97 27.22 16.62
N LYS A 66 -42.09 26.83 17.21
CA LYS A 66 -42.12 25.81 18.25
C LYS A 66 -42.73 24.54 17.69
N LEU A 67 -42.01 23.43 17.84
CA LEU A 67 -42.46 22.12 17.37
C LEU A 67 -43.14 21.42 18.55
N GLU A 68 -44.46 21.46 18.59
CA GLU A 68 -45.20 20.74 19.63
C GLU A 68 -44.94 19.24 19.53
N ALA A 69 -45.10 18.56 20.65
CA ALA A 69 -44.78 17.13 20.75
C ALA A 69 -45.57 16.30 19.74
N ASN A 70 -44.89 15.38 19.06
CA ASN A 70 -45.49 14.48 18.08
C ASN A 70 -46.18 15.24 16.95
N THR A 71 -45.57 16.32 16.50
CA THR A 71 -46.11 17.15 15.42
C THR A 71 -45.04 17.37 14.36
N VAL A 72 -45.50 17.52 13.11
CA VAL A 72 -44.63 17.66 11.96
C VAL A 72 -44.91 19.00 11.29
N HIS A 73 -43.85 19.75 11.00
CA HIS A 73 -43.96 21.04 10.32
C HIS A 73 -43.48 20.89 8.89
N VAL A 74 -44.32 21.32 7.95
CA VAL A 74 -43.98 21.35 6.54
C VAL A 74 -44.01 22.80 6.09
N LEU A 75 -42.87 23.31 5.63
CA LEU A 75 -42.73 24.69 5.21
C LEU A 75 -42.46 24.74 3.72
N ARG A 76 -43.24 25.55 3.01
CA ARG A 76 -43.12 25.70 1.56
C ARG A 76 -42.68 27.10 1.20
N LEU A 77 -41.73 27.19 0.28
CA LEU A 77 -41.36 28.44 -0.36
C LEU A 77 -41.45 28.25 -1.86
N GLU A 78 -42.22 29.10 -2.54
CA GLU A 78 -42.35 29.02 -3.98
C GLU A 78 -41.14 29.67 -4.65
N LEU A 79 -40.64 29.01 -5.70
CA LEU A 79 -39.48 29.48 -6.44
C LEU A 79 -39.90 29.85 -7.85
N ASP A 80 -39.64 31.09 -8.23
CA ASP A 80 -39.89 31.57 -9.58
C ASP A 80 -38.61 31.40 -10.42
N GLN A 81 -38.59 32.00 -11.61
CA GLN A 81 -37.43 31.92 -12.49
C GLN A 81 -36.26 32.77 -11.99
N SER A 82 -36.45 33.55 -10.92
CA SER A 82 -35.37 34.33 -10.34
C SER A 82 -34.45 33.51 -9.46
N PHE A 83 -34.76 32.23 -9.24
CA PHE A 83 -33.93 31.34 -8.45
C PHE A 83 -33.02 30.47 -9.29
N ILE A 84 -32.91 30.73 -10.60
CA ILE A 84 -32.01 29.97 -11.44
C ILE A 84 -30.57 30.24 -11.01
N LEU A 85 -29.78 29.18 -10.86
CA LEU A 85 -28.37 29.25 -10.50
C LEU A 85 -28.16 29.94 -9.16
N ASP A 86 -29.12 29.78 -8.25
CA ASP A 86 -29.05 30.36 -6.91
C ASP A 86 -28.68 29.25 -5.93
N LEU A 87 -27.40 29.18 -5.58
CA LEU A 87 -26.92 28.21 -4.62
C LEU A 87 -27.41 28.59 -3.23
N THR A 88 -28.26 27.77 -2.64
CA THR A 88 -28.96 28.09 -1.40
C THR A 88 -28.45 27.21 -0.27
N LYS A 89 -28.32 27.81 0.92
CA LYS A 89 -27.95 27.08 2.12
C LYS A 89 -29.11 27.17 3.12
N VAL A 90 -29.51 26.05 3.67
CA VAL A 90 -30.53 25.99 4.71
C VAL A 90 -29.89 25.38 5.94
N ALA A 91 -29.97 26.08 7.07
CA ALA A 91 -29.42 25.62 8.32
C ALA A 91 -30.52 25.55 9.38
N ALA A 92 -30.36 24.62 10.31
CA ALA A 92 -31.30 24.45 11.41
C ALA A 92 -30.55 24.62 12.73
N GLU A 93 -31.23 25.24 13.69
CA GLU A 93 -30.67 25.48 15.01
C GLU A 93 -31.67 25.06 16.08
N ILE A 94 -31.19 24.36 17.10
CA ILE A 94 -32.00 23.98 18.25
C ILE A 94 -31.84 25.08 19.29
N VAL A 95 -32.96 25.72 19.65
CA VAL A 95 -32.92 26.79 20.63
C VAL A 95 -32.86 26.20 22.04
N ASP A 96 -31.98 26.77 22.87
CA ASP A 96 -31.75 26.29 24.23
C ASP A 96 -31.31 24.83 24.24
N SER A 97 -30.14 24.55 23.66
CA SER A 97 -29.65 23.18 23.55
C SER A 97 -29.26 22.57 24.90
N SER A 98 -29.18 23.39 25.95
CA SER A 98 -28.77 22.86 27.25
C SER A 98 -29.78 21.87 27.81
N LYS A 99 -31.04 22.01 27.42
CA LYS A 99 -32.11 21.17 27.95
C LYS A 99 -32.05 19.75 27.39
N TYR A 100 -31.24 19.55 26.34
CA TYR A 100 -31.16 18.25 25.67
C TYR A 100 -29.76 17.67 25.77
N SER A 101 -29.03 18.00 26.83
CA SER A 101 -27.69 17.49 27.03
C SER A 101 -27.67 16.05 27.53
N LYS A 102 -28.76 15.56 28.10
CA LYS A 102 -28.85 14.20 28.60
C LYS A 102 -29.50 13.25 27.60
N GLU A 103 -29.85 13.73 26.42
CA GLU A 103 -30.49 12.92 25.39
C GLU A 103 -29.46 12.45 24.38
N ASP A 104 -29.46 11.15 24.11
CA ASP A 104 -28.56 10.58 23.12
C ASP A 104 -29.23 10.51 21.76
N GLY A 105 -28.41 10.50 20.71
CA GLY A 105 -28.90 10.37 19.36
C GLY A 105 -29.47 11.65 18.78
N VAL A 106 -30.22 11.52 17.70
CA VAL A 106 -30.74 12.65 16.94
C VAL A 106 -31.96 13.20 17.67
N ILE A 107 -31.96 14.50 17.91
CA ILE A 107 -33.05 15.17 18.59
C ILE A 107 -33.96 15.93 17.62
N LEU A 108 -33.44 16.43 16.51
CA LEU A 108 -34.24 17.07 15.49
C LEU A 108 -33.81 16.56 14.12
N GLU A 109 -34.77 16.30 13.25
CA GLU A 109 -34.51 15.92 11.87
C GLU A 109 -35.15 16.94 10.95
N VAL A 110 -34.40 17.37 9.93
CA VAL A 110 -34.88 18.31 8.94
C VAL A 110 -34.54 17.79 7.56
N THR A 111 -35.52 17.82 6.64
CA THR A 111 -35.30 17.52 5.24
C THR A 111 -35.55 18.76 4.40
N VAL A 112 -34.65 19.02 3.45
CA VAL A 112 -34.75 20.16 2.54
C VAL A 112 -34.66 19.64 1.12
N SER A 113 -35.51 20.17 0.24
CA SER A 113 -35.51 19.73 -1.16
C SER A 113 -36.15 20.81 -2.02
N ASN A 114 -35.53 21.07 -3.17
CA ASN A 114 -36.11 21.97 -4.17
C ASN A 114 -36.64 21.22 -5.39
N GLY A 115 -36.76 19.89 -5.30
CA GLY A 115 -37.24 19.10 -6.41
C GLY A 115 -36.13 18.44 -7.20
N ARG A 116 -35.04 19.17 -7.43
CA ARG A 116 -33.89 18.65 -8.16
C ARG A 116 -32.84 18.08 -7.24
N ASP A 117 -32.67 18.63 -6.03
CA ASP A 117 -31.68 18.16 -5.08
C ASP A 117 -32.31 18.14 -3.69
N SER A 118 -31.74 17.33 -2.80
CA SER A 118 -32.25 17.21 -1.44
C SER A 118 -31.14 16.76 -0.51
N PHE A 119 -31.34 17.02 0.78
CA PHE A 119 -30.43 16.52 1.80
C PHE A 119 -31.20 16.40 3.11
N LEU A 120 -30.54 15.82 4.11
CA LEU A 120 -31.10 15.61 5.44
C LEU A 120 -30.20 16.27 6.48
N LEU A 121 -30.82 16.96 7.44
CA LEU A 121 -30.12 17.52 8.59
C LEU A 121 -30.54 16.75 9.84
N LYS A 122 -29.57 16.28 10.60
CA LYS A 122 -29.80 15.54 11.83
C LYS A 122 -29.07 16.26 12.96
N LEU A 123 -29.83 16.76 13.93
CA LEU A 123 -29.20 17.52 15.00
C LEU A 123 -29.29 16.76 16.33
N PRO A 124 -28.25 16.83 17.16
CA PRO A 124 -26.98 17.52 16.94
C PRO A 124 -26.04 16.73 16.04
N THR A 125 -25.19 17.41 15.27
CA THR A 125 -24.12 16.75 14.53
C THR A 125 -22.94 16.57 15.48
N VAL A 126 -22.44 15.35 15.59
CA VAL A 126 -21.39 15.05 16.55
C VAL A 126 -20.06 14.95 15.81
N TYR A 127 -19.01 15.47 16.46
CA TYR A 127 -17.65 15.49 15.96
C TYR A 127 -16.75 14.86 17.02
N PRO A 128 -15.54 14.44 16.64
CA PRO A 128 -14.63 13.83 17.62
C PRO A 128 -14.45 14.66 18.89
N ASN A 129 -14.44 15.99 18.75
CA ASN A 129 -14.26 16.85 19.92
C ASN A 129 -15.56 17.49 20.38
N LEU A 130 -16.38 18.00 19.47
CA LEU A 130 -17.52 18.83 19.85
C LEU A 130 -18.84 18.27 19.35
N LYS A 131 -19.92 18.91 19.80
CA LYS A 131 -21.28 18.60 19.37
C LYS A 131 -21.94 19.91 18.95
N LEU A 132 -22.41 19.97 17.71
CA LEU A 132 -23.01 21.19 17.18
C LEU A 132 -24.53 21.05 17.14
N TYR A 133 -25.23 22.06 17.65
CA TYR A 133 -26.68 22.11 17.60
C TYR A 133 -27.18 23.05 16.50
N THR A 134 -26.28 23.54 15.67
CA THR A 134 -26.62 24.29 14.47
C THR A 134 -25.78 23.76 13.32
N ASP A 135 -26.44 23.41 12.22
CA ASP A 135 -25.70 22.96 11.04
C ASP A 135 -26.60 23.10 9.83
N GLY A 136 -25.96 23.23 8.66
CA GLY A 136 -26.68 23.39 7.42
C GLY A 136 -25.92 22.78 6.27
N LYS A 137 -26.60 22.71 5.13
CA LYS A 137 -26.05 22.06 3.95
C LYS A 137 -26.45 22.84 2.71
N LEU A 138 -25.71 22.62 1.63
CA LEU A 138 -25.95 23.34 0.38
C LEU A 138 -26.87 22.55 -0.53
N LEU A 139 -27.72 23.28 -1.24
CA LEU A 139 -28.67 22.69 -2.19
C LEU A 139 -28.24 23.05 -3.60
N ASN A 140 -28.12 22.05 -4.47
CA ASN A 140 -27.77 22.30 -5.85
C ASN A 140 -28.84 23.17 -6.51
N PRO A 141 -28.46 24.24 -7.20
CA PRO A 141 -29.45 25.20 -7.68
C PRO A 141 -30.26 24.66 -8.85
N LEU A 142 -31.43 25.26 -9.05
CA LEU A 142 -32.25 24.95 -10.21
C LEU A 142 -31.66 25.58 -11.46
N VAL A 143 -31.92 24.95 -12.62
CA VAL A 143 -31.34 25.38 -13.87
C VAL A 143 -32.44 25.95 -14.76
N GLU A 144 -32.03 26.49 -15.91
CA GLU A 144 -32.97 27.14 -16.81
C GLU A 144 -33.96 26.18 -17.44
N GLN A 145 -33.56 24.92 -17.64
CA GLN A 145 -34.48 23.93 -18.18
C GLN A 145 -35.64 23.63 -17.23
N ASP A 146 -35.48 23.94 -15.94
CA ASP A 146 -36.55 23.71 -14.97
C ASP A 146 -37.70 24.69 -15.15
N PHE A 147 -37.52 25.75 -15.93
CA PHE A 147 -38.57 26.74 -16.11
C PHE A 147 -38.90 26.92 -17.58
N HIS A 160 -48.30 28.63 -16.20
CA HIS A 160 -47.57 29.23 -15.08
C HIS A 160 -46.88 28.16 -14.24
N PHE A 161 -45.76 27.66 -14.74
CA PHE A 161 -45.01 26.62 -14.03
C PHE A 161 -44.11 27.25 -12.98
N HIS A 162 -44.01 26.59 -11.83
CA HIS A 162 -43.16 27.04 -10.73
C HIS A 162 -42.51 25.83 -10.08
N GLN A 163 -41.53 26.09 -9.22
CA GLN A 163 -40.87 25.05 -8.44
C GLN A 163 -41.11 25.33 -6.96
N ASN A 164 -40.82 24.33 -6.13
CA ASN A 164 -41.07 24.42 -4.70
C ASN A 164 -39.80 24.12 -3.91
N LEU A 165 -39.64 24.83 -2.81
CA LEU A 165 -38.67 24.47 -1.78
C LEU A 165 -39.43 23.99 -0.56
N ILE A 166 -39.12 22.78 -0.10
CA ILE A 166 -39.89 22.12 0.95
C ILE A 166 -38.96 21.84 2.12
N VAL A 167 -39.37 22.22 3.33
CA VAL A 167 -38.64 21.93 4.54
C VAL A 167 -39.58 21.20 5.51
N THR A 168 -39.14 20.04 5.98
CA THR A 168 -39.90 19.22 6.92
C THR A 168 -39.13 19.11 8.22
N VAL A 169 -39.83 19.28 9.34
CA VAL A 169 -39.22 19.22 10.67
C VAL A 169 -39.91 18.13 11.47
N GLN A 170 -39.13 17.20 12.01
CA GLN A 170 -39.64 16.11 12.81
C GLN A 170 -38.76 15.91 14.04
N SER A 171 -39.33 15.30 15.07
CA SER A 171 -38.57 14.94 16.26
C SER A 171 -39.15 13.66 16.85
N ARG A 172 -38.29 12.92 17.55
CA ARG A 172 -38.68 11.72 18.27
C ARG A 172 -39.00 12.00 19.74
N LEU A 173 -38.81 13.22 20.20
CA LEU A 173 -39.02 13.55 21.60
C LEU A 173 -40.49 13.86 21.85
N ASN A 174 -41.00 13.37 22.98
CA ASN A 174 -42.36 13.69 23.42
C ASN A 174 -42.37 14.98 24.24
N ALA A 175 -41.79 16.03 23.67
CA ALA A 175 -41.74 17.34 24.31
C ALA A 175 -41.56 18.40 23.24
N ASP A 176 -42.04 19.60 23.55
CA ASP A 176 -41.94 20.71 22.60
C ASP A 176 -40.49 21.14 22.42
N ILE A 177 -40.13 21.48 21.19
CA ILE A 177 -38.81 21.97 20.84
C ILE A 177 -38.93 23.28 20.09
N ASP A 178 -38.17 24.28 20.52
CA ASP A 178 -38.01 25.50 19.75
C ASP A 178 -36.85 25.34 18.78
N TYR A 179 -37.01 25.90 17.59
CA TYR A 179 -35.98 25.74 16.57
C TYR A 179 -35.98 26.95 15.66
N ARG A 180 -34.85 27.13 14.97
CA ARG A 180 -34.66 28.26 14.07
C ARG A 180 -34.18 27.74 12.73
N LEU A 181 -34.74 28.28 11.65
CA LEU A 181 -34.32 27.95 10.30
C LEU A 181 -33.70 29.17 9.64
N HIS A 182 -32.54 28.98 9.02
CA HIS A 182 -31.83 30.04 8.32
C HIS A 182 -31.74 29.68 6.84
N VAL A 183 -32.25 30.55 5.98
CA VAL A 183 -32.19 30.36 4.54
C VAL A 183 -31.26 31.45 3.99
N THR A 184 -30.05 31.07 3.61
CA THR A 184 -29.06 32.01 3.13
C THR A 184 -28.70 31.67 1.69
N HIS A 185 -28.55 32.70 0.86
CA HIS A 185 -28.16 32.53 -0.54
C HIS A 185 -26.71 32.92 -0.70
N LEU A 186 -25.97 32.12 -1.47
CA LEU A 186 -24.57 32.43 -1.70
C LEU A 186 -24.37 33.39 -2.86
N ASP A 187 -23.12 33.82 -3.05
CA ASP A 187 -22.81 35.00 -3.83
C ASP A 187 -22.83 34.41 -5.24
N ARG A 188 -23.77 34.84 -6.08
CA ARG A 188 -23.98 34.21 -7.38
C ARG A 188 -22.96 34.61 -8.46
N ALA A 189 -21.82 35.11 -7.99
CA ALA A 189 -20.76 35.75 -8.77
C ALA A 189 -19.49 35.07 -8.31
N GLN A 190 -19.62 34.28 -7.26
CA GLN A 190 -18.68 33.20 -6.95
C GLN A 190 -19.17 31.85 -7.48
N TYR A 191 -20.46 31.74 -7.76
CA TYR A 191 -20.98 30.62 -8.51
C TYR A 191 -21.05 31.21 -9.91
N ASP A 192 -20.70 30.39 -10.90
CA ASP A 192 -20.62 30.72 -12.33
C ASP A 192 -19.47 31.69 -12.63
N PHE A 193 -18.56 31.87 -11.68
CA PHE A 193 -17.35 32.64 -11.93
C PHE A 193 -16.48 32.00 -13.02
N LEU A 194 -16.45 30.67 -13.08
CA LEU A 194 -15.53 29.94 -13.95
C LEU A 194 -16.04 29.94 -15.39
N LYS A 195 -15.94 31.12 -16.01
CA LYS A 195 -16.25 31.30 -17.42
C LYS A 195 -15.13 32.12 -18.05
N PHE A 196 -14.41 31.51 -18.99
CA PHE A 196 -13.20 32.10 -19.54
C PHE A 196 -13.50 32.73 -20.90
N LYS A 197 -13.02 33.95 -21.09
CA LYS A 197 -13.18 34.66 -22.36
C LYS A 197 -12.18 34.10 -23.38
N THR A 198 -12.17 34.68 -24.56
CA THR A 198 -11.19 34.31 -25.57
C THR A 198 -9.83 34.89 -25.23
N GLY A 199 -8.80 34.04 -25.31
CA GLY A 199 -7.47 34.48 -24.97
C GLY A 199 -7.21 34.62 -23.49
N GLN A 200 -8.16 34.22 -22.66
CA GLN A 200 -8.00 34.26 -21.21
C GLN A 200 -7.75 32.86 -20.68
N THR A 201 -6.66 32.71 -19.94
CA THR A 201 -6.29 31.41 -19.39
C THR A 201 -6.21 31.39 -17.87
N THR A 202 -6.22 32.54 -17.21
CA THR A 202 -6.12 32.61 -15.77
C THR A 202 -7.16 33.59 -15.24
N LYS A 203 -7.77 33.24 -14.11
CA LYS A 203 -8.69 34.11 -13.40
C LYS A 203 -8.31 34.12 -11.94
N THR A 204 -8.55 35.26 -11.28
CA THR A 204 -8.16 35.44 -9.89
C THR A 204 -9.32 36.04 -9.10
N LEU A 205 -9.59 35.46 -7.94
CA LEU A 205 -10.54 35.99 -6.99
C LEU A 205 -9.80 36.25 -5.69
N SER A 206 -9.82 37.50 -5.23
CA SER A 206 -9.01 37.92 -4.10
C SER A 206 -9.88 38.29 -2.92
N ASN A 207 -9.43 37.93 -1.72
CA ASN A 207 -9.99 38.39 -0.45
C ASN A 207 -11.48 38.03 -0.34
N GLN A 208 -11.74 36.73 -0.43
CA GLN A 208 -13.08 36.19 -0.31
C GLN A 208 -13.29 35.69 1.11
N LYS A 209 -14.41 36.07 1.70
CA LYS A 209 -14.71 35.69 3.08
C LYS A 209 -15.26 34.27 3.14
N LEU A 210 -14.83 33.54 4.17
CA LEU A 210 -15.31 32.20 4.43
C LEU A 210 -15.79 32.14 5.87
N THR A 211 -17.03 31.69 6.07
CA THR A 211 -17.63 31.61 7.39
C THR A 211 -18.34 30.28 7.52
N PHE A 212 -18.48 29.82 8.77
CA PHE A 212 -19.25 28.61 9.03
C PHE A 212 -20.69 28.73 8.55
N VAL A 213 -21.21 29.96 8.47
CA VAL A 213 -22.57 30.15 7.98
C VAL A 213 -22.63 30.47 6.49
N LYS A 214 -21.53 30.90 5.89
CA LYS A 214 -21.51 31.21 4.45
C LYS A 214 -20.32 30.53 3.78
N PRO A 215 -20.49 29.32 3.27
CA PRO A 215 -19.43 28.68 2.49
C PRO A 215 -19.35 29.26 1.08
N ILE A 216 -18.42 28.70 0.31
CA ILE A 216 -18.15 29.15 -1.05
C ILE A 216 -18.25 27.96 -2.00
N GLY A 217 -18.94 28.15 -3.12
CA GLY A 217 -19.06 27.11 -4.11
C GLY A 217 -18.87 27.66 -5.52
N PHE A 218 -18.28 26.82 -6.38
CA PHE A 218 -18.07 27.14 -7.78
C PHE A 218 -18.61 26.02 -8.63
N PHE A 219 -19.13 26.37 -9.81
CA PHE A 219 -19.52 25.39 -10.81
C PHE A 219 -18.54 25.45 -11.98
N LEU A 220 -18.03 24.30 -12.38
CA LEU A 220 -17.09 24.18 -13.48
C LEU A 220 -17.68 23.29 -14.55
N ASN A 221 -17.71 23.77 -15.78
CA ASN A 221 -18.17 23.00 -16.93
C ASN A 221 -17.06 23.00 -17.97
N CYS A 222 -16.30 21.91 -18.03
CA CYS A 222 -15.18 21.83 -18.95
C CYS A 222 -15.61 21.65 -20.39
N SER A 223 -16.73 20.95 -20.63
CA SER A 223 -17.20 20.77 -22.00
C SER A 223 -17.60 22.10 -22.64
N GLU A 224 -18.31 22.93 -21.89
CA GLU A 224 -18.76 24.22 -22.43
C GLU A 224 -17.64 25.24 -22.51
N GLN A 225 -16.68 25.20 -21.59
CA GLN A 225 -15.60 26.19 -21.56
C GLN A 225 -14.37 25.75 -22.34
N ASN A 226 -14.42 24.59 -22.98
CA ASN A 226 -13.29 24.09 -23.75
C ASN A 226 -12.04 23.98 -22.89
N ILE A 227 -12.12 23.13 -21.86
CA ILE A 227 -11.02 22.90 -20.93
C ILE A 227 -10.62 21.44 -20.99
N SER A 228 -9.32 21.21 -21.22
CA SER A 228 -8.77 19.87 -21.15
C SER A 228 -7.96 19.62 -19.90
N GLN A 229 -7.43 20.67 -19.28
CA GLN A 229 -6.61 20.56 -18.08
C GLN A 229 -6.83 21.80 -17.24
N PHE A 230 -7.01 21.59 -15.94
CA PHE A 230 -7.37 22.68 -15.04
C PHE A 230 -6.59 22.57 -13.74
N HIS A 231 -6.11 23.71 -13.25
CA HIS A 231 -5.46 23.80 -11.96
C HIS A 231 -6.15 24.85 -11.10
N VAL A 232 -6.26 24.57 -9.80
CA VAL A 232 -6.86 25.48 -8.83
C VAL A 232 -5.93 25.62 -7.65
N THR A 233 -5.67 26.86 -7.24
CA THR A 233 -4.84 27.15 -6.08
C THR A 233 -5.60 28.08 -5.14
N LEU A 234 -5.51 27.83 -3.84
CA LEU A 234 -6.08 28.68 -2.82
C LEU A 234 -4.97 29.20 -1.92
N TYR A 235 -5.00 30.51 -1.63
CA TYR A 235 -4.04 31.14 -0.74
C TYR A 235 -4.77 31.79 0.42
N SER A 236 -4.27 31.57 1.63
CA SER A 236 -4.79 32.21 2.83
C SER A 236 -3.63 32.62 3.73
N GLU A 237 -3.85 33.69 4.50
CA GLU A 237 -2.84 34.20 5.42
C GLU A 237 -3.00 33.69 6.84
N ASP A 238 -4.21 33.29 7.25
CA ASP A 238 -4.47 32.84 8.59
C ASP A 238 -4.38 31.31 8.66
N ASP A 239 -4.38 30.80 9.88
CA ASP A 239 -4.23 29.36 10.14
C ASP A 239 -5.55 28.72 10.54
N ILE A 240 -6.66 29.23 10.03
CA ILE A 240 -7.97 28.64 10.29
C ILE A 240 -8.15 27.42 9.41
N CYS A 241 -8.46 26.28 10.02
CA CYS A 241 -8.67 25.05 9.27
C CYS A 241 -9.90 25.18 8.36
N ALA A 242 -9.74 24.76 7.11
CA ALA A 242 -10.83 24.74 6.14
C ALA A 242 -10.76 23.44 5.36
N ASN A 243 -11.75 23.22 4.49
CA ASN A 243 -11.81 22.02 3.67
C ASN A 243 -12.12 22.41 2.23
N LEU A 244 -11.41 21.79 1.30
CA LEU A 244 -11.66 21.95 -0.13
C LEU A 244 -12.27 20.65 -0.65
N ILE A 245 -13.49 20.74 -1.18
CA ILE A 245 -14.25 19.58 -1.60
C ILE A 245 -14.55 19.68 -3.09
N THR A 246 -14.33 18.59 -3.81
CA THR A 246 -14.63 18.51 -5.23
C THR A 246 -15.37 17.21 -5.52
N VAL A 247 -16.42 17.31 -6.34
CA VAL A 247 -17.17 16.14 -6.81
C VAL A 247 -17.50 16.34 -8.28
N PRO A 248 -17.72 15.26 -9.04
CA PRO A 248 -18.36 15.42 -10.36
C PRO A 248 -19.76 15.99 -10.20
N ALA A 249 -20.19 16.75 -11.21
CA ALA A 249 -21.39 17.57 -11.09
C ALA A 249 -22.66 16.73 -10.92
N ASN A 250 -22.58 15.43 -11.17
CA ASN A 250 -23.73 14.56 -10.94
C ASN A 250 -23.54 13.69 -9.72
N GLU A 251 -22.66 14.09 -8.78
CA GLU A 251 -22.43 13.37 -7.55
C GLU A 251 -22.74 14.27 -6.38
N SER A 252 -23.07 13.66 -5.25
CA SER A 252 -23.43 14.38 -4.03
C SER A 252 -22.28 14.34 -3.03
N ILE A 253 -22.06 15.47 -2.37
CA ILE A 253 -21.05 15.57 -1.32
C ILE A 253 -21.54 15.00 0.00
N TYR A 254 -22.80 14.63 0.07
CA TYR A 254 -23.44 14.17 1.25
C TYR A 254 -23.85 12.75 1.24
N ASP A 255 -24.24 12.22 0.12
CA ASP A 255 -24.77 10.84 0.03
C ASP A 255 -24.02 9.92 -0.70
N ARG A 256 -24.30 8.68 -0.56
CA ARG A 256 -23.65 7.64 -1.36
C ARG A 256 -24.64 7.42 -2.62
N SER A 257 -24.20 7.22 -3.85
CA SER A 257 -25.19 6.98 -4.97
C SER A 257 -26.20 5.78 -4.81
N VAL A 258 -25.68 4.61 -4.48
CA VAL A 258 -26.23 3.31 -4.13
C VAL A 258 -25.48 2.87 -2.87
N ILE A 259 -25.87 1.72 -2.31
CA ILE A 259 -25.17 1.28 -1.18
C ILE A 259 -23.85 0.44 -1.24
N SER A 260 -23.63 -0.17 -2.40
CA SER A 260 -22.33 -0.58 -2.83
C SER A 260 -21.73 0.36 -3.86
N ASP A 261 -20.75 1.16 -3.43
CA ASP A 261 -20.18 2.29 -4.15
C ASP A 261 -18.73 1.83 -4.27
N LYS A 262 -17.97 2.03 -3.18
CA LYS A 262 -16.52 1.89 -3.11
C LYS A 262 -15.88 2.69 -4.24
N THR A 263 -16.56 3.74 -4.70
CA THR A 263 -16.00 4.64 -5.70
C THR A 263 -15.46 5.88 -5.02
N HIS A 264 -14.19 6.20 -5.27
CA HIS A 264 -13.55 7.38 -4.72
C HIS A 264 -13.38 8.48 -5.76
N ASN A 265 -14.42 9.30 -5.93
CA ASN A 265 -14.38 10.42 -6.86
C ASN A 265 -14.50 11.76 -6.15
N ARG A 266 -14.54 11.78 -4.82
CA ARG A 266 -14.70 13.00 -4.06
C ARG A 266 -13.38 13.36 -3.39
N ARG A 267 -12.95 14.61 -3.57
CA ARG A 267 -11.74 15.13 -2.97
C ARG A 267 -12.09 15.90 -1.71
N VAL A 268 -11.43 15.58 -0.60
CA VAL A 268 -11.53 16.34 0.63
C VAL A 268 -10.11 16.71 1.05
N LEU A 269 -9.79 18.00 1.01
CA LEU A 269 -8.45 18.49 1.31
C LEU A 269 -8.53 19.49 2.46
N SER A 270 -8.05 19.08 3.62
CA SER A 270 -7.84 20.02 4.72
C SER A 270 -6.66 20.94 4.41
N PHE A 271 -6.83 22.23 4.69
CA PHE A 271 -5.77 23.19 4.44
C PHE A 271 -5.87 24.36 5.41
N THR A 272 -4.75 25.05 5.58
CA THR A 272 -4.72 26.31 6.32
C THR A 272 -4.27 27.46 5.44
N LYS A 273 -3.10 27.31 4.80
CA LYS A 273 -2.50 28.38 4.02
C LYS A 273 -2.51 28.14 2.52
N ARG A 274 -2.54 26.89 2.07
CA ARG A 274 -2.47 26.62 0.64
C ARG A 274 -3.13 25.28 0.34
N ALA A 275 -3.85 25.23 -0.78
CA ALA A 275 -4.40 23.99 -1.30
C ALA A 275 -4.31 24.01 -2.82
N ASP A 276 -4.06 22.83 -3.40
CA ASP A 276 -3.92 22.68 -4.84
C ASP A 276 -4.70 21.47 -5.31
N ILE A 277 -5.43 21.63 -6.41
CA ILE A 277 -6.06 20.50 -7.08
C ILE A 277 -5.80 20.64 -8.58
N PHE A 278 -5.50 19.51 -9.20
CA PHE A 278 -5.16 19.45 -10.62
C PHE A 278 -6.14 18.51 -11.30
N PHE A 279 -6.90 19.04 -12.25
CA PHE A 279 -7.80 18.23 -13.07
C PHE A 279 -7.05 17.82 -14.34
N THR A 280 -6.68 16.54 -14.41
CA THR A 280 -5.94 16.04 -15.54
C THR A 280 -6.85 15.84 -16.74
N GLU A 281 -6.25 15.51 -17.88
CA GLU A 281 -7.02 15.25 -19.09
C GLU A 281 -7.94 14.04 -18.91
N THR A 282 -7.43 12.98 -18.28
CA THR A 282 -8.22 11.76 -18.12
C THR A 282 -9.46 12.01 -17.25
N GLU A 283 -9.29 12.69 -16.12
CA GLU A 283 -10.41 12.95 -15.22
C GLU A 283 -11.47 13.80 -15.88
N ILE A 284 -11.04 14.87 -16.58
CA ILE A 284 -11.98 15.73 -17.28
C ILE A 284 -12.70 14.95 -18.37
N SER A 285 -11.98 14.05 -19.05
CA SER A 285 -12.62 13.23 -20.08
C SER A 285 -13.66 12.30 -19.46
N MET A 286 -13.42 11.78 -18.26
CA MET A 286 -14.43 10.94 -17.62
C MET A 286 -15.66 11.75 -17.21
N PHE A 287 -15.47 12.90 -16.56
CA PHE A 287 -16.61 13.52 -15.87
C PHE A 287 -17.13 14.80 -16.51
N LYS A 288 -16.25 15.67 -17.01
CA LYS A 288 -16.59 16.84 -17.82
C LYS A 288 -17.24 17.99 -17.04
N SER A 289 -17.59 17.79 -15.77
CA SER A 289 -18.21 18.85 -14.99
C SER A 289 -18.03 18.55 -13.50
N PHE A 290 -17.73 19.60 -12.74
CA PHE A 290 -17.37 19.45 -11.34
C PHE A 290 -17.93 20.60 -10.53
N ARG A 291 -18.17 20.35 -9.25
CA ARG A 291 -18.51 21.38 -8.28
C ARG A 291 -17.43 21.45 -7.23
N ILE A 292 -17.03 22.67 -6.86
CA ILE A 292 -15.96 22.90 -5.92
C ILE A 292 -16.50 23.70 -4.74
N PHE A 293 -16.25 23.21 -3.53
CA PHE A 293 -16.75 23.84 -2.32
C PHE A 293 -15.60 24.08 -1.35
N VAL A 294 -15.73 25.16 -0.57
CA VAL A 294 -14.85 25.44 0.56
C VAL A 294 -15.72 25.60 1.79
N PHE A 295 -15.32 24.94 2.88
CA PHE A 295 -16.03 25.04 4.14
C PHE A 295 -15.05 25.34 5.26
N ILE A 296 -15.53 26.06 6.28
CA ILE A 296 -14.83 26.12 7.55
C ILE A 296 -14.98 24.78 8.24
N ALA A 297 -13.86 24.20 8.68
CA ALA A 297 -13.87 22.90 9.34
C ALA A 297 -14.20 23.09 10.81
N PRO A 298 -15.32 22.55 11.31
CA PRO A 298 -15.65 22.75 12.73
C PRO A 298 -14.61 22.20 13.70
N ASP A 299 -13.94 21.12 13.34
CA ASP A 299 -12.91 20.53 14.17
C ASP A 299 -11.57 20.59 13.44
N ASP A 300 -10.53 21.03 14.15
CA ASP A 300 -9.20 21.07 13.58
C ASP A 300 -8.60 19.68 13.50
N SER A 301 -9.20 18.80 12.69
CA SER A 301 -8.78 17.41 12.67
C SER A 301 -7.55 17.20 11.79
N GLY A 302 -7.59 17.66 10.54
CA GLY A 302 -6.48 17.50 9.63
C GLY A 302 -5.57 18.70 9.63
N CYS A 303 -5.69 19.56 10.64
CA CYS A 303 -4.87 20.76 10.75
C CYS A 303 -4.07 20.84 12.05
N SER A 304 -4.60 20.39 13.17
CA SER A 304 -3.90 20.49 14.45
C SER A 304 -4.57 19.64 15.52
N SER A 311 -14.73 26.18 19.59
CA SER A 311 -14.80 27.64 19.56
C SER A 311 -14.66 28.16 18.14
N PHE A 312 -15.72 28.76 17.61
CA PHE A 312 -15.69 29.28 16.25
C PHE A 312 -16.01 30.77 16.24
N ASN A 313 -16.67 31.17 15.16
CA ASN A 313 -16.95 32.54 14.72
C ASN A 313 -15.84 33.23 13.95
N GLU A 314 -15.00 32.43 13.31
CA GLU A 314 -13.78 32.96 12.66
C GLU A 314 -14.29 33.40 11.30
N LYS A 315 -13.55 34.32 10.70
CA LYS A 315 -13.74 34.78 9.33
C LYS A 315 -12.41 34.42 8.76
N LYS A 316 -12.40 33.77 7.60
CA LYS A 316 -11.18 33.31 6.97
C LYS A 316 -11.19 33.87 5.56
N LYS A 317 -10.08 34.50 5.17
CA LYS A 317 -9.92 35.12 3.87
C LYS A 317 -9.15 34.19 2.94
N ILE A 318 -9.66 34.01 1.73
CA ILE A 318 -9.07 33.08 0.76
C ILE A 318 -9.00 33.76 -0.59
N SER A 319 -7.85 33.62 -1.25
CA SER A 319 -7.67 34.08 -2.62
C SER A 319 -7.55 32.87 -3.53
N PHE A 320 -8.26 32.90 -4.65
CA PHE A 320 -8.29 31.78 -5.58
C PHE A 320 -7.52 32.13 -6.84
N GLU A 321 -7.04 31.08 -7.53
CA GLU A 321 -6.32 31.23 -8.79
C GLU A 321 -6.68 30.04 -9.67
N PHE A 322 -7.35 30.31 -10.78
CA PHE A 322 -7.82 29.27 -11.68
C PHE A 322 -7.05 29.37 -12.99
N LYS A 323 -6.49 28.25 -13.45
CA LYS A 323 -5.66 28.24 -14.65
C LYS A 323 -6.09 27.12 -15.58
N LYS A 324 -6.32 27.46 -16.85
CA LYS A 324 -6.40 26.46 -17.90
C LYS A 324 -4.99 26.09 -18.34
N LEU A 325 -4.74 24.81 -18.53
CA LEU A 325 -3.41 24.33 -18.88
C LEU A 325 -3.46 23.54 -20.18
N GLU A 326 -2.36 23.58 -20.92
CA GLU A 326 -2.17 22.79 -22.11
C GLU A 326 -0.91 21.94 -21.94
N ASN A 327 -0.81 20.90 -22.75
CA ASN A 327 0.38 20.05 -22.71
C ASN A 327 1.61 20.87 -23.09
N GLN A 328 2.67 20.73 -22.30
CA GLN A 328 3.86 21.53 -22.48
C GLN A 328 5.08 20.62 -22.62
N SER A 329 5.91 20.92 -23.58
CA SER A 329 7.22 20.31 -23.71
C SER A 329 8.28 21.31 -23.26
N TYR A 330 8.84 21.08 -22.08
CA TYR A 330 9.78 22.02 -21.49
C TYR A 330 11.14 21.88 -22.18
N ALA A 331 11.15 22.23 -23.47
CA ALA A 331 12.32 22.01 -24.30
C ALA A 331 13.50 22.87 -23.87
N VAL A 332 13.27 24.15 -23.60
CA VAL A 332 14.34 25.06 -23.24
C VAL A 332 14.98 24.66 -21.91
N PRO A 333 14.21 24.45 -20.83
CA PRO A 333 14.86 24.03 -19.57
C PRO A 333 15.55 22.68 -19.68
N THR A 334 14.96 21.71 -20.38
CA THR A 334 15.57 20.40 -20.51
C THR A 334 16.86 20.47 -21.31
N ALA A 335 16.87 21.24 -22.40
CA ALA A 335 18.07 21.40 -23.19
C ALA A 335 19.17 22.10 -22.39
N LEU A 336 18.82 23.16 -21.65
CA LEU A 336 19.81 23.82 -20.81
C LEU A 336 20.36 22.90 -19.74
N MET A 337 19.50 22.09 -19.09
CA MET A 337 19.98 21.13 -18.11
C MET A 337 20.92 20.10 -18.72
N MET A 338 20.58 19.56 -19.89
CA MET A 338 21.45 18.60 -20.55
C MET A 338 22.78 19.20 -20.95
N ILE A 339 22.77 20.45 -21.44
CA ILE A 339 24.02 21.12 -21.81
C ILE A 339 24.87 21.35 -20.57
N PHE A 340 24.26 21.77 -19.47
CA PHE A 340 25.00 21.97 -18.23
C PHE A 340 25.56 20.68 -17.68
N LEU A 341 24.82 19.57 -17.80
CA LEU A 341 25.28 18.29 -17.29
C LEU A 341 26.36 17.66 -18.16
N THR A 342 26.34 17.94 -19.46
CA THR A 342 27.27 17.33 -20.40
C THR A 342 28.69 17.86 -20.31
N THR A 343 28.87 19.18 -20.20
CA THR A 343 30.22 19.74 -20.33
C THR A 343 31.15 19.33 -19.20
N PRO A 344 30.67 19.01 -17.99
CA PRO A 344 31.55 18.37 -17.00
C PRO A 344 32.20 17.09 -17.51
N CYS A 345 31.53 16.31 -18.35
CA CYS A 345 32.05 15.03 -18.82
C CYS A 345 33.31 15.18 -19.65
N LEU A 346 33.64 16.40 -20.09
CA LEU A 346 34.85 16.62 -20.86
C LEU A 346 36.12 16.33 -20.06
N LEU A 347 36.03 16.22 -18.73
CA LEU A 347 37.19 15.83 -17.93
C LEU A 347 37.54 14.37 -18.15
N PHE A 348 36.58 13.55 -18.57
CA PHE A 348 36.86 12.14 -18.87
C PHE A 348 37.61 11.98 -20.19
N LEU A 349 37.38 12.89 -21.13
CA LEU A 349 37.93 12.73 -22.49
C LEU A 349 39.46 12.69 -22.52
N PRO A 350 40.18 13.67 -21.96
CA PRO A 350 41.61 13.74 -22.26
C PRO A 350 42.41 12.58 -21.71
N ILE A 351 41.91 11.87 -20.71
CA ILE A 351 42.70 10.90 -19.96
C ILE A 351 42.13 9.50 -20.07
N VAL A 352 40.92 9.29 -19.57
CA VAL A 352 40.39 7.92 -19.50
C VAL A 352 40.09 7.38 -20.89
N ILE A 353 39.43 8.19 -21.72
CA ILE A 353 39.06 7.72 -23.05
C ILE A 353 40.27 7.62 -23.96
N ASN A 354 41.24 8.52 -23.80
CA ASN A 354 42.44 8.47 -24.66
C ASN A 354 43.28 7.23 -24.37
N ILE A 355 43.31 6.76 -23.13
CA ILE A 355 44.04 5.52 -22.83
C ILE A 355 43.36 4.34 -23.51
N ILE A 356 42.01 4.34 -23.54
CA ILE A 356 41.28 3.30 -24.26
C ILE A 356 41.59 3.37 -25.75
N LYS A 357 41.65 4.58 -26.31
CA LYS A 357 42.00 4.72 -27.73
C LYS A 357 43.42 4.21 -27.99
N ASN A 358 44.36 4.52 -27.09
CA ASN A 358 45.74 4.07 -27.27
C ASN A 358 45.86 2.56 -27.18
N SER A 359 45.15 1.94 -26.24
CA SER A 359 45.23 0.50 -26.02
C SER A 359 44.73 -0.26 -27.25
N SER A 441 38.51 -15.06 -15.30
CA SER A 441 37.34 -15.34 -16.12
C SER A 441 36.26 -14.28 -15.92
N LEU A 442 35.62 -13.88 -17.00
CA LEU A 442 34.53 -12.91 -16.89
C LEU A 442 33.27 -13.57 -16.34
N HIS A 443 33.06 -14.85 -16.63
CA HIS A 443 31.96 -15.58 -16.01
C HIS A 443 32.27 -15.95 -14.57
N GLY A 444 33.55 -15.94 -14.18
CA GLY A 444 33.90 -16.15 -12.79
C GLY A 444 33.64 -14.94 -11.92
N GLN A 445 33.47 -13.77 -12.53
CA GLN A 445 33.09 -12.58 -11.81
C GLN A 445 31.67 -12.14 -12.09
N MET A 446 31.05 -12.67 -13.15
CA MET A 446 29.69 -12.31 -13.50
C MET A 446 28.66 -13.04 -12.66
N LEU A 447 28.97 -14.24 -12.17
CA LEU A 447 28.06 -14.99 -11.33
C LEU A 447 28.32 -14.84 -9.84
N GLN A 448 29.48 -14.32 -9.45
CA GLN A 448 29.75 -13.99 -8.06
C GLN A 448 29.64 -12.50 -7.77
N TYR A 449 29.38 -11.68 -8.79
CA TYR A 449 29.09 -10.28 -8.53
C TYR A 449 27.78 -10.17 -7.76
N PRO A 450 27.73 -9.34 -6.73
CA PRO A 450 26.48 -9.22 -5.97
C PRO A 450 25.44 -8.43 -6.73
N VAL A 451 24.46 -9.13 -7.32
CA VAL A 451 23.40 -8.47 -8.06
C VAL A 451 22.16 -8.23 -7.23
N ALA A 452 22.05 -8.84 -6.06
CA ALA A 452 20.92 -8.63 -5.17
C ALA A 452 20.91 -7.22 -4.57
N ILE A 453 21.99 -6.45 -4.76
CA ILE A 453 22.01 -5.07 -4.28
C ILE A 453 21.01 -4.20 -5.02
N ILE A 454 20.55 -4.61 -6.20
CA ILE A 454 19.58 -3.80 -6.93
C ILE A 454 18.14 -4.07 -6.50
N LEU A 455 17.91 -5.12 -5.72
CA LEU A 455 16.57 -5.57 -5.36
C LEU A 455 15.77 -4.57 -4.51
N PRO A 456 16.35 -3.94 -3.47
CA PRO A 456 15.54 -2.99 -2.70
C PRO A 456 14.93 -1.87 -3.53
N VAL A 457 15.72 -1.20 -4.36
CA VAL A 457 15.22 -0.13 -5.21
C VAL A 457 14.19 -0.63 -6.22
N LEU A 458 14.47 -1.76 -6.88
CA LEU A 458 13.55 -2.23 -7.90
C LEU A 458 12.22 -2.67 -7.31
N MET A 459 12.24 -3.35 -6.16
CA MET A 459 11.00 -3.70 -5.49
C MET A 459 10.25 -2.48 -4.98
N HIS A 460 10.94 -1.48 -4.43
CA HIS A 460 10.28 -0.26 -4.02
C HIS A 460 9.62 0.44 -5.21
N THR A 461 10.30 0.45 -6.36
CA THR A 461 9.74 1.05 -7.56
C THR A 461 8.48 0.31 -8.01
N ALA A 462 8.52 -1.03 -7.99
CA ALA A 462 7.33 -1.80 -8.35
C ALA A 462 6.17 -1.52 -7.41
N ILE A 463 6.44 -1.45 -6.10
CA ILE A 463 5.39 -1.17 -5.12
C ILE A 463 4.79 0.22 -5.34
N GLU A 464 5.64 1.22 -5.57
CA GLU A 464 5.13 2.58 -5.78
C GLU A 464 4.34 2.70 -7.07
N PHE A 465 4.79 2.04 -8.15
CA PHE A 465 4.02 2.06 -9.38
C PHE A 465 2.67 1.37 -9.20
N HIS A 466 2.63 0.25 -8.49
CA HIS A 466 1.36 -0.39 -8.20
C HIS A 466 0.44 0.52 -7.40
N LYS A 467 0.98 1.20 -6.40
CA LYS A 467 0.16 2.10 -5.60
C LYS A 467 -0.35 3.29 -6.40
N TRP A 468 0.46 3.81 -7.32
CA TRP A 468 0.06 4.95 -8.12
C TRP A 468 -0.98 4.58 -9.18
N THR A 469 -0.85 3.41 -9.80
CA THR A 469 -1.75 3.07 -10.90
C THR A 469 -3.15 2.65 -10.44
N THR A 470 -3.28 2.04 -9.27
CA THR A 470 -4.58 1.61 -8.80
C THR A 470 -5.36 2.70 -8.08
N SER A 471 -4.75 3.86 -7.85
CA SER A 471 -5.43 4.95 -7.16
C SER A 471 -6.32 5.72 -8.12
N THR A 472 -7.41 6.26 -7.59
CA THR A 472 -8.33 7.06 -8.38
C THR A 472 -7.77 8.48 -8.57
N MET A 473 -8.39 9.22 -9.49
CA MET A 473 -7.96 10.59 -9.73
C MET A 473 -8.13 11.45 -8.48
N ALA A 474 -9.25 11.28 -7.78
CA ALA A 474 -9.50 12.07 -6.58
C ALA A 474 -8.51 11.79 -5.47
N ASN A 475 -8.11 10.52 -5.30
CA ASN A 475 -7.21 10.16 -4.20
C ASN A 475 -5.79 10.64 -4.46
N ARG A 476 -5.40 10.80 -5.73
CA ARG A 476 -4.05 11.26 -6.03
C ARG A 476 -3.77 12.66 -5.51
N ASP A 477 -4.77 13.54 -5.49
CA ASP A 477 -4.59 14.87 -4.92
C ASP A 477 -4.65 14.86 -3.40
N GLU A 478 -5.17 13.79 -2.79
CA GLU A 478 -5.26 13.73 -1.34
C GLU A 478 -4.02 13.11 -0.72
N MET A 479 -3.46 12.10 -1.36
CA MET A 479 -2.41 11.29 -0.74
C MET A 479 -0.99 11.75 -1.09
N CYS A 480 -0.82 12.55 -2.14
CA CYS A 480 0.50 12.96 -2.59
C CYS A 480 0.78 14.39 -2.16
N PHE A 481 2.01 14.65 -1.77
CA PHE A 481 2.42 15.97 -1.27
C PHE A 481 3.60 16.48 -2.08
N HIS A 482 3.35 17.48 -2.90
CA HIS A 482 4.39 18.14 -3.68
C HIS A 482 4.58 19.57 -3.16
N ASN A 483 5.66 20.20 -3.61
CA ASN A 483 5.83 21.64 -3.49
C ASN A 483 5.21 22.23 -4.75
N HIS A 484 3.92 22.54 -4.67
CA HIS A 484 3.15 22.94 -5.83
C HIS A 484 3.51 24.32 -6.36
N ALA A 485 4.23 25.12 -5.59
CA ALA A 485 4.75 26.38 -6.13
C ALA A 485 5.86 26.16 -7.13
N CYS A 486 6.49 24.99 -7.12
CA CYS A 486 7.55 24.62 -8.05
C CYS A 486 7.31 23.23 -8.61
N ALA A 487 6.10 22.96 -9.08
CA ALA A 487 5.75 21.66 -9.65
C ALA A 487 5.22 21.88 -11.06
N ARG A 488 5.93 21.34 -12.04
CA ARG A 488 5.53 21.50 -13.43
C ARG A 488 4.97 20.20 -13.96
N PRO A 489 3.71 20.15 -14.39
CA PRO A 489 3.09 18.88 -14.76
C PRO A 489 3.45 18.40 -16.17
N LEU A 490 3.32 17.09 -16.34
CA LEU A 490 3.46 16.43 -17.64
C LEU A 490 2.55 15.20 -17.62
N GLY A 491 1.45 15.26 -18.38
CA GLY A 491 0.46 14.21 -18.32
C GLY A 491 -0.19 14.14 -16.95
N GLU A 492 -0.20 12.95 -16.35
CA GLU A 492 -0.71 12.80 -14.98
C GLU A 492 0.34 13.10 -13.92
N LEU A 493 1.61 13.25 -14.32
CA LEU A 493 2.67 13.52 -13.35
C LEU A 493 2.63 14.98 -12.91
N ARG A 494 2.51 15.20 -11.61
CA ARG A 494 2.34 16.55 -11.08
C ARG A 494 3.63 17.36 -11.09
N ALA A 495 4.78 16.74 -10.84
CA ALA A 495 6.05 17.46 -10.79
C ALA A 495 7.03 16.77 -11.74
N TRP A 496 6.97 17.16 -13.02
CA TRP A 496 7.86 16.57 -14.01
C TRP A 496 9.29 17.08 -13.87
N ASN A 497 9.47 18.28 -13.33
CA ASN A 497 10.82 18.79 -13.12
C ASN A 497 11.58 17.94 -12.11
N ASN A 498 10.94 17.58 -11.00
CA ASN A 498 11.57 16.79 -9.96
C ASN A 498 11.91 15.38 -10.42
N ILE A 499 11.28 14.90 -11.48
CA ILE A 499 11.59 13.60 -12.03
C ILE A 499 12.70 13.68 -13.06
N ILE A 500 12.58 14.59 -14.03
CA ILE A 500 13.56 14.67 -15.10
C ILE A 500 14.90 15.26 -14.65
N THR A 501 14.94 15.94 -13.50
CA THR A 501 16.22 16.46 -13.04
C THR A 501 17.13 15.38 -12.45
N ASN A 502 16.65 14.13 -12.35
CA ASN A 502 17.48 13.02 -11.91
C ASN A 502 18.27 12.37 -13.05
N ILE A 503 18.16 12.89 -14.27
CA ILE A 503 18.86 12.30 -15.40
C ILE A 503 20.37 12.39 -15.30
N GLY A 504 20.89 13.33 -14.51
CA GLY A 504 22.33 13.41 -14.33
C GLY A 504 22.93 12.17 -13.68
N TYR A 505 22.25 11.62 -12.69
CA TYR A 505 22.69 10.37 -12.08
C TYR A 505 22.72 9.25 -13.10
N THR A 506 21.68 9.14 -13.94
CA THR A 506 21.65 8.11 -14.97
C THR A 506 22.80 8.28 -15.96
N LEU A 507 23.04 9.51 -16.40
CA LEU A 507 24.09 9.75 -17.38
C LEU A 507 25.46 9.43 -16.80
N TYR A 508 25.71 9.81 -15.55
CA TYR A 508 27.03 9.62 -14.98
C TYR A 508 27.27 8.17 -14.56
N GLY A 509 26.23 7.45 -14.12
CA GLY A 509 26.43 6.06 -13.75
C GLY A 509 26.79 5.18 -14.92
N ALA A 510 26.10 5.35 -16.05
CA ALA A 510 26.43 4.60 -17.25
C ALA A 510 27.84 4.91 -17.73
N ILE A 511 28.24 6.18 -17.66
CA ILE A 511 29.59 6.56 -18.03
C ILE A 511 30.61 5.89 -17.12
N PHE A 512 30.34 5.87 -15.81
CA PHE A 512 31.22 5.21 -14.86
C PHE A 512 31.39 3.74 -15.24
N ILE A 513 30.28 3.06 -15.51
CA ILE A 513 30.33 1.62 -15.80
C ILE A 513 31.13 1.37 -17.08
N VAL A 514 30.81 2.10 -18.15
CA VAL A 514 31.45 1.88 -19.43
C VAL A 514 32.94 2.19 -19.35
N LEU A 515 33.30 3.32 -18.74
CA LEU A 515 34.71 3.68 -18.63
C LEU A 515 35.48 2.70 -17.77
N SER A 516 34.88 2.23 -16.66
CA SER A 516 35.58 1.28 -15.82
C SER A 516 35.82 -0.03 -16.56
N ILE A 517 34.81 -0.52 -17.29
CA ILE A 517 34.98 -1.77 -18.02
C ILE A 517 36.02 -1.62 -19.11
N CYS A 518 35.98 -0.51 -19.86
CA CYS A 518 36.89 -0.36 -20.99
C CYS A 518 38.32 -0.08 -20.53
N ARG A 519 38.48 0.72 -19.47
CA ARG A 519 39.80 1.06 -18.97
C ARG A 519 40.55 -0.13 -18.37
N ARG A 520 39.84 -1.24 -18.10
CA ARG A 520 40.46 -2.42 -17.52
C ARG A 520 41.63 -2.89 -18.36
N GLY A 521 42.73 -3.23 -17.68
CA GLY A 521 43.93 -3.71 -18.34
C GLY A 521 44.94 -2.63 -18.64
N SER A 526 51.63 -4.01 -14.72
CA SER A 526 50.24 -4.41 -14.68
C SER A 526 49.88 -5.00 -13.31
N HIS A 527 50.73 -5.90 -12.84
CA HIS A 527 50.53 -6.47 -11.50
C HIS A 527 51.70 -6.16 -10.57
N VAL A 528 52.68 -5.36 -11.00
CA VAL A 528 53.84 -5.04 -10.20
C VAL A 528 53.90 -3.55 -9.88
N PHE A 529 53.55 -2.69 -10.84
CA PHE A 529 53.61 -1.25 -10.68
C PHE A 529 52.23 -0.69 -10.41
N GLY A 530 52.18 0.41 -9.68
CA GLY A 530 50.95 1.17 -9.48
C GLY A 530 50.11 0.60 -8.35
N THR A 531 49.05 1.34 -8.04
CA THR A 531 48.07 0.89 -7.06
C THR A 531 47.19 -0.19 -7.67
N TYR A 532 46.49 -0.91 -6.80
CA TYR A 532 45.59 -1.96 -7.26
C TYR A 532 44.41 -1.37 -8.01
N GLU A 533 44.04 -2.02 -9.11
CA GLU A 533 42.94 -1.54 -9.92
C GLU A 533 41.61 -1.86 -9.25
N CYS A 534 40.57 -1.12 -9.65
CA CYS A 534 39.30 -1.13 -8.94
C CYS A 534 38.10 -1.23 -9.88
N THR A 535 38.18 -2.09 -10.89
CA THR A 535 37.15 -2.14 -11.94
C THR A 535 35.76 -2.44 -11.39
N LEU A 536 35.63 -3.53 -10.63
CA LEU A 536 34.32 -3.99 -10.21
C LEU A 536 33.65 -3.04 -9.23
N LEU A 537 34.40 -2.44 -8.31
CA LEU A 537 33.77 -1.56 -7.34
C LEU A 537 33.40 -0.22 -7.98
N ASP A 538 34.18 0.24 -8.96
CA ASP A 538 33.75 1.40 -9.75
C ASP A 538 32.50 1.11 -10.56
N VAL A 539 32.39 -0.12 -11.10
CA VAL A 539 31.15 -0.53 -11.75
C VAL A 539 30.00 -0.49 -10.75
N THR A 540 30.23 -0.91 -9.52
CA THR A 540 29.21 -0.85 -8.48
C THR A 540 28.80 0.59 -8.16
N ILE A 541 29.77 1.50 -8.14
CA ILE A 541 29.45 2.91 -7.90
C ILE A 541 28.58 3.47 -9.03
N GLY A 542 28.91 3.14 -10.28
CA GLY A 542 28.04 3.54 -11.38
C GLY A 542 26.65 2.94 -11.29
N VAL A 543 26.58 1.65 -10.90
CA VAL A 543 25.28 0.99 -10.76
C VAL A 543 24.44 1.68 -9.71
N PHE A 544 25.06 2.10 -8.61
CA PHE A 544 24.30 2.76 -7.57
C PHE A 544 23.94 4.20 -7.95
N MET A 545 24.72 4.83 -8.83
CA MET A 545 24.30 6.10 -9.40
C MET A 545 23.00 5.93 -10.19
N VAL A 546 22.95 4.90 -11.04
CA VAL A 546 21.72 4.62 -11.79
C VAL A 546 20.57 4.29 -10.84
N LEU A 547 20.83 3.51 -9.79
CA LEU A 547 19.79 3.18 -8.84
C LEU A 547 19.29 4.42 -8.11
N GLN A 548 20.17 5.38 -7.81
CA GLN A 548 19.74 6.63 -7.21
C GLN A 548 18.82 7.40 -8.14
N SER A 549 19.15 7.43 -9.43
CA SER A 549 18.24 8.10 -10.37
C SER A 549 16.87 7.45 -10.37
N ILE A 550 16.82 6.11 -10.42
CA ILE A 550 15.54 5.41 -10.45
C ILE A 550 14.76 5.67 -9.16
N ALA A 551 15.42 5.53 -8.01
CA ALA A 551 14.73 5.67 -6.73
C ALA A 551 14.21 7.09 -6.52
N SER A 552 15.00 8.11 -6.88
CA SER A 552 14.54 9.47 -6.69
C SER A 552 13.42 9.81 -7.66
N ALA A 553 13.51 9.35 -8.91
CA ALA A 553 12.41 9.58 -9.84
C ALA A 553 11.12 8.91 -9.37
N THR A 554 11.23 7.69 -8.85
CA THR A 554 10.06 7.00 -8.30
C THR A 554 9.49 7.73 -7.09
N TYR A 555 10.35 8.29 -6.25
CA TYR A 555 9.88 8.99 -5.05
C TYR A 555 9.04 10.21 -5.41
N HIS A 556 9.41 10.93 -6.46
CA HIS A 556 8.74 12.18 -6.79
C HIS A 556 7.46 11.99 -7.58
N ILE A 557 7.07 10.76 -7.90
CA ILE A 557 5.75 10.54 -8.48
C ILE A 557 4.66 10.83 -7.46
N CYS A 558 4.78 10.29 -6.26
CA CYS A 558 3.84 10.57 -5.17
C CYS A 558 4.59 10.56 -3.84
N PRO A 559 5.05 11.72 -3.39
CA PRO A 559 5.71 11.82 -2.08
C PRO A 559 4.69 11.70 -0.95
N SER A 560 4.80 10.61 -0.19
CA SER A 560 3.91 10.35 0.95
C SER A 560 4.72 9.77 2.10
N ASP A 561 4.03 9.45 3.18
CA ASP A 561 4.64 8.81 4.35
C ASP A 561 4.47 7.30 4.20
N VAL A 562 5.53 6.63 3.77
CA VAL A 562 5.53 5.19 3.58
C VAL A 562 6.59 4.56 4.48
N ALA A 563 6.70 3.24 4.43
CA ALA A 563 7.69 2.54 5.25
C ALA A 563 9.11 2.92 4.88
N PHE A 564 9.40 2.99 3.58
CA PHE A 564 10.74 3.31 3.09
C PHE A 564 10.69 4.58 2.24
N GLN A 565 11.41 5.61 2.68
CA GLN A 565 11.38 6.90 2.00
C GLN A 565 12.10 6.83 0.66
N PHE A 566 13.39 6.51 0.68
CA PHE A 566 14.17 6.14 -0.50
C PHE A 566 14.41 7.28 -1.47
N ASP A 567 14.59 8.50 -0.97
CA ASP A 567 15.02 9.58 -1.85
C ASP A 567 16.54 9.76 -1.88
N THR A 568 17.23 9.55 -0.76
CA THR A 568 18.68 9.62 -0.75
C THR A 568 19.40 8.52 0.05
N PRO A 569 19.04 7.24 -0.06
CA PRO A 569 19.93 6.21 0.52
C PRO A 569 21.05 5.77 -0.42
N CYS A 570 20.80 5.78 -1.73
CA CYS A 570 21.84 5.39 -2.67
C CYS A 570 23.02 6.35 -2.63
N ILE A 571 22.77 7.62 -2.31
CA ILE A 571 23.88 8.55 -2.13
C ILE A 571 24.75 8.15 -0.94
N GLN A 572 24.12 7.72 0.15
CA GLN A 572 24.89 7.20 1.29
C GLN A 572 25.70 5.98 0.89
N VAL A 573 25.11 5.08 0.10
CA VAL A 573 25.86 3.92 -0.38
C VAL A 573 27.04 4.35 -1.23
N ILE A 574 26.85 5.36 -2.09
CA ILE A 574 27.93 5.83 -2.95
C ILE A 574 29.07 6.39 -2.11
N CYS A 575 28.75 7.16 -1.08
CA CYS A 575 29.78 7.70 -0.19
C CYS A 575 30.53 6.58 0.52
N GLY A 576 29.80 5.60 1.05
CA GLY A 576 30.45 4.47 1.70
C GLY A 576 31.34 3.70 0.76
N LEU A 577 30.90 3.53 -0.50
CA LEU A 577 31.71 2.82 -1.49
C LEU A 577 32.98 3.57 -1.84
N LEU A 578 32.93 4.90 -1.94
CA LEU A 578 34.16 5.66 -2.15
C LEU A 578 35.10 5.51 -0.96
N MET A 579 34.56 5.52 0.26
CA MET A 579 35.40 5.29 1.43
C MET A 579 36.06 3.91 1.38
N VAL A 580 35.30 2.89 0.97
CA VAL A 580 35.86 1.54 0.86
C VAL A 580 36.97 1.51 -0.19
N ARG A 581 36.73 2.15 -1.34
CA ARG A 581 37.75 2.25 -2.38
C ARG A 581 39.04 2.81 -1.83
N GLN A 582 38.98 3.96 -1.16
CA GLN A 582 40.20 4.57 -0.67
C GLN A 582 40.81 3.80 0.49
N TRP A 583 39.99 3.06 1.24
CA TRP A 583 40.49 2.25 2.34
C TRP A 583 41.30 1.05 1.87
N PHE A 584 40.90 0.43 0.76
CA PHE A 584 41.53 -0.82 0.35
C PHE A 584 42.44 -0.74 -0.87
N VAL A 585 42.54 0.41 -1.54
CA VAL A 585 43.18 0.44 -2.85
C VAL A 585 44.68 0.14 -2.76
N ARG A 586 45.30 0.45 -1.64
CA ARG A 586 46.75 0.22 -1.53
C ARG A 586 47.11 -1.14 -0.95
N HIS A 587 46.12 -1.92 -0.52
CA HIS A 587 46.36 -3.29 -0.04
C HIS A 587 45.93 -4.34 -1.05
N GLU A 588 44.80 -4.14 -1.73
CA GLU A 588 44.23 -5.16 -2.59
C GLU A 588 43.29 -4.49 -3.58
N SER A 589 42.71 -5.31 -4.44
CA SER A 589 41.59 -4.86 -5.25
C SER A 589 40.34 -4.86 -4.39
N PRO A 590 39.67 -3.72 -4.20
CA PRO A 590 38.53 -3.66 -3.27
C PRO A 590 37.38 -4.55 -3.73
N SER A 591 36.78 -5.25 -2.78
CA SER A 591 35.71 -6.18 -3.10
C SER A 591 34.35 -5.49 -3.02
N PRO A 592 33.37 -5.91 -3.83
CA PRO A 592 32.01 -5.37 -3.71
C PRO A 592 31.09 -6.09 -2.73
N ALA A 593 31.59 -6.90 -1.79
CA ALA A 593 30.73 -7.44 -0.73
C ALA A 593 30.61 -6.49 0.47
N TYR A 594 31.58 -5.60 0.62
CA TYR A 594 31.38 -4.48 1.51
C TYR A 594 30.15 -3.68 1.09
N THR A 595 29.76 -3.78 -0.19
CA THR A 595 28.46 -3.26 -0.61
C THR A 595 27.32 -3.97 0.11
N ASN A 596 27.41 -5.30 0.27
CA ASN A 596 26.37 -6.01 1.01
C ASN A 596 26.21 -5.44 2.40
N ILE A 597 27.32 -5.35 3.12
CA ILE A 597 27.21 -4.88 4.52
C ILE A 597 26.74 -3.42 4.57
N LEU A 598 27.28 -2.58 3.68
CA LEU A 598 26.92 -1.17 3.65
C LEU A 598 25.44 -0.97 3.31
N LEU A 599 24.94 -1.72 2.34
CA LEU A 599 23.55 -1.58 1.91
C LEU A 599 22.59 -2.05 3.00
N VAL A 600 22.92 -3.16 3.66
CA VAL A 600 22.07 -3.62 4.76
C VAL A 600 22.02 -2.58 5.85
N GLY A 601 23.18 -2.01 6.22
CA GLY A 601 23.20 -0.97 7.23
C GLY A 601 22.39 0.26 6.84
N VAL A 602 22.54 0.71 5.60
CA VAL A 602 21.88 1.94 5.15
C VAL A 602 20.37 1.76 5.13
N VAL A 603 19.89 0.64 4.58
CA VAL A 603 18.47 0.39 4.52
C VAL A 603 17.89 0.21 5.92
N SER A 604 18.61 -0.48 6.81
CA SER A 604 18.12 -0.67 8.17
C SER A 604 18.01 0.67 8.90
N LEU A 605 19.01 1.53 8.73
CA LEU A 605 18.94 2.85 9.37
C LEU A 605 17.79 3.67 8.81
N ASN A 606 17.58 3.62 7.50
CA ASN A 606 16.46 4.33 6.88
C ASN A 606 15.13 3.87 7.48
N PHE A 607 14.91 2.56 7.55
CA PHE A 607 13.68 2.04 8.13
C PHE A 607 13.54 2.44 9.60
N LEU A 608 14.64 2.36 10.36
CA LEU A 608 14.57 2.67 11.78
C LEU A 608 14.22 4.13 12.01
N ILE A 609 14.79 5.03 11.21
CA ILE A 609 14.45 6.45 11.31
C ILE A 609 12.98 6.66 10.96
N SER A 610 12.50 5.95 9.94
CA SER A 610 11.10 6.11 9.54
C SER A 610 10.15 5.65 10.64
N ALA A 611 10.45 4.50 11.26
CA ALA A 611 9.52 3.90 12.21
C ALA A 611 9.40 4.69 13.50
N PHE A 612 10.48 5.34 13.93
CA PHE A 612 10.50 6.06 15.20
C PHE A 612 10.42 7.57 15.04
N SER A 613 9.95 8.06 13.90
CA SER A 613 9.97 9.50 13.64
C SER A 613 8.98 10.25 14.53
N LYS A 614 7.83 9.65 14.82
CA LYS A 614 6.83 10.33 15.65
C LYS A 614 7.29 10.48 17.10
N THR A 615 8.20 9.62 17.55
CA THR A 615 8.61 9.64 18.95
C THR A 615 9.56 10.80 19.22
N SER A 616 9.90 10.97 20.50
CA SER A 616 10.71 12.10 20.94
C SER A 616 12.16 11.74 21.22
N TYR A 617 12.58 10.52 20.88
CA TYR A 617 13.94 10.07 21.16
C TYR A 617 14.61 9.43 19.95
N VAL A 618 14.08 9.65 18.74
CA VAL A 618 14.66 9.06 17.55
C VAL A 618 16.07 9.56 17.30
N ARG A 619 16.34 10.84 17.52
CA ARG A 619 17.67 11.39 17.33
C ARG A 619 18.69 10.81 18.30
N PHE A 620 18.28 10.40 19.50
CA PHE A 620 19.20 9.74 20.42
C PHE A 620 19.57 8.36 19.92
N ILE A 621 18.61 7.63 19.34
CA ILE A 621 18.93 6.35 18.70
C ILE A 621 19.91 6.55 17.56
N ILE A 622 19.67 7.58 16.74
CA ILE A 622 20.57 7.87 15.63
C ILE A 622 21.96 8.21 16.15
N ALA A 623 22.04 9.00 17.23
CA ALA A 623 23.33 9.37 17.79
C ALA A 623 24.08 8.16 18.33
N VAL A 624 23.37 7.24 18.98
CA VAL A 624 24.01 6.04 19.49
C VAL A 624 24.57 5.20 18.35
N ILE A 625 23.77 4.99 17.29
CA ILE A 625 24.25 4.21 16.15
C ILE A 625 25.44 4.90 15.50
N HIS A 626 25.38 6.23 15.39
CA HIS A 626 26.48 6.99 14.79
C HIS A 626 27.76 6.81 15.59
N VAL A 627 27.66 6.91 16.91
CA VAL A 627 28.83 6.74 17.78
C VAL A 627 29.41 5.35 17.62
N ILE A 628 28.55 4.34 17.62
CA ILE A 628 29.01 2.96 17.51
C ILE A 628 29.73 2.72 16.18
N VAL A 629 29.15 3.22 15.09
CA VAL A 629 29.75 3.01 13.77
C VAL A 629 31.11 3.70 13.69
N VAL A 630 31.18 4.96 14.16
CA VAL A 630 32.45 5.69 14.08
C VAL A 630 33.51 5.05 14.96
N GLY A 631 33.13 4.59 16.16
CA GLY A 631 34.09 3.92 17.01
C GLY A 631 34.60 2.63 16.39
N SER A 632 33.72 1.86 15.77
CA SER A 632 34.15 0.64 15.10
C SER A 632 35.10 0.94 13.95
N ILE A 633 34.81 1.98 13.17
CA ILE A 633 35.70 2.34 12.06
C ILE A 633 37.07 2.77 12.58
N CYS A 634 37.09 3.55 13.66
CA CYS A 634 38.36 3.96 14.24
C CYS A 634 39.15 2.76 14.76
N LEU A 635 38.46 1.81 15.40
CA LEU A 635 39.12 0.61 15.88
C LEU A 635 39.69 -0.21 14.73
N ALA A 636 38.96 -0.30 13.63
CA ALA A 636 39.45 -1.03 12.47
C ALA A 636 40.68 -0.36 11.87
N LYS A 637 40.67 0.97 11.80
CA LYS A 637 41.83 1.69 11.31
C LYS A 637 43.04 1.43 12.20
N GLU A 638 42.85 1.47 13.52
CA GLU A 638 43.93 1.21 14.46
C GLU A 638 44.49 -0.19 14.23
N ARG A 639 43.62 -1.19 14.18
CA ARG A 639 44.08 -2.57 14.03
C ARG A 639 44.80 -2.78 12.70
N SER A 640 44.29 -2.17 11.62
CA SER A 640 44.90 -2.38 10.31
C SER A 640 46.28 -1.73 10.24
N LEU A 641 46.40 -0.48 10.68
CA LEU A 641 47.65 0.25 10.54
C LEU A 641 48.58 0.10 11.72
N GLY A 642 48.05 -0.17 12.91
CA GLY A 642 48.84 -0.11 14.11
C GLY A 642 48.97 1.31 14.64
N SER A 643 49.40 1.43 15.88
CA SER A 643 49.48 2.74 16.54
C SER A 643 50.79 3.45 16.17
N GLU A 644 51.05 3.51 14.87
CA GLU A 644 52.09 4.38 14.36
C GLU A 644 51.63 5.82 14.55
N LYS A 645 52.28 6.53 15.48
CA LYS A 645 51.79 7.77 16.06
C LYS A 645 51.17 8.74 15.06
N LEU A 646 51.93 9.13 14.04
CA LEU A 646 51.49 10.17 13.12
C LEU A 646 50.23 9.79 12.36
N LYS A 647 50.21 8.60 11.77
CA LYS A 647 49.11 8.20 10.89
C LYS A 647 47.81 7.94 11.65
N THR A 648 47.83 6.99 12.59
CA THR A 648 46.59 6.50 13.20
C THR A 648 45.97 7.50 14.17
N ARG A 649 46.78 8.09 15.05
CA ARG A 649 46.24 8.90 16.13
C ARG A 649 45.51 10.13 15.61
N PHE A 650 46.10 10.82 14.63
CA PHE A 650 45.45 12.01 14.10
C PHE A 650 44.18 11.65 13.34
N PHE A 651 44.18 10.54 12.61
CA PHE A 651 42.97 10.08 11.96
C PHE A 651 41.86 9.87 12.99
N ILE A 652 42.15 9.13 14.05
CA ILE A 652 41.14 8.83 15.06
C ILE A 652 40.63 10.12 15.70
N MET A 653 41.55 11.00 16.07
CA MET A 653 41.16 12.24 16.74
C MET A 653 40.29 13.11 15.84
N ALA A 654 40.70 13.28 14.57
CA ALA A 654 39.95 14.12 13.65
C ALA A 654 38.58 13.55 13.35
N PHE A 655 38.49 12.24 13.11
CA PHE A 655 37.20 11.64 12.83
C PHE A 655 36.28 11.74 14.03
N SER A 656 36.80 11.48 15.23
CA SER A 656 35.98 11.62 16.44
C SER A 656 35.48 13.04 16.60
N MET A 657 36.36 14.03 16.39
CA MET A 657 35.94 15.42 16.56
C MET A 657 34.89 15.81 15.54
N GLY A 658 35.07 15.45 14.27
CA GLY A 658 34.10 15.81 13.26
C GLY A 658 32.74 15.17 13.50
N ASN A 659 32.74 13.86 13.80
CA ASN A 659 31.47 13.19 13.99
C ASN A 659 30.80 13.64 15.29
N PHE A 660 31.56 13.93 16.34
CA PHE A 660 30.98 14.47 17.56
C PHE A 660 30.40 15.85 17.35
N ALA A 661 31.05 16.69 16.54
CA ALA A 661 30.50 17.99 16.20
C ALA A 661 29.17 17.82 15.45
N ALA A 662 29.13 16.90 14.50
CA ALA A 662 27.88 16.64 13.78
C ALA A 662 26.77 16.17 14.73
N ILE A 663 27.10 15.27 15.64
CA ILE A 663 26.16 14.69 16.59
C ILE A 663 25.61 15.79 17.50
N VAL A 664 26.50 16.67 17.98
CA VAL A 664 26.10 17.80 18.80
C VAL A 664 25.15 18.68 17.98
N MET A 665 25.48 18.88 16.70
CA MET A 665 24.66 19.74 15.84
C MET A 665 23.23 19.21 15.74
N TYR A 666 23.06 18.00 15.19
CA TYR A 666 21.68 17.57 14.90
C TYR A 666 20.93 17.18 16.17
N LEU A 667 21.61 17.01 17.30
CA LEU A 667 20.90 16.75 18.54
C LEU A 667 20.30 18.03 19.12
N THR A 668 20.97 19.17 18.95
CA THR A 668 20.59 20.41 19.62
C THR A 668 20.54 21.58 18.63
N LEU A 669 19.92 21.37 17.46
CA LEU A 669 19.73 22.50 16.56
C LEU A 669 18.28 22.64 16.10
N SER A 670 17.61 21.52 15.84
CA SER A 670 16.24 21.41 15.37
C SER A 670 16.06 21.95 13.96
N ALA A 671 17.08 22.55 13.35
CA ALA A 671 17.02 22.95 11.96
C ALA A 671 17.42 21.82 11.01
N PHE A 672 17.98 20.74 11.53
CA PHE A 672 18.26 19.55 10.76
C PHE A 672 17.05 18.62 10.84
N HIS A 673 16.43 18.38 9.70
CA HIS A 673 15.28 17.48 9.66
C HIS A 673 15.74 16.03 9.71
N LEU A 674 14.82 15.15 10.12
CA LEU A 674 15.15 13.74 10.23
C LEU A 674 15.58 13.14 8.89
N ASN A 675 14.98 13.58 7.80
CA ASN A 675 15.24 12.97 6.50
C ASN A 675 16.60 13.35 5.94
N GLN A 676 17.30 14.29 6.58
CA GLN A 676 18.59 14.77 6.06
C GLN A 676 19.79 14.32 6.88
N ILE A 677 19.58 13.81 8.10
CA ILE A 677 20.69 13.61 9.03
C ILE A 677 21.65 12.55 8.51
N ALA A 678 21.13 11.39 8.11
CA ALA A 678 21.98 10.29 7.65
C ALA A 678 22.73 10.65 6.38
N THR A 679 22.07 11.30 5.43
CA THR A 679 22.73 11.73 4.21
C THR A 679 23.86 12.71 4.49
N TYR A 680 23.61 13.70 5.35
CA TYR A 680 24.66 14.64 5.70
C TYR A 680 25.83 13.94 6.38
N CYS A 681 25.56 13.00 7.29
CA CYS A 681 26.63 12.29 7.96
C CYS A 681 27.48 11.49 6.97
N PHE A 682 26.84 10.78 6.04
CA PHE A 682 27.60 10.02 5.06
C PHE A 682 28.45 10.93 4.17
N ILE A 683 27.88 12.04 3.71
CA ILE A 683 28.65 12.94 2.85
C ILE A 683 29.84 13.53 3.61
N ILE A 684 29.63 13.97 4.85
CA ILE A 684 30.70 14.57 5.64
C ILE A 684 31.81 13.56 5.90
N ASN A 685 31.45 12.32 6.26
CA ASN A 685 32.49 11.32 6.52
C ASN A 685 33.26 10.96 5.26
N CYS A 686 32.58 10.88 4.11
CA CYS A 686 33.28 10.63 2.86
C CYS A 686 34.28 11.74 2.55
N ILE A 687 33.85 12.99 2.70
CA ILE A 687 34.75 14.11 2.40
C ILE A 687 35.94 14.13 3.36
N MET A 688 35.68 13.85 4.65
CA MET A 688 36.76 13.81 5.63
C MET A 688 37.78 12.72 5.29
N TYR A 689 37.30 11.54 4.88
CA TYR A 689 38.25 10.48 4.54
C TYR A 689 39.03 10.80 3.27
N LEU A 690 38.39 11.42 2.27
CA LEU A 690 39.15 11.81 1.09
C LEU A 690 40.20 12.86 1.41
N MET A 691 39.86 13.82 2.27
CA MET A 691 40.84 14.82 2.68
C MET A 691 41.99 14.17 3.44
N TYR A 692 41.69 13.20 4.30
CA TYR A 692 42.74 12.48 5.01
C TYR A 692 43.65 11.74 4.04
N TYR A 693 43.07 11.08 3.04
CA TYR A 693 43.87 10.37 2.05
C TYR A 693 44.80 11.31 1.30
N GLY A 694 44.26 12.47 0.88
CA GLY A 694 45.10 13.44 0.18
C GLY A 694 46.21 14.01 1.04
N CYS A 695 45.91 14.33 2.30
CA CYS A 695 46.94 14.83 3.20
C CYS A 695 48.00 13.77 3.46
N MET A 696 47.60 12.51 3.55
CA MET A 696 48.57 11.42 3.71
C MET A 696 49.47 11.33 2.49
N LYS A 697 48.90 11.45 1.29
CA LYS A 697 49.72 11.48 0.09
C LYS A 697 50.74 12.61 0.15
N VAL A 698 50.28 13.80 0.55
CA VAL A 698 51.17 14.96 0.58
C VAL A 698 52.29 14.79 1.61
N LEU A 699 51.98 14.33 2.81
CA LEU A 699 52.98 14.24 3.87
C LEU A 699 53.84 12.99 3.79
N HIS A 700 53.55 12.08 2.86
CA HIS A 700 54.42 10.95 2.56
C HIS A 700 55.32 11.26 1.37
N SER A 701 55.45 12.56 1.06
CA SER A 701 56.29 13.04 -0.04
C SER A 701 55.90 12.43 -1.38
N GLU A 702 54.60 12.34 -1.64
CA GLU A 702 54.07 12.03 -2.96
C GLU A 702 53.49 13.30 -3.57
N ARG A 703 53.18 13.25 -4.86
CA ARG A 703 52.70 14.44 -5.57
C ARG A 703 51.28 14.18 -6.07
N ILE A 704 50.40 15.15 -5.84
CA ILE A 704 49.06 15.13 -6.41
C ILE A 704 49.09 15.94 -7.69
N THR A 705 48.64 15.33 -8.79
CA THR A 705 48.66 16.02 -10.08
C THR A 705 47.71 17.21 -10.04
N SER A 706 48.04 18.23 -10.85
CA SER A 706 47.19 19.42 -10.92
C SER A 706 45.78 19.08 -11.37
N LYS A 707 45.65 18.05 -12.21
CA LYS A 707 44.33 17.57 -12.61
C LYS A 707 43.55 17.03 -11.41
N ALA A 708 44.23 16.25 -10.55
CA ALA A 708 43.57 15.73 -9.37
C ALA A 708 43.24 16.83 -8.36
N LYS A 709 44.11 17.85 -8.25
CA LYS A 709 43.78 18.99 -7.40
C LYS A 709 42.57 19.74 -7.92
N LEU A 710 42.47 19.91 -9.24
CA LEU A 710 41.31 20.55 -9.84
C LEU A 710 40.05 19.75 -9.55
N CYS A 711 40.10 18.42 -9.72
CA CYS A 711 38.94 17.60 -9.46
C CYS A 711 38.55 17.60 -7.98
N GLY A 712 39.54 17.61 -7.08
CA GLY A 712 39.22 17.69 -5.66
C GLY A 712 38.56 19.00 -5.28
N ALA A 713 39.07 20.11 -5.83
CA ALA A 713 38.45 21.41 -5.58
C ALA A 713 37.02 21.45 -6.14
N LEU A 714 36.82 20.94 -7.35
CA LEU A 714 35.49 20.92 -7.93
C LEU A 714 34.54 20.03 -7.12
N SER A 715 35.04 18.90 -6.64
CA SER A 715 34.22 18.02 -5.81
C SER A 715 33.81 18.72 -4.51
N LEU A 716 34.75 19.41 -3.87
CA LEU A 716 34.42 20.12 -2.64
C LEU A 716 33.41 21.22 -2.89
N LEU A 717 33.56 21.98 -3.98
CA LEU A 717 32.60 23.04 -4.27
C LEU A 717 31.22 22.48 -4.59
N ALA A 718 31.17 21.42 -5.40
CA ALA A 718 29.89 20.83 -5.79
C ALA A 718 29.18 20.23 -4.59
N TRP A 719 29.91 19.58 -3.69
CA TRP A 719 29.29 19.04 -2.49
C TRP A 719 28.71 20.14 -1.61
N ALA A 720 29.41 21.25 -1.46
CA ALA A 720 28.90 22.37 -0.68
C ALA A 720 27.65 22.99 -1.30
N VAL A 721 27.65 23.17 -2.62
CA VAL A 721 26.46 23.73 -3.27
C VAL A 721 25.28 22.77 -3.15
N ALA A 722 25.53 21.48 -3.36
CA ALA A 722 24.48 20.48 -3.23
C ALA A 722 23.93 20.46 -1.82
N GLY A 723 24.79 20.55 -0.81
CA GLY A 723 24.32 20.61 0.57
C GLY A 723 23.52 21.85 0.89
N PHE A 724 23.94 23.00 0.35
CA PHE A 724 23.16 24.22 0.55
C PHE A 724 21.75 24.07 -0.01
N PHE A 725 21.62 23.50 -1.21
CA PHE A 725 20.29 23.30 -1.77
C PHE A 725 19.52 22.19 -1.08
N PHE A 726 20.21 21.16 -0.58
CA PHE A 726 19.55 20.11 0.18
C PHE A 726 18.97 20.64 1.48
N PHE A 727 19.63 21.61 2.10
CA PHE A 727 19.16 22.16 3.36
C PHE A 727 17.78 22.80 3.23
N GLN A 728 17.39 23.20 2.01
CA GLN A 728 16.12 23.87 1.79
C GLN A 728 14.94 22.92 1.71
N ASP A 729 15.13 21.62 1.91
CA ASP A 729 14.09 20.63 1.67
C ASP A 729 12.81 20.90 2.45
N ASP A 730 12.89 20.87 3.78
CA ASP A 730 11.74 21.12 4.65
C ASP A 730 10.64 20.11 4.35
N THR A 731 10.91 18.83 4.64
CA THR A 731 9.91 17.78 4.57
C THR A 731 9.77 17.16 5.95
N ASP A 732 8.53 16.97 6.39
CA ASP A 732 8.28 16.53 7.77
C ASP A 732 6.93 15.81 7.77
N TRP A 733 6.96 14.50 7.96
CA TRP A 733 5.75 13.70 7.93
C TRP A 733 5.08 13.60 9.30
N THR A 734 5.61 14.28 10.32
CA THR A 734 4.99 14.28 11.63
C THR A 734 3.92 15.36 11.78
N ARG A 735 3.93 16.38 10.94
CA ARG A 735 2.94 17.44 11.02
C ARG A 735 1.66 17.03 10.29
N SER A 736 0.63 17.87 10.41
CA SER A 736 -0.65 17.58 9.79
C SER A 736 -0.58 17.74 8.28
N ALA A 737 -1.60 17.21 7.60
CA ALA A 737 -1.65 17.31 6.14
C ALA A 737 -1.77 18.76 5.68
N ALA A 738 -2.52 19.59 6.41
CA ALA A 738 -2.61 21.00 6.07
C ALA A 738 -1.25 21.69 6.16
N ALA A 739 -0.48 21.39 7.22
CA ALA A 739 0.85 21.95 7.35
C ALA A 739 1.77 21.50 6.22
N SER A 740 1.69 20.24 5.82
CA SER A 740 2.45 19.77 4.65
C SER A 740 1.99 20.46 3.37
N ARG A 741 0.71 20.79 3.25
CA ARG A 741 0.20 21.48 2.08
C ARG A 741 0.50 22.97 2.09
N ALA A 742 0.94 23.52 3.21
CA ALA A 742 1.26 24.93 3.28
C ALA A 742 2.60 25.30 2.65
N LEU A 743 3.31 24.36 2.03
CA LEU A 743 4.62 24.65 1.45
C LEU A 743 4.48 25.51 0.21
N ASN A 744 5.23 26.62 0.16
CA ASN A 744 5.04 27.61 -0.88
C ASN A 744 6.35 28.17 -1.45
N LYS A 745 7.33 27.31 -1.72
CA LYS A 745 8.58 27.85 -2.26
C LYS A 745 8.57 27.85 -3.78
N PRO A 746 8.79 28.99 -4.43
CA PRO A 746 8.70 29.04 -5.89
C PRO A 746 9.97 28.57 -6.58
N CYS A 747 9.85 28.35 -7.88
CA CYS A 747 10.96 27.88 -8.69
C CYS A 747 12.01 28.98 -8.83
N LEU A 748 13.28 28.60 -8.64
CA LEU A 748 14.36 29.59 -8.63
C LEU A 748 14.72 30.04 -10.05
N LEU A 749 14.71 29.12 -11.00
CA LEU A 749 15.28 29.36 -12.32
C LEU A 749 14.31 28.96 -13.42
N LEU A 750 14.12 29.88 -14.38
CA LEU A 750 13.33 29.65 -15.58
C LEU A 750 11.92 29.15 -15.29
N GLY A 751 11.46 29.36 -14.06
CA GLY A 751 10.16 28.81 -13.68
C GLY A 751 10.07 27.30 -13.77
N PHE A 752 11.22 26.63 -13.78
CA PHE A 752 11.25 25.19 -13.90
C PHE A 752 12.08 24.54 -12.79
N PHE A 753 13.17 25.19 -12.38
CA PHE A 753 14.10 24.60 -11.44
C PHE A 753 13.95 25.26 -10.07
N GLY A 754 13.70 24.43 -9.05
CA GLY A 754 13.70 24.87 -7.68
C GLY A 754 14.91 24.39 -6.91
N SER A 755 14.83 24.48 -5.59
CA SER A 755 15.94 24.06 -4.74
C SER A 755 16.18 22.56 -4.83
N HIS A 756 15.11 21.76 -4.86
CA HIS A 756 15.28 20.31 -4.90
C HIS A 756 15.77 19.85 -6.26
N ASP A 757 15.29 20.48 -7.34
CA ASP A 757 15.82 20.18 -8.67
C ASP A 757 17.31 20.48 -8.76
N LEU A 758 17.75 21.59 -8.19
CA LEU A 758 19.16 21.92 -8.17
C LEU A 758 19.96 20.98 -7.27
N TRP A 759 19.36 20.51 -6.18
CA TRP A 759 20.00 19.51 -5.34
C TRP A 759 20.26 18.22 -6.11
N HIS A 760 19.32 17.78 -6.94
CA HIS A 760 19.56 16.62 -7.79
C HIS A 760 20.77 16.82 -8.70
N ILE A 761 20.78 17.93 -9.44
CA ILE A 761 21.81 18.16 -10.45
C ILE A 761 23.17 18.31 -9.79
N PHE A 762 23.25 19.07 -8.71
CA PHE A 762 24.55 19.30 -8.09
C PHE A 762 25.03 18.12 -7.27
N GLY A 763 24.15 17.30 -6.72
CA GLY A 763 24.58 16.04 -6.12
C GLY A 763 25.16 15.11 -7.17
N ALA A 764 24.54 15.04 -8.35
CA ALA A 764 25.10 14.25 -9.43
C ALA A 764 26.48 14.77 -9.83
N LEU A 765 26.63 16.09 -9.93
CA LEU A 765 27.92 16.67 -10.27
C LEU A 765 28.98 16.35 -9.21
N ALA A 766 28.60 16.46 -7.93
CA ALA A 766 29.54 16.15 -6.86
C ALA A 766 29.99 14.71 -6.91
N GLY A 767 29.07 13.79 -7.15
CA GLY A 767 29.42 12.40 -7.33
C GLY A 767 30.39 12.18 -8.48
N LEU A 768 30.10 12.82 -9.62
CA LEU A 768 30.98 12.70 -10.77
C LEU A 768 32.39 13.19 -10.48
N PHE A 769 32.50 14.37 -9.85
CA PHE A 769 33.81 14.94 -9.59
C PHE A 769 34.58 14.13 -8.56
N THR A 770 33.88 13.59 -7.56
CA THR A 770 34.53 12.74 -6.57
C THR A 770 35.06 11.45 -7.21
N PHE A 771 34.25 10.85 -8.09
CA PHE A 771 34.68 9.66 -8.81
C PHE A 771 35.92 9.94 -9.65
N ILE A 772 35.93 11.08 -10.36
CA ILE A 772 37.08 11.41 -11.19
C ILE A 772 38.31 11.65 -10.32
N PHE A 773 38.12 12.30 -9.16
CA PHE A 773 39.25 12.58 -8.28
C PHE A 773 39.88 11.29 -7.76
N VAL A 774 39.06 10.33 -7.31
CA VAL A 774 39.65 9.10 -6.79
C VAL A 774 40.24 8.27 -7.91
N SER A 775 39.71 8.41 -9.12
CA SER A 775 40.33 7.74 -10.26
C SER A 775 41.69 8.32 -10.61
N PHE A 776 41.89 9.62 -10.38
CA PHE A 776 43.11 10.30 -10.82
C PHE A 776 44.15 10.52 -9.73
N VAL A 777 43.79 10.42 -8.45
CA VAL A 777 44.67 10.90 -7.39
C VAL A 777 45.98 10.11 -7.29
N ASP A 778 45.96 8.81 -7.59
CA ASP A 778 47.15 7.97 -7.48
C ASP A 778 47.82 7.72 -8.82
N ASP A 779 47.68 8.67 -9.75
CA ASP A 779 48.29 8.57 -11.06
C ASP A 779 49.77 8.96 -11.05
N ASP A 780 50.27 9.45 -9.93
CA ASP A 780 51.69 9.72 -9.76
C ASP A 780 52.45 8.47 -9.35
N LEU A 781 51.75 7.39 -9.01
CA LEU A 781 52.36 6.14 -8.57
C LEU A 781 52.25 5.05 -9.62
N ILE A 782 51.88 5.40 -10.86
CA ILE A 782 51.64 4.40 -11.89
C ILE A 782 52.89 3.60 -12.22
N ASN A 783 54.07 4.20 -12.06
CA ASN A 783 55.33 3.51 -12.29
C ASN A 783 56.04 3.07 -11.03
N THR A 784 55.54 3.45 -9.85
CA THR A 784 56.11 3.00 -8.59
C THR A 784 55.77 1.53 -8.37
N ARG A 785 56.68 0.77 -7.77
CA ARG A 785 56.52 -0.66 -7.57
C ARG A 785 55.61 -0.90 -6.37
N LYS A 786 54.77 -1.92 -6.47
CA LYS A 786 53.74 -2.19 -5.46
C LYS A 786 54.34 -2.48 -4.10
N THR A 787 55.57 -3.00 -4.06
CA THR A 787 56.24 -3.26 -2.80
C THR A 787 56.78 -2.00 -2.14
N SER A 788 57.09 -0.97 -2.93
CA SER A 788 57.58 0.30 -2.40
C SER A 788 56.49 1.34 -2.23
N ILE A 789 55.23 0.99 -2.51
CA ILE A 789 54.12 1.92 -2.33
C ILE A 789 53.80 2.02 -0.84
N ASN A 790 53.68 3.25 -0.34
CA ASN A 790 53.35 3.47 1.05
C ASN A 790 51.93 3.00 1.36
N ILE A 791 51.71 2.59 2.59
CA ILE A 791 50.44 2.03 3.04
C ILE A 791 49.79 3.00 4.01
N PHE A 792 48.57 3.40 3.73
CA PHE A 792 47.75 4.16 4.67
C PHE A 792 46.29 4.10 4.26
N SER B 49 -53.15 25.29 -2.88
CA SER B 49 -52.84 23.89 -3.13
C SER B 49 -51.65 22.96 -3.33
N SER B 50 -50.52 23.53 -3.75
CA SER B 50 -49.27 22.81 -3.98
C SER B 50 -48.83 21.71 -3.01
N VAL B 51 -49.15 21.86 -1.74
CA VAL B 51 -48.78 20.87 -0.73
C VAL B 51 -50.10 20.15 -0.46
N LEU B 52 -50.08 18.83 -0.62
CA LEU B 52 -51.26 17.99 -0.39
C LEU B 52 -50.92 16.99 0.70
N VAL B 53 -51.74 16.94 1.73
CA VAL B 53 -51.53 16.06 2.88
C VAL B 53 -52.49 14.89 2.80
N PHE B 54 -51.95 13.69 3.00
CA PHE B 54 -52.73 12.46 2.96
C PHE B 54 -52.51 11.69 4.24
N GLU B 55 -53.55 10.99 4.69
CA GLU B 55 -53.47 10.11 5.84
C GLU B 55 -53.54 8.67 5.37
N ILE B 56 -52.57 7.87 5.79
CA ILE B 56 -52.39 6.52 5.29
C ILE B 56 -52.61 5.54 6.44
N SER B 57 -53.44 4.53 6.20
CA SER B 57 -53.72 3.51 7.20
C SER B 57 -52.55 2.57 7.36
N SER B 58 -52.47 1.94 8.55
CA SER B 58 -51.37 1.02 8.83
C SER B 58 -51.46 -0.22 7.97
N LYS B 59 -52.66 -0.64 7.61
CA LYS B 59 -52.83 -1.87 6.83
C LYS B 59 -52.27 -1.71 5.42
N MET B 60 -52.21 -0.47 4.92
CA MET B 60 -51.82 -0.23 3.54
C MET B 60 -50.41 -0.71 3.26
N LYS B 61 -50.26 -1.46 2.17
CA LYS B 61 -48.97 -1.99 1.76
C LYS B 61 -48.55 -1.36 0.43
N MET B 62 -49.53 -0.94 -0.36
CA MET B 62 -49.30 -0.35 -1.66
C MET B 62 -50.15 0.90 -1.82
N ILE B 63 -49.53 1.96 -2.31
CA ILE B 63 -50.21 3.23 -2.57
C ILE B 63 -49.94 3.65 -4.00
N GLU B 64 -51.00 4.00 -4.72
CA GLU B 64 -50.91 4.46 -6.10
C GLU B 64 -51.49 5.86 -6.18
N LYS B 65 -50.71 6.80 -6.69
CA LYS B 65 -51.14 8.19 -6.75
C LYS B 65 -50.52 8.87 -7.96
N LYS B 66 -51.16 9.96 -8.37
CA LYS B 66 -50.66 10.80 -9.46
C LYS B 66 -50.13 12.11 -8.89
N LEU B 67 -48.89 12.44 -9.23
CA LEU B 67 -48.26 13.68 -8.78
C LEU B 67 -48.45 14.72 -9.87
N GLU B 68 -49.44 15.59 -9.70
CA GLU B 68 -49.65 16.69 -10.65
C GLU B 68 -48.43 17.60 -10.69
N ALA B 69 -48.26 18.29 -11.81
CA ALA B 69 -47.08 19.11 -12.04
C ALA B 69 -46.92 20.20 -10.99
N ASN B 70 -45.70 20.36 -10.49
CA ASN B 70 -45.36 21.37 -9.48
C ASN B 70 -46.18 21.21 -8.21
N THR B 71 -46.41 19.97 -7.79
CA THR B 71 -47.18 19.67 -6.59
C THR B 71 -46.39 18.71 -5.70
N VAL B 72 -46.62 18.83 -4.39
CA VAL B 72 -45.90 18.06 -3.38
C VAL B 72 -46.90 17.23 -2.60
N HIS B 73 -46.61 15.94 -2.44
CA HIS B 73 -47.44 15.03 -1.67
C HIS B 73 -46.77 14.73 -0.34
N VAL B 74 -47.51 14.92 0.75
CA VAL B 74 -47.05 14.57 2.09
C VAL B 74 -47.98 13.50 2.62
N LEU B 75 -47.43 12.33 2.93
CA LEU B 75 -48.21 11.20 3.40
C LEU B 75 -47.80 10.89 4.84
N ARG B 76 -48.79 10.77 5.71
CA ARG B 76 -48.57 10.49 7.12
C ARG B 76 -49.15 9.13 7.50
N LEU B 77 -48.37 8.37 8.26
CA LEU B 77 -48.86 7.15 8.91
C LEU B 77 -48.54 7.26 10.39
N GLU B 78 -49.57 7.13 11.23
CA GLU B 78 -49.36 7.18 12.67
C GLU B 78 -48.83 5.85 13.17
N LEU B 79 -47.86 5.92 14.09
CA LEU B 79 -47.23 4.74 14.65
C LEU B 79 -47.55 4.66 16.13
N ASP B 80 -48.14 3.54 16.55
CA ASP B 80 -48.41 3.29 17.95
C ASP B 80 -47.26 2.49 18.55
N GLN B 81 -47.45 1.97 19.76
CA GLN B 81 -46.42 1.18 20.43
C GLN B 81 -46.25 -0.20 19.81
N SER B 82 -47.07 -0.58 18.84
CA SER B 82 -46.93 -1.85 18.14
C SER B 82 -45.85 -1.81 17.07
N PHE B 83 -45.24 -0.65 16.83
CA PHE B 83 -44.18 -0.51 15.85
C PHE B 83 -42.79 -0.55 16.47
N ILE B 84 -42.68 -0.89 17.76
CA ILE B 84 -41.38 -1.00 18.40
C ILE B 84 -40.61 -2.15 17.76
N LEU B 85 -39.34 -1.89 17.41
CA LEU B 85 -38.45 -2.89 16.84
C LEU B 85 -38.98 -3.43 15.52
N ASP B 86 -39.71 -2.62 14.77
CA ASP B 86 -40.27 -3.00 13.48
C ASP B 86 -39.40 -2.38 12.39
N LEU B 87 -38.50 -3.18 11.82
CA LEU B 87 -37.65 -2.72 10.73
C LEU B 87 -38.49 -2.59 9.47
N THR B 88 -38.64 -1.37 8.97
CA THR B 88 -39.55 -1.06 7.89
C THR B 88 -38.78 -0.68 6.64
N LYS B 89 -39.28 -1.12 5.50
CA LYS B 89 -38.73 -0.76 4.19
C LYS B 89 -39.79 0.01 3.42
N VAL B 90 -39.39 1.15 2.86
CA VAL B 90 -40.26 1.94 2.00
C VAL B 90 -39.59 2.05 0.63
N ALA B 91 -40.30 1.64 -0.40
CA ALA B 91 -39.80 1.69 -1.77
C ALA B 91 -40.71 2.56 -2.62
N ALA B 92 -40.12 3.18 -3.64
CA ALA B 92 -40.85 4.02 -4.57
C ALA B 92 -40.66 3.48 -5.98
N GLU B 93 -41.71 3.55 -6.79
CA GLU B 93 -41.68 3.08 -8.16
C GLU B 93 -42.29 4.13 -9.06
N ILE B 94 -41.64 4.38 -10.19
CA ILE B 94 -42.15 5.27 -11.22
C ILE B 94 -42.95 4.44 -12.20
N VAL B 95 -44.25 4.74 -12.33
CA VAL B 95 -45.10 3.99 -13.24
C VAL B 95 -44.88 4.48 -14.67
N ASP B 96 -44.78 3.52 -15.59
CA ASP B 96 -44.51 3.80 -17.00
C ASP B 96 -43.20 4.58 -17.18
N SER B 97 -42.09 3.95 -16.81
CA SER B 97 -40.79 4.61 -16.89
C SER B 97 -40.31 4.87 -18.30
N SER B 98 -40.98 4.30 -19.31
CA SER B 98 -40.54 4.48 -20.69
C SER B 98 -40.69 5.93 -21.14
N LYS B 99 -41.63 6.66 -20.53
CA LYS B 99 -41.91 8.03 -20.94
C LYS B 99 -40.82 8.99 -20.49
N TYR B 100 -39.93 8.54 -19.60
CA TYR B 100 -38.88 9.38 -19.04
C TYR B 100 -37.49 8.87 -19.40
N SER B 101 -37.37 8.19 -20.54
CA SER B 101 -36.09 7.67 -20.99
C SER B 101 -35.18 8.74 -21.58
N LYS B 102 -35.74 9.88 -22.00
CA LYS B 102 -34.95 10.97 -22.56
C LYS B 102 -34.61 12.04 -21.53
N GLU B 103 -34.99 11.86 -20.27
CA GLU B 103 -34.74 12.83 -19.22
C GLU B 103 -33.51 12.40 -18.42
N ASP B 104 -32.59 13.33 -18.22
CA ASP B 104 -31.40 13.07 -17.44
C ASP B 104 -31.61 13.49 -15.99
N GLY B 105 -30.84 12.87 -15.10
CA GLY B 105 -30.89 13.22 -13.70
C GLY B 105 -32.07 12.63 -12.96
N VAL B 106 -32.33 13.16 -11.77
CA VAL B 106 -33.36 12.65 -10.87
C VAL B 106 -34.72 13.11 -11.35
N ILE B 107 -35.65 12.16 -11.51
CA ILE B 107 -37.00 12.46 -11.96
C ILE B 107 -38.00 12.46 -10.82
N LEU B 108 -37.78 11.68 -9.77
CA LEU B 108 -38.63 11.68 -8.58
C LEU B 108 -37.75 11.67 -7.34
N GLU B 109 -38.12 12.46 -6.35
CA GLU B 109 -37.46 12.49 -5.05
C GLU B 109 -38.45 12.11 -3.98
N VAL B 110 -38.04 11.22 -3.07
CA VAL B 110 -38.86 10.78 -1.95
C VAL B 110 -38.03 10.84 -0.68
N THR B 111 -38.61 11.42 0.37
CA THR B 111 -38.02 11.42 1.70
C THR B 111 -38.91 10.62 2.65
N VAL B 112 -38.29 9.75 3.45
CA VAL B 112 -38.97 8.93 4.44
C VAL B 112 -38.33 9.16 5.80
N SER B 113 -39.15 9.30 6.83
CA SER B 113 -38.63 9.53 8.18
C SER B 113 -39.68 9.12 9.20
N ASN B 114 -39.23 8.43 10.26
CA ASN B 114 -40.09 8.11 11.39
C ASN B 114 -39.76 8.94 12.63
N GLY B 115 -38.96 9.99 12.47
CA GLY B 115 -38.59 10.83 13.59
C GLY B 115 -37.22 10.51 14.14
N ARG B 116 -36.90 9.22 14.25
CA ARG B 116 -35.60 8.78 14.74
C ARG B 116 -34.60 8.54 13.62
N ASP B 117 -35.05 8.10 12.44
CA ASP B 117 -34.18 7.84 11.31
C ASP B 117 -34.85 8.36 10.06
N SER B 118 -34.03 8.63 9.03
CA SER B 118 -34.55 9.14 7.78
C SER B 118 -33.59 8.78 6.64
N PHE B 119 -34.12 8.81 5.43
CA PHE B 119 -33.30 8.63 4.23
C PHE B 119 -33.98 9.32 3.06
N LEU B 120 -33.27 9.37 1.93
CA LEU B 120 -33.75 9.97 0.70
C LEU B 120 -33.72 8.96 -0.43
N LEU B 121 -34.78 8.93 -1.23
CA LEU B 121 -34.85 8.12 -2.44
C LEU B 121 -34.84 9.05 -3.64
N LYS B 122 -33.94 8.78 -4.58
CA LYS B 122 -33.82 9.56 -5.81
C LYS B 122 -33.96 8.60 -6.99
N LEU B 123 -35.00 8.81 -7.79
CA LEU B 123 -35.23 7.91 -8.90
C LEU B 123 -35.00 8.61 -10.23
N PRO B 124 -34.44 7.90 -11.22
CA PRO B 124 -33.96 6.52 -11.16
C PRO B 124 -32.60 6.40 -10.48
N THR B 125 -32.33 5.28 -9.82
CA THR B 125 -30.99 5.00 -9.31
C THR B 125 -30.19 4.39 -10.45
N VAL B 126 -29.02 4.95 -10.72
CA VAL B 126 -28.22 4.52 -11.85
C VAL B 126 -27.07 3.64 -11.36
N TYR B 127 -26.78 2.60 -12.12
CA TYR B 127 -25.73 1.63 -11.86
C TYR B 127 -24.83 1.55 -13.08
N PRO B 128 -23.62 1.00 -12.93
CA PRO B 128 -22.72 0.91 -14.10
C PRO B 128 -23.36 0.26 -15.30
N ASN B 129 -24.22 -0.73 -15.09
CA ASN B 129 -24.87 -1.41 -16.21
C ASN B 129 -26.32 -0.97 -16.42
N LEU B 130 -27.11 -0.85 -15.35
CA LEU B 130 -28.54 -0.67 -15.49
C LEU B 130 -29.02 0.62 -14.81
N LYS B 131 -30.30 0.90 -15.04
CA LYS B 131 -31.00 2.03 -14.41
C LYS B 131 -32.29 1.49 -13.81
N LEU B 132 -32.47 1.68 -12.51
CA LEU B 132 -33.65 1.17 -11.81
C LEU B 132 -34.62 2.29 -11.53
N TYR B 133 -35.89 2.05 -11.86
CA TYR B 133 -36.97 3.00 -11.56
C TYR B 133 -37.78 2.58 -10.36
N THR B 134 -37.32 1.56 -9.64
CA THR B 134 -37.89 1.17 -8.36
C THR B 134 -36.74 0.91 -7.40
N ASP B 135 -36.79 1.54 -6.23
CA ASP B 135 -35.78 1.30 -5.22
C ASP B 135 -36.31 1.73 -3.86
N GLY B 136 -35.76 1.13 -2.81
CA GLY B 136 -36.19 1.41 -1.46
C GLY B 136 -35.03 1.28 -0.50
N LYS B 137 -35.28 1.71 0.74
CA LYS B 137 -34.25 1.74 1.76
C LYS B 137 -34.87 1.36 3.10
N LEU B 138 -34.01 0.95 4.03
CA LEU B 138 -34.46 0.51 5.34
C LEU B 138 -34.45 1.65 6.34
N LEU B 139 -35.44 1.65 7.22
CA LEU B 139 -35.57 2.66 8.27
C LEU B 139 -35.28 2.01 9.62
N ASN B 140 -34.37 2.61 10.38
CA ASN B 140 -34.05 2.10 11.70
C ASN B 140 -35.30 2.14 12.59
N PRO B 141 -35.64 1.06 13.27
CA PRO B 141 -36.93 1.01 13.97
C PRO B 141 -36.95 1.87 15.21
N LEU B 142 -38.17 2.21 15.64
CA LEU B 142 -38.35 2.92 16.91
C LEU B 142 -38.15 1.98 18.09
N VAL B 143 -37.72 2.53 19.21
CA VAL B 143 -37.39 1.75 20.39
C VAL B 143 -38.44 2.02 21.47
N GLU B 144 -38.31 1.28 22.59
CA GLU B 144 -39.29 1.38 23.66
C GLU B 144 -39.23 2.72 24.38
N GLN B 145 -38.06 3.35 24.43
CA GLN B 145 -37.96 4.67 25.04
C GLN B 145 -38.75 5.72 24.28
N ASP B 146 -39.05 5.48 23.00
CA ASP B 146 -39.82 6.43 22.22
C ASP B 146 -41.28 6.48 22.63
N PHE B 147 -41.75 5.54 23.44
CA PHE B 147 -43.14 5.50 23.84
C PHE B 147 -43.26 5.51 25.36
N HIS B 160 -51.38 10.71 25.64
CA HIS B 160 -51.45 9.85 24.47
C HIS B 160 -50.37 10.22 23.45
N PHE B 161 -49.14 9.80 23.73
CA PHE B 161 -48.03 10.10 22.84
C PHE B 161 -47.97 9.09 21.70
N HIS B 162 -47.63 9.57 20.51
CA HIS B 162 -47.51 8.75 19.32
C HIS B 162 -46.33 9.23 18.49
N GLN B 163 -45.94 8.44 17.50
CA GLN B 163 -44.89 8.80 16.57
C GLN B 163 -45.49 8.85 15.17
N ASN B 164 -44.74 9.43 14.23
CA ASN B 164 -45.21 9.64 12.87
C ASN B 164 -44.24 9.04 11.88
N LEU B 165 -44.78 8.49 10.81
CA LEU B 165 -44.01 8.16 9.62
C LEU B 165 -44.43 9.10 8.50
N ILE B 166 -43.46 9.81 7.92
CA ILE B 166 -43.73 10.88 6.97
C ILE B 166 -43.06 10.53 5.65
N VAL B 167 -43.82 10.61 4.56
CA VAL B 167 -43.30 10.41 3.21
C VAL B 167 -43.63 11.63 2.37
N THR B 168 -42.60 12.22 1.76
CA THR B 168 -42.75 13.39 0.91
C THR B 168 -42.33 13.04 -0.51
N VAL B 169 -43.13 13.46 -1.49
CA VAL B 169 -42.87 13.17 -2.89
C VAL B 169 -42.77 14.50 -3.64
N GLN B 170 -41.66 14.67 -4.37
CA GLN B 170 -41.41 15.88 -5.14
C GLN B 170 -40.85 15.50 -6.50
N SER B 171 -41.01 16.40 -7.46
CA SER B 171 -40.41 16.23 -8.77
C SER B 171 -40.06 17.59 -9.34
N ARG B 172 -39.06 17.59 -10.23
CA ARG B 172 -38.64 18.79 -10.94
C ARG B 172 -39.29 18.90 -12.32
N LEU B 173 -40.06 17.90 -12.73
CA LEU B 173 -40.67 17.89 -14.05
C LEU B 173 -41.97 18.68 -14.04
N ASN B 174 -42.18 19.45 -15.11
CA ASN B 174 -43.45 20.16 -15.29
C ASN B 174 -44.47 19.29 -16.01
N ALA B 175 -44.66 18.09 -15.48
CA ALA B 175 -45.62 17.13 -16.04
C ALA B 175 -46.04 16.17 -14.93
N ASP B 176 -47.25 15.63 -15.08
CA ASP B 176 -47.77 14.69 -14.11
C ASP B 176 -47.00 13.38 -14.13
N ILE B 177 -46.77 12.81 -12.95
CA ILE B 177 -46.09 11.53 -12.80
C ILE B 177 -46.95 10.61 -11.96
N ASP B 178 -47.15 9.38 -12.43
CA ASP B 178 -47.74 8.33 -11.63
C ASP B 178 -46.64 7.60 -10.87
N TYR B 179 -46.94 7.22 -9.63
CA TYR B 179 -45.93 6.58 -8.81
C TYR B 179 -46.60 5.63 -7.83
N ARG B 180 -45.81 4.70 -7.33
CA ARG B 180 -46.28 3.68 -6.40
C ARG B 180 -45.36 3.64 -5.19
N LEU B 181 -45.95 3.56 -4.01
CA LEU B 181 -45.21 3.44 -2.76
C LEU B 181 -45.49 2.07 -2.13
N HIS B 182 -44.42 1.39 -1.73
CA HIS B 182 -44.52 0.09 -1.08
C HIS B 182 -43.96 0.20 0.33
N VAL B 183 -44.78 -0.14 1.31
CA VAL B 183 -44.38 -0.15 2.72
C VAL B 183 -44.37 -1.60 3.17
N THR B 184 -43.18 -2.17 3.32
CA THR B 184 -43.01 -3.57 3.71
C THR B 184 -42.29 -3.65 5.05
N HIS B 185 -42.75 -4.55 5.90
CA HIS B 185 -42.14 -4.78 7.19
C HIS B 185 -41.32 -6.07 7.15
N LEU B 186 -40.13 -6.04 7.74
CA LEU B 186 -39.29 -7.21 7.75
C LEU B 186 -39.61 -8.13 8.93
N ASP B 187 -38.97 -9.30 8.94
CA ASP B 187 -39.43 -10.44 9.73
C ASP B 187 -38.82 -10.08 11.07
N ARG B 188 -39.65 -9.82 12.10
CA ARG B 188 -39.16 -9.30 13.37
C ARG B 188 -38.52 -10.34 14.28
N ALA B 189 -38.12 -11.44 13.67
CA ALA B 189 -37.68 -12.69 14.30
C ALA B 189 -36.37 -13.02 13.61
N GLN B 190 -36.09 -12.28 12.54
CA GLN B 190 -34.74 -12.11 12.02
C GLN B 190 -34.09 -10.84 12.53
N TYR B 191 -34.91 -9.89 13.01
CA TYR B 191 -34.39 -8.77 13.76
C TYR B 191 -34.61 -9.24 15.18
N ASP B 192 -33.64 -8.95 16.05
CA ASP B 192 -33.58 -9.33 17.46
C ASP B 192 -33.37 -10.84 17.64
N PHE B 193 -32.98 -11.52 16.56
CA PHE B 193 -32.59 -12.93 16.68
C PHE B 193 -31.36 -13.12 17.55
N LEU B 194 -30.44 -12.16 17.52
CA LEU B 194 -29.14 -12.31 18.19
C LEU B 194 -29.28 -12.06 19.68
N LYS B 195 -29.90 -13.02 20.35
CA LYS B 195 -30.00 -13.04 21.80
C LYS B 195 -29.66 -14.43 22.29
N PHE B 196 -28.59 -14.54 23.06
CA PHE B 196 -28.02 -15.82 23.46
C PHE B 196 -28.44 -16.18 24.88
N LYS B 197 -28.89 -17.41 25.07
CA LYS B 197 -29.27 -17.90 26.39
C LYS B 197 -28.01 -18.23 27.18
N THR B 198 -28.21 -18.75 28.40
CA THR B 198 -27.10 -19.19 29.21
C THR B 198 -26.56 -20.52 28.69
N GLY B 199 -25.24 -20.60 28.54
CA GLY B 199 -24.64 -21.81 28.02
C GLY B 199 -24.80 -21.99 26.53
N GLN B 200 -25.33 -20.99 25.83
CA GLN B 200 -25.49 -21.04 24.39
C GLN B 200 -24.44 -20.14 23.74
N THR B 201 -23.67 -20.72 22.81
CA THR B 201 -22.62 -20.00 22.13
C THR B 201 -22.79 -19.94 20.63
N THR B 202 -23.70 -20.73 20.05
CA THR B 202 -23.91 -20.75 18.61
C THR B 202 -25.40 -20.73 18.32
N LYS B 203 -25.77 -19.99 17.28
CA LYS B 203 -27.14 -19.96 16.80
C LYS B 203 -27.13 -20.14 15.30
N THR B 204 -28.16 -20.77 14.77
CA THR B 204 -28.24 -21.06 13.35
C THR B 204 -29.61 -20.68 12.80
N LEU B 205 -29.59 -20.00 11.66
CA LEU B 205 -30.79 -19.67 10.90
C LEU B 205 -30.65 -20.29 9.53
N SER B 206 -31.58 -21.16 9.16
CA SER B 206 -31.47 -21.95 7.94
C SER B 206 -32.54 -21.55 6.94
N ASN B 207 -32.17 -21.51 5.67
CA ASN B 207 -33.09 -21.39 4.55
C ASN B 207 -33.92 -20.12 4.65
N GLN B 208 -33.22 -18.99 4.70
CA GLN B 208 -33.84 -17.68 4.75
C GLN B 208 -33.88 -17.08 3.36
N LYS B 209 -35.03 -16.55 2.98
CA LYS B 209 -35.22 -15.98 1.66
C LYS B 209 -34.65 -14.57 1.59
N LEU B 210 -34.02 -14.27 0.46
CA LEU B 210 -33.51 -12.93 0.19
C LEU B 210 -34.04 -12.47 -1.15
N THR B 211 -34.66 -11.29 -1.17
CA THR B 211 -35.24 -10.75 -2.38
C THR B 211 -34.87 -9.28 -2.48
N PHE B 212 -34.87 -8.76 -3.71
CA PHE B 212 -34.64 -7.34 -3.92
C PHE B 212 -35.68 -6.48 -3.21
N VAL B 213 -36.88 -7.03 -2.97
CA VAL B 213 -37.91 -6.29 -2.25
C VAL B 213 -37.92 -6.57 -0.75
N LYS B 214 -37.32 -7.67 -0.31
CA LYS B 214 -37.27 -8.01 1.11
C LYS B 214 -35.86 -8.36 1.55
N PRO B 215 -35.08 -7.39 2.00
CA PRO B 215 -33.75 -7.69 2.55
C PRO B 215 -33.86 -8.26 3.97
N ILE B 216 -32.69 -8.53 4.54
CA ILE B 216 -32.57 -9.13 5.86
C ILE B 216 -31.70 -8.24 6.72
N GLY B 217 -32.13 -8.00 7.97
CA GLY B 217 -31.35 -7.22 8.90
C GLY B 217 -31.35 -7.84 10.29
N PHE B 218 -30.23 -7.67 10.97
CA PHE B 218 -30.06 -8.15 12.34
C PHE B 218 -29.55 -7.01 13.20
N PHE B 219 -29.98 -6.99 14.46
CA PHE B 219 -29.42 -6.07 15.45
C PHE B 219 -28.58 -6.85 16.44
N LEU B 220 -27.36 -6.38 16.67
CA LEU B 220 -26.43 -7.01 17.61
C LEU B 220 -26.07 -6.02 18.69
N ASN B 221 -26.22 -6.43 19.95
CA ASN B 221 -25.84 -5.62 21.10
C ASN B 221 -24.88 -6.45 21.94
N CYS B 222 -23.58 -6.17 21.80
CA CYS B 222 -22.57 -6.93 22.53
C CYS B 222 -22.54 -6.60 24.01
N SER B 223 -22.82 -5.34 24.39
CA SER B 223 -22.81 -4.98 25.80
C SER B 223 -23.89 -5.71 26.57
N GLU B 224 -25.09 -5.80 26.01
CA GLU B 224 -26.19 -6.47 26.68
C GLU B 224 -26.07 -7.99 26.65
N GLN B 225 -25.50 -8.55 25.59
CA GLN B 225 -25.40 -10.00 25.44
C GLN B 225 -24.10 -10.56 25.98
N ASN B 226 -23.24 -9.71 26.55
CA ASN B 226 -21.97 -10.17 27.09
C ASN B 226 -21.14 -10.87 26.03
N ILE B 227 -20.78 -10.13 24.98
CA ILE B 227 -20.01 -10.66 23.88
C ILE B 227 -18.71 -9.87 23.78
N SER B 228 -17.59 -10.58 23.77
CA SER B 228 -16.28 -9.97 23.54
C SER B 228 -15.74 -10.26 22.14
N GLN B 229 -16.18 -11.36 21.52
CA GLN B 229 -15.70 -11.75 20.20
C GLN B 229 -16.85 -12.45 19.48
N PHE B 230 -17.04 -12.09 18.21
CA PHE B 230 -18.18 -12.59 17.47
C PHE B 230 -17.76 -12.96 16.06
N HIS B 231 -18.28 -14.08 15.57
CA HIS B 231 -18.08 -14.50 14.18
C HIS B 231 -19.43 -14.75 13.53
N VAL B 232 -19.52 -14.40 12.24
CA VAL B 232 -20.74 -14.59 11.45
C VAL B 232 -20.35 -15.25 10.13
N THR B 233 -21.07 -16.31 9.78
CA THR B 233 -20.86 -17.00 8.51
C THR B 233 -22.19 -17.12 7.77
N LEU B 234 -22.16 -16.91 6.47
CA LEU B 234 -23.31 -17.08 5.61
C LEU B 234 -23.02 -18.17 4.57
N TYR B 235 -23.97 -19.08 4.38
CA TYR B 235 -23.86 -20.13 3.39
C TYR B 235 -25.02 -20.03 2.41
N SER B 236 -24.70 -20.15 1.12
CA SER B 236 -25.71 -20.18 0.06
C SER B 236 -25.30 -21.20 -0.99
N GLU B 237 -26.30 -21.79 -1.64
CA GLU B 237 -26.08 -22.78 -2.68
C GLU B 237 -26.08 -22.21 -4.08
N ASP B 238 -26.75 -21.08 -4.30
CA ASP B 238 -26.84 -20.48 -5.62
C ASP B 238 -25.76 -19.42 -5.80
N ASP B 239 -25.61 -18.97 -7.03
CA ASP B 239 -24.57 -18.01 -7.41
C ASP B 239 -25.13 -16.61 -7.63
N ILE B 240 -26.20 -16.27 -6.91
CA ILE B 240 -26.78 -14.94 -7.00
C ILE B 240 -25.94 -13.97 -6.17
N CYS B 241 -25.49 -12.89 -6.81
CA CYS B 241 -24.69 -11.89 -6.10
C CYS B 241 -25.50 -11.21 -5.01
N ALA B 242 -24.91 -11.09 -3.82
CA ALA B 242 -25.51 -10.41 -2.70
C ALA B 242 -24.45 -9.55 -2.02
N ASN B 243 -24.88 -8.77 -1.03
CA ASN B 243 -23.98 -7.90 -0.28
C ASN B 243 -24.22 -8.07 1.21
N LEU B 244 -23.14 -8.16 1.97
CA LEU B 244 -23.20 -8.20 3.42
C LEU B 244 -22.68 -6.87 3.96
N ILE B 245 -23.52 -6.13 4.68
CA ILE B 245 -23.21 -4.79 5.15
C ILE B 245 -23.25 -4.76 6.67
N THR B 246 -22.23 -4.16 7.28
CA THR B 246 -22.16 -3.98 8.71
C THR B 246 -21.76 -2.55 9.04
N VAL B 247 -22.46 -1.96 10.02
CA VAL B 247 -22.12 -0.64 10.53
C VAL B 247 -22.25 -0.65 12.04
N PRO B 248 -21.57 0.25 12.76
CA PRO B 248 -21.91 0.48 14.17
C PRO B 248 -23.33 1.02 14.28
N ALA B 249 -23.98 0.69 15.39
CA ALA B 249 -25.42 0.91 15.52
C ALA B 249 -25.80 2.39 15.51
N ASN B 250 -24.81 3.27 15.66
CA ASN B 250 -25.08 4.70 15.56
C ASN B 250 -24.55 5.30 14.27
N GLU B 251 -24.35 4.47 13.24
CA GLU B 251 -23.90 4.92 11.94
C GLU B 251 -24.92 4.54 10.89
N SER B 252 -24.93 5.28 9.78
CA SER B 252 -25.87 5.07 8.70
C SER B 252 -25.18 4.39 7.53
N ILE B 253 -25.90 3.45 6.91
CA ILE B 253 -25.41 2.77 5.72
C ILE B 253 -25.59 3.60 4.46
N TYR B 254 -26.26 4.73 4.58
CA TYR B 254 -26.60 5.60 3.49
C TYR B 254 -25.93 6.90 3.49
N ASP B 255 -25.68 7.50 4.61
CA ASP B 255 -25.11 8.86 4.70
C ASP B 255 -23.82 8.97 5.24
N ARG B 256 -23.21 10.08 5.06
CA ARG B 256 -21.92 10.35 5.67
C ARG B 256 -22.26 11.10 7.07
N SER B 257 -21.61 10.86 8.19
CA SER B 257 -21.97 11.63 9.43
C SER B 257 -21.91 13.20 9.38
N VAL B 258 -20.80 13.73 8.88
CA VAL B 258 -20.35 15.08 8.54
C VAL B 258 -19.74 14.97 7.15
N ILE B 259 -19.32 16.12 6.59
CA ILE B 259 -18.71 16.04 5.33
C ILE B 259 -17.18 15.75 5.12
N SER B 260 -16.42 15.97 6.18
CA SER B 260 -15.14 15.37 6.39
C SER B 260 -15.18 14.22 7.35
N ASP B 261 -15.09 12.99 6.82
CA ASP B 261 -15.33 11.72 7.50
C ASP B 261 -13.96 11.07 7.35
N LYS B 262 -13.73 10.48 6.17
CA LYS B 262 -12.61 9.60 5.87
C LYS B 262 -12.51 8.52 6.93
N THR B 263 -13.62 8.18 7.56
CA THR B 263 -13.67 7.08 8.51
C THR B 263 -14.23 5.84 7.83
N HIS B 264 -13.50 4.73 7.89
CA HIS B 264 -13.93 3.47 7.31
C HIS B 264 -14.38 2.47 8.38
N ASN B 265 -15.66 2.58 8.78
CA ASN B 265 -16.24 1.67 9.75
C ASN B 265 -17.35 0.81 9.16
N ARG B 266 -17.61 0.92 7.87
CA ARG B 266 -18.67 0.17 7.21
C ARG B 266 -18.08 -0.95 6.37
N ARG B 267 -18.60 -2.16 6.57
CA ARG B 267 -18.17 -3.33 5.81
C ARG B 267 -19.15 -3.56 4.66
N VAL B 268 -18.63 -3.71 3.46
CA VAL B 268 -19.43 -4.13 2.30
C VAL B 268 -18.72 -5.32 1.68
N LEU B 269 -19.37 -6.49 1.75
CA LEU B 269 -18.78 -7.74 1.27
C LEU B 269 -19.70 -8.35 0.22
N SER B 270 -19.27 -8.31 -1.04
CA SER B 270 -19.95 -9.05 -2.09
C SER B 270 -19.68 -10.55 -1.91
N PHE B 271 -20.71 -11.37 -2.09
CA PHE B 271 -20.55 -12.80 -1.94
C PHE B 271 -21.57 -13.52 -2.80
N THR B 272 -21.27 -14.78 -3.11
CA THR B 272 -22.22 -15.67 -3.76
C THR B 272 -22.53 -16.88 -2.89
N LYS B 273 -21.50 -17.60 -2.47
CA LYS B 273 -21.67 -18.84 -1.72
C LYS B 273 -21.26 -18.76 -0.26
N ARG B 274 -20.36 -17.85 0.11
CA ARG B 274 -19.90 -17.80 1.48
C ARG B 274 -19.41 -16.38 1.80
N ALA B 275 -19.71 -15.93 3.02
CA ALA B 275 -19.19 -14.68 3.54
C ALA B 275 -18.87 -14.85 5.01
N ASP B 276 -17.82 -14.20 5.47
CA ASP B 276 -17.37 -14.28 6.86
C ASP B 276 -17.04 -12.88 7.37
N ILE B 277 -17.50 -12.57 8.58
CA ILE B 277 -17.06 -11.37 9.28
C ILE B 277 -16.73 -11.74 10.72
N PHE B 278 -15.64 -11.16 11.21
CA PHE B 278 -15.13 -11.43 12.54
C PHE B 278 -15.10 -10.12 13.31
N PHE B 279 -15.84 -10.06 14.41
CA PHE B 279 -15.80 -8.91 15.31
C PHE B 279 -14.78 -9.20 16.40
N THR B 280 -13.64 -8.52 16.33
CA THR B 280 -12.57 -8.73 17.29
C THR B 280 -12.90 -8.04 18.61
N GLU B 281 -12.06 -8.29 19.62
CA GLU B 281 -12.25 -7.64 20.91
C GLU B 281 -12.11 -6.13 20.82
N THR B 282 -11.13 -5.65 20.04
CA THR B 282 -10.90 -4.22 19.93
C THR B 282 -12.09 -3.50 19.30
N GLU B 283 -12.62 -4.04 18.19
CA GLU B 283 -13.74 -3.41 17.51
C GLU B 283 -14.98 -3.37 18.39
N ILE B 284 -15.28 -4.47 19.07
CA ILE B 284 -16.41 -4.52 19.97
C ILE B 284 -16.23 -3.53 21.11
N SER B 285 -14.99 -3.40 21.60
CA SER B 285 -14.73 -2.43 22.66
C SER B 285 -14.95 -1.00 22.17
N MET B 286 -14.62 -0.71 20.91
CA MET B 286 -14.88 0.63 20.40
C MET B 286 -16.37 0.90 20.24
N PHE B 287 -17.12 -0.03 19.65
CA PHE B 287 -18.47 0.33 19.19
C PHE B 287 -19.61 -0.30 19.99
N LYS B 288 -19.48 -1.56 20.39
CA LYS B 288 -20.40 -2.24 21.32
C LYS B 288 -21.76 -2.59 20.73
N SER B 289 -22.08 -2.13 19.53
CA SER B 289 -23.38 -2.43 18.93
C SER B 289 -23.29 -2.25 17.42
N PHE B 290 -23.91 -3.17 16.68
CA PHE B 290 -23.77 -3.21 15.23
C PHE B 290 -25.09 -3.62 14.61
N ARG B 291 -25.30 -3.19 13.37
CA ARG B 291 -26.40 -3.66 12.54
C ARG B 291 -25.84 -4.37 11.32
N ILE B 292 -26.45 -5.51 10.99
CA ILE B 292 -25.98 -6.36 9.89
C ILE B 292 -27.10 -6.49 8.88
N PHE B 293 -26.79 -6.23 7.61
CA PHE B 293 -27.76 -6.26 6.53
C PHE B 293 -27.26 -7.17 5.41
N VAL B 294 -28.21 -7.81 4.73
CA VAL B 294 -27.96 -8.55 3.51
C VAL B 294 -28.89 -8.00 2.44
N PHE B 295 -28.34 -7.70 1.26
CA PHE B 295 -29.12 -7.21 0.13
C PHE B 295 -28.81 -8.03 -1.11
N ILE B 296 -29.81 -8.17 -1.98
CA ILE B 296 -29.55 -8.61 -3.34
C ILE B 296 -28.85 -7.48 -4.10
N ALA B 297 -27.73 -7.80 -4.74
CA ALA B 297 -26.98 -6.78 -5.46
C ALA B 297 -27.57 -6.61 -6.86
N PRO B 298 -28.08 -5.42 -7.20
CA PRO B 298 -28.70 -5.25 -8.53
C PRO B 298 -27.74 -5.50 -9.69
N ASP B 299 -26.47 -5.17 -9.50
CA ASP B 299 -25.45 -5.39 -10.53
C ASP B 299 -24.42 -6.39 -10.03
N ASP B 300 -24.08 -7.37 -10.87
CA ASP B 300 -23.06 -8.34 -10.52
C ASP B 300 -21.68 -7.73 -10.64
N SER B 301 -21.38 -6.74 -9.80
CA SER B 301 -20.13 -6.00 -9.92
C SER B 301 -18.97 -6.73 -9.28
N GLY B 302 -19.12 -7.12 -8.01
CA GLY B 302 -18.05 -7.82 -7.31
C GLY B 302 -18.21 -9.32 -7.38
N CYS B 303 -19.06 -9.80 -8.30
CA CYS B 303 -19.29 -11.22 -8.47
C CYS B 303 -18.98 -11.75 -9.86
N SER B 304 -19.25 -10.99 -10.91
CA SER B 304 -19.01 -11.46 -12.28
C SER B 304 -19.10 -10.30 -13.27
N SER B 311 -31.47 -7.96 -15.21
CA SER B 311 -32.51 -8.98 -15.08
C SER B 311 -32.52 -9.54 -13.66
N PHE B 312 -33.61 -9.30 -12.94
CA PHE B 312 -33.71 -9.78 -11.56
C PHE B 312 -34.95 -10.66 -11.41
N ASN B 313 -35.52 -10.58 -10.21
CA ASN B 313 -36.58 -11.41 -9.65
C ASN B 313 -36.13 -12.72 -9.02
N GLU B 314 -34.87 -12.75 -8.59
CA GLU B 314 -34.25 -14.00 -8.10
C GLU B 314 -34.71 -14.07 -6.65
N LYS B 315 -34.70 -15.28 -6.13
CA LYS B 315 -34.93 -15.58 -4.72
C LYS B 315 -33.63 -16.25 -4.39
N LYS B 316 -33.00 -15.86 -3.29
CA LYS B 316 -31.70 -16.38 -2.90
C LYS B 316 -31.87 -16.88 -1.48
N LYS B 317 -31.43 -18.12 -1.24
CA LYS B 317 -31.53 -18.76 0.06
C LYS B 317 -30.20 -18.66 0.80
N ILE B 318 -30.24 -18.26 2.05
CA ILE B 318 -29.03 -18.04 2.85
C ILE B 318 -29.22 -18.68 4.22
N SER B 319 -28.20 -19.40 4.67
CA SER B 319 -28.15 -19.94 6.02
C SER B 319 -27.08 -19.19 6.81
N PHE B 320 -27.43 -18.81 8.04
CA PHE B 320 -26.56 -18.03 8.89
C PHE B 320 -26.02 -18.89 10.02
N GLU B 321 -24.87 -18.48 10.55
CA GLU B 321 -24.25 -19.16 11.68
C GLU B 321 -23.56 -18.11 12.53
N PHE B 322 -24.03 -17.92 13.76
CA PHE B 322 -23.53 -16.90 14.66
C PHE B 322 -22.82 -17.58 15.83
N LYS B 323 -21.59 -17.16 16.11
CA LYS B 323 -20.79 -17.79 17.15
C LYS B 323 -20.19 -16.74 18.07
N LYS B 324 -20.38 -16.92 19.38
CA LYS B 324 -19.59 -16.20 20.37
C LYS B 324 -18.26 -16.91 20.55
N LEU B 325 -17.17 -16.15 20.60
CA LEU B 325 -15.84 -16.73 20.71
C LEU B 325 -15.13 -16.20 21.95
N GLU B 326 -14.25 -17.02 22.49
CA GLU B 326 -13.38 -16.66 23.59
C GLU B 326 -11.94 -16.86 23.15
N ASN B 327 -11.01 -16.23 23.87
CA ASN B 327 -9.60 -16.41 23.58
C ASN B 327 -9.20 -17.86 23.81
N GLN B 328 -8.49 -18.42 22.85
CA GLN B 328 -8.14 -19.83 22.89
C GLN B 328 -6.64 -20.00 22.76
N SER B 329 -6.08 -20.86 23.61
CA SER B 329 -4.70 -21.30 23.48
C SER B 329 -4.71 -22.71 22.93
N TYR B 330 -4.33 -22.85 21.66
CA TYR B 330 -4.38 -24.14 20.97
C TYR B 330 -3.21 -25.00 21.43
N ALA B 331 -3.24 -25.35 22.72
CA ALA B 331 -2.11 -26.03 23.34
C ALA B 331 -1.92 -27.43 22.77
N VAL B 332 -2.99 -28.20 22.64
CA VAL B 332 -2.89 -29.58 22.15
C VAL B 332 -2.38 -29.62 20.72
N PRO B 333 -2.96 -28.88 19.76
CA PRO B 333 -2.42 -28.93 18.40
C PRO B 333 -0.99 -28.42 18.30
N THR B 334 -0.66 -27.36 19.03
CA THR B 334 0.71 -26.81 18.96
C THR B 334 1.71 -27.80 19.55
N ALA B 335 1.36 -28.42 20.68
CA ALA B 335 2.26 -29.42 21.26
C ALA B 335 2.43 -30.62 20.35
N LEU B 336 1.34 -31.10 19.74
CA LEU B 336 1.47 -32.21 18.80
C LEU B 336 2.31 -31.84 17.59
N MET B 337 2.15 -30.63 17.05
CA MET B 337 2.98 -30.18 15.94
C MET B 337 4.45 -30.10 16.32
N MET B 338 4.75 -29.55 17.49
CA MET B 338 6.15 -29.48 17.93
C MET B 338 6.75 -30.86 18.16
N ILE B 339 5.98 -31.79 18.72
CA ILE B 339 6.48 -33.14 18.92
C ILE B 339 6.75 -33.82 17.58
N PHE B 340 5.83 -33.63 16.62
CA PHE B 340 6.02 -34.20 15.29
C PHE B 340 7.22 -33.60 14.57
N LEU B 341 7.45 -32.31 14.74
CA LEU B 341 8.58 -31.65 14.08
C LEU B 341 9.91 -31.97 14.73
N THR B 342 9.91 -32.26 16.04
CA THR B 342 11.16 -32.48 16.76
C THR B 342 11.80 -33.83 16.48
N THR B 343 11.01 -34.92 16.43
CA THR B 343 11.63 -36.25 16.38
C THR B 343 12.39 -36.51 15.07
N PRO B 344 12.06 -35.87 13.94
CA PRO B 344 12.97 -35.93 12.79
C PRO B 344 14.38 -35.47 13.09
N CYS B 345 14.56 -34.50 13.99
CA CYS B 345 15.88 -33.94 14.27
C CYS B 345 16.82 -34.96 14.91
N LEU B 346 16.30 -36.10 15.36
CA LEU B 346 17.15 -37.14 15.93
C LEU B 346 18.12 -37.73 14.92
N LEU B 347 17.91 -37.50 13.62
CA LEU B 347 18.88 -37.95 12.64
C LEU B 347 20.17 -37.13 12.69
N PHE B 348 20.10 -35.91 13.20
CA PHE B 348 21.30 -35.09 13.36
C PHE B 348 22.16 -35.57 14.52
N LEU B 349 21.54 -36.13 15.56
CA LEU B 349 22.26 -36.47 16.79
C LEU B 349 23.38 -37.48 16.57
N PRO B 350 23.15 -38.65 15.96
CA PRO B 350 24.18 -39.70 16.02
C PRO B 350 25.46 -39.35 15.28
N ILE B 351 25.39 -38.43 14.33
CA ILE B 351 26.49 -38.21 13.41
C ILE B 351 27.07 -36.80 13.51
N VAL B 352 26.26 -35.79 13.20
CA VAL B 352 26.78 -34.43 13.14
C VAL B 352 27.17 -33.92 14.52
N ILE B 353 26.29 -34.12 15.49
CA ILE B 353 26.54 -33.61 16.84
C ILE B 353 27.63 -34.42 17.53
N ASN B 354 27.70 -35.72 17.27
CA ASN B 354 28.72 -36.55 17.92
C ASN B 354 30.12 -36.20 17.42
N ILE B 355 30.26 -35.79 16.16
CA ILE B 355 31.57 -35.36 15.67
C ILE B 355 31.99 -34.07 16.37
N ILE B 356 31.04 -33.16 16.62
CA ILE B 356 31.33 -31.95 17.38
C ILE B 356 31.75 -32.31 18.80
N LYS B 357 31.06 -33.27 19.42
CA LYS B 357 31.46 -33.70 20.76
C LYS B 357 32.86 -34.31 20.77
N ASN B 358 33.19 -35.11 19.75
CA ASN B 358 34.51 -35.73 19.67
C ASN B 358 35.61 -34.70 19.46
N SER B 359 35.35 -33.71 18.61
CA SER B 359 36.36 -32.69 18.30
C SER B 359 36.71 -31.86 19.53
N SER B 441 40.32 -16.06 7.82
CA SER B 441 39.81 -15.11 8.79
C SER B 441 38.29 -15.15 8.84
N LEU B 442 37.74 -15.06 10.05
CA LEU B 442 36.28 -15.03 10.18
C LEU B 442 35.73 -13.66 9.79
N HIS B 443 36.50 -12.59 10.04
CA HIS B 443 36.09 -11.28 9.55
C HIS B 443 36.34 -11.13 8.05
N GLY B 444 37.19 -11.97 7.48
CA GLY B 444 37.36 -11.97 6.04
C GLY B 444 36.21 -12.62 5.30
N GLN B 445 35.40 -13.40 6.01
CA GLN B 445 34.19 -13.98 5.42
C GLN B 445 32.92 -13.35 5.97
N MET B 446 33.01 -12.62 7.08
CA MET B 446 31.84 -11.98 7.66
C MET B 446 31.47 -10.68 6.95
N LEU B 447 32.44 -9.99 6.35
CA LEU B 447 32.15 -8.76 5.62
C LEU B 447 31.99 -8.96 4.12
N GLN B 448 32.40 -10.10 3.59
CA GLN B 448 32.15 -10.43 2.19
C GLN B 448 31.01 -11.44 2.02
N TYR B 449 30.44 -11.93 3.10
CA TYR B 449 29.24 -12.73 3.00
C TYR B 449 28.09 -11.88 2.47
N PRO B 450 27.33 -12.39 1.51
CA PRO B 450 26.23 -11.57 0.96
C PRO B 450 25.07 -11.50 1.93
N VAL B 451 24.93 -10.37 2.63
CA VAL B 451 23.85 -10.19 3.58
C VAL B 451 22.67 -9.46 2.98
N ALA B 452 22.81 -8.86 1.80
CA ALA B 452 21.70 -8.20 1.12
C ALA B 452 20.66 -9.18 0.63
N ILE B 453 20.93 -10.48 0.69
CA ILE B 453 19.94 -11.48 0.31
C ILE B 453 18.74 -11.50 1.25
N ILE B 454 18.89 -10.95 2.46
CA ILE B 454 17.76 -10.94 3.40
C ILE B 454 16.85 -9.74 3.18
N LEU B 455 17.27 -8.75 2.38
CA LEU B 455 16.55 -7.49 2.21
C LEU B 455 15.16 -7.63 1.57
N PRO B 456 14.97 -8.42 0.51
CA PRO B 456 13.63 -8.53 -0.07
C PRO B 456 12.57 -8.98 0.92
N VAL B 457 12.82 -10.06 1.66
CA VAL B 457 11.87 -10.56 2.64
C VAL B 457 11.64 -9.56 3.76
N LEU B 458 12.70 -8.96 4.30
CA LEU B 458 12.53 -8.06 5.43
C LEU B 458 11.77 -6.80 5.02
N MET B 459 12.07 -6.24 3.85
CA MET B 459 11.31 -5.10 3.36
C MET B 459 9.86 -5.45 3.07
N HIS B 460 9.59 -6.62 2.49
CA HIS B 460 8.22 -7.04 2.26
C HIS B 460 7.47 -7.18 3.59
N THR B 461 8.14 -7.73 4.60
CA THR B 461 7.52 -7.86 5.92
C THR B 461 7.20 -6.49 6.51
N ALA B 462 8.12 -5.54 6.41
CA ALA B 462 7.85 -4.19 6.90
C ALA B 462 6.67 -3.55 6.18
N ILE B 463 6.61 -3.69 4.86
CA ILE B 463 5.51 -3.13 4.09
C ILE B 463 4.18 -3.76 4.49
N GLU B 464 4.14 -5.09 4.64
CA GLU B 464 2.89 -5.74 5.01
C GLU B 464 2.46 -5.37 6.43
N PHE B 465 3.40 -5.28 7.37
CA PHE B 465 3.03 -4.84 8.70
C PHE B 465 2.50 -3.42 8.71
N HIS B 466 3.12 -2.51 7.94
CA HIS B 466 2.59 -1.16 7.82
C HIS B 466 1.19 -1.16 7.25
N LYS B 467 0.95 -1.96 6.21
CA LYS B 467 -0.38 -2.01 5.61
C LYS B 467 -1.42 -2.58 6.57
N TRP B 468 -1.05 -3.58 7.36
CA TRP B 468 -1.97 -4.20 8.31
C TRP B 468 -2.30 -3.29 9.48
N THR B 469 -1.31 -2.55 10.01
CA THR B 469 -1.55 -1.77 11.21
C THR B 469 -2.34 -0.49 10.95
N THR B 470 -2.21 0.12 9.78
CA THR B 470 -2.93 1.36 9.51
C THR B 470 -4.34 1.14 8.99
N SER B 471 -4.72 -0.12 8.73
CA SER B 471 -6.05 -0.42 8.24
C SER B 471 -7.06 -0.44 9.39
N THR B 472 -8.30 -0.05 9.07
CA THR B 472 -9.37 -0.08 10.06
C THR B 472 -9.91 -1.50 10.23
N MET B 473 -10.70 -1.69 11.29
CA MET B 473 -11.28 -3.00 11.55
C MET B 473 -12.20 -3.43 10.41
N ALA B 474 -12.99 -2.51 9.88
CA ALA B 474 -13.90 -2.83 8.80
C ALA B 474 -13.17 -3.22 7.52
N ASN B 475 -12.06 -2.55 7.21
CA ASN B 475 -11.35 -2.83 5.97
C ASN B 475 -10.61 -4.17 6.01
N ARG B 476 -10.24 -4.63 7.20
CA ARG B 476 -9.53 -5.89 7.32
C ARG B 476 -10.37 -7.09 6.85
N ASP B 477 -11.68 -7.05 7.04
CA ASP B 477 -12.55 -8.10 6.54
C ASP B 477 -12.83 -7.96 5.06
N GLU B 478 -12.58 -6.79 4.48
CA GLU B 478 -12.84 -6.58 3.06
C GLU B 478 -11.63 -6.93 2.20
N MET B 479 -10.44 -6.61 2.68
CA MET B 479 -9.24 -6.70 1.84
C MET B 479 -8.49 -8.01 1.98
N CYS B 480 -8.72 -8.78 3.04
CA CYS B 480 -7.98 -10.00 3.29
C CYS B 480 -8.83 -11.22 2.93
N PHE B 481 -8.18 -12.22 2.35
CA PHE B 481 -8.86 -13.42 1.88
C PHE B 481 -8.23 -14.65 2.53
N HIS B 482 -8.95 -15.27 3.44
CA HIS B 482 -8.54 -16.51 4.07
C HIS B 482 -9.44 -17.65 3.62
N ASN B 483 -9.02 -18.88 3.93
CA ASN B 483 -9.89 -20.04 3.87
C ASN B 483 -10.54 -20.12 5.25
N HIS B 484 -11.68 -19.47 5.41
CA HIS B 484 -12.32 -19.31 6.70
C HIS B 484 -12.90 -20.61 7.26
N ALA B 485 -13.06 -21.65 6.42
CA ALA B 485 -13.47 -22.95 6.95
C ALA B 485 -12.35 -23.60 7.75
N CYS B 486 -11.11 -23.16 7.57
CA CYS B 486 -9.94 -23.68 8.27
C CYS B 486 -9.07 -22.54 8.78
N ALA B 487 -9.69 -21.54 9.42
CA ALA B 487 -8.98 -20.38 9.96
C ALA B 487 -9.26 -20.29 11.45
N ARG B 488 -8.23 -20.43 12.27
CA ARG B 488 -8.41 -20.36 13.71
C ARG B 488 -7.82 -19.07 14.24
N PRO B 489 -8.62 -18.21 14.85
CA PRO B 489 -8.15 -16.88 15.24
C PRO B 489 -7.34 -16.86 16.54
N LEU B 490 -6.52 -15.82 16.65
CA LEU B 490 -5.76 -15.51 17.86
C LEU B 490 -5.58 -14.00 17.91
N GLY B 491 -6.29 -13.35 18.83
CA GLY B 491 -6.29 -11.90 18.87
C GLY B 491 -6.94 -11.32 17.63
N GLU B 492 -6.25 -10.41 16.96
CA GLU B 492 -6.72 -9.87 15.69
C GLU B 492 -6.35 -10.73 14.50
N LEU B 493 -5.48 -11.72 14.67
CA LEU B 493 -5.05 -12.57 13.58
C LEU B 493 -6.15 -13.58 13.25
N ARG B 494 -6.59 -13.59 11.99
CA ARG B 494 -7.71 -14.43 11.59
C ARG B 494 -7.35 -15.90 11.44
N ALA B 495 -6.13 -16.21 10.97
CA ALA B 495 -5.71 -17.59 10.76
C ALA B 495 -4.40 -17.80 11.50
N TRP B 496 -4.49 -18.13 12.79
CA TRP B 496 -3.29 -18.37 13.59
C TRP B 496 -2.63 -19.70 13.23
N ASN B 497 -3.41 -20.68 12.75
CA ASN B 497 -2.81 -21.95 12.37
C ASN B 497 -1.86 -21.77 11.19
N ASN B 498 -2.26 -21.00 10.18
CA ASN B 498 -1.44 -20.79 8.99
C ASN B 498 -0.16 -20.01 9.30
N ILE B 499 -0.13 -19.31 10.43
CA ILE B 499 1.07 -18.59 10.82
C ILE B 499 1.98 -19.47 11.68
N ILE B 500 1.44 -20.12 12.70
CA ILE B 500 2.27 -20.91 13.60
C ILE B 500 2.75 -22.21 12.97
N THR B 501 2.13 -22.67 11.88
CA THR B 501 2.62 -23.89 11.26
C THR B 501 3.91 -23.67 10.47
N ASN B 502 4.39 -22.44 10.36
CA ASN B 502 5.67 -22.14 9.72
C ASN B 502 6.85 -22.28 10.67
N ILE B 503 6.63 -22.68 11.92
CA ILE B 503 7.72 -22.78 12.89
C ILE B 503 8.73 -23.87 12.55
N GLY B 504 8.33 -24.86 11.74
CA GLY B 504 9.28 -25.89 11.34
C GLY B 504 10.44 -25.34 10.53
N TYR B 505 10.16 -24.41 9.62
CA TYR B 505 11.23 -23.75 8.87
C TYR B 505 12.18 -23.01 9.80
N THR B 506 11.64 -22.29 10.78
CA THR B 506 12.48 -21.57 11.74
C THR B 506 13.35 -22.53 12.54
N LEU B 507 12.77 -23.64 13.01
CA LEU B 507 13.51 -24.59 13.81
C LEU B 507 14.63 -25.24 13.00
N TYR B 508 14.33 -25.61 11.76
CA TYR B 508 15.33 -26.33 10.97
C TYR B 508 16.41 -25.41 10.42
N GLY B 509 16.08 -24.15 10.11
CA GLY B 509 17.09 -23.23 9.61
C GLY B 509 18.15 -22.91 10.67
N ALA B 510 17.73 -22.65 11.90
CA ALA B 510 18.66 -22.39 12.98
C ALA B 510 19.55 -23.60 13.23
N ILE B 511 18.95 -24.80 13.18
CA ILE B 511 19.73 -26.02 13.36
C ILE B 511 20.77 -26.16 12.24
N PHE B 512 20.36 -25.88 11.01
CA PHE B 512 21.30 -25.93 9.89
C PHE B 512 22.48 -25.00 10.14
N ILE B 513 22.19 -23.76 10.54
CA ILE B 513 23.24 -22.76 10.72
C ILE B 513 24.19 -23.20 11.84
N VAL B 514 23.63 -23.58 12.98
CA VAL B 514 24.46 -23.94 14.14
C VAL B 514 25.31 -25.18 13.83
N LEU B 515 24.70 -26.20 13.24
CA LEU B 515 25.45 -27.42 12.93
C LEU B 515 26.53 -27.17 11.89
N SER B 516 26.24 -26.35 10.87
CA SER B 516 27.25 -26.07 9.87
C SER B 516 28.43 -25.33 10.47
N ILE B 517 28.15 -24.33 11.32
CA ILE B 517 29.23 -23.56 11.93
C ILE B 517 30.06 -24.46 12.85
N CYS B 518 29.40 -25.29 13.66
CA CYS B 518 30.14 -26.09 14.63
C CYS B 518 30.89 -27.23 13.97
N ARG B 519 30.30 -27.86 12.94
CA ARG B 519 30.93 -28.98 12.26
C ARG B 519 32.17 -28.56 11.48
N ARG B 520 32.38 -27.26 11.26
CA ARG B 520 33.53 -26.77 10.51
C ARG B 520 34.83 -27.27 11.11
N GLY B 521 35.73 -27.74 10.24
CA GLY B 521 37.02 -28.23 10.67
C GLY B 521 37.06 -29.74 10.86
N SER B 526 42.16 -33.00 5.83
CA SER B 526 41.42 -31.75 5.99
C SER B 526 41.35 -31.00 4.66
N HIS B 527 42.49 -30.88 4.00
CA HIS B 527 42.52 -30.25 2.68
C HIS B 527 42.99 -31.20 1.60
N VAL B 528 43.23 -32.48 1.92
CA VAL B 528 43.70 -33.46 0.95
C VAL B 528 42.69 -34.57 0.72
N PHE B 529 42.02 -35.02 1.78
CA PHE B 529 41.05 -36.11 1.71
C PHE B 529 39.63 -35.55 1.71
N GLY B 530 38.73 -36.30 1.07
CA GLY B 530 37.31 -35.99 1.11
C GLY B 530 36.90 -34.95 0.11
N THR B 531 35.59 -34.74 0.02
CA THR B 531 35.03 -33.69 -0.81
C THR B 531 35.23 -32.33 -0.14
N TYR B 532 35.08 -31.28 -0.94
CA TYR B 532 35.23 -29.93 -0.40
C TYR B 532 34.10 -29.61 0.58
N GLU B 533 34.46 -28.96 1.67
CA GLU B 533 33.47 -28.61 2.68
C GLU B 533 32.63 -27.43 2.22
N CYS B 534 31.44 -27.31 2.82
CA CYS B 534 30.41 -26.39 2.33
C CYS B 534 29.78 -25.56 3.44
N THR B 535 30.59 -25.05 4.38
CA THR B 535 30.05 -24.39 5.57
C THR B 535 29.18 -23.18 5.23
N LEU B 536 29.70 -22.25 4.44
CA LEU B 536 29.00 -20.99 4.20
C LEU B 536 27.71 -21.17 3.41
N LEU B 537 27.70 -22.07 2.43
CA LEU B 537 26.49 -22.23 1.62
C LEU B 537 25.41 -22.99 2.40
N ASP B 538 25.82 -23.92 3.27
CA ASP B 538 24.87 -24.53 4.19
C ASP B 538 24.30 -23.52 5.18
N VAL B 539 25.13 -22.58 5.65
CA VAL B 539 24.63 -21.48 6.46
C VAL B 539 23.62 -20.66 5.67
N THR B 540 23.86 -20.44 4.38
CA THR B 540 22.92 -19.72 3.54
C THR B 540 21.61 -20.48 3.39
N ILE B 541 21.67 -21.80 3.27
CA ILE B 541 20.46 -22.60 3.18
C ILE B 541 19.63 -22.49 4.46
N GLY B 542 20.30 -22.55 5.62
CA GLY B 542 19.59 -22.33 6.87
C GLY B 542 18.98 -20.93 6.97
N VAL B 543 19.73 -19.93 6.52
CA VAL B 543 19.23 -18.56 6.55
C VAL B 543 17.98 -18.42 5.69
N PHE B 544 17.97 -19.08 4.53
CA PHE B 544 16.80 -18.98 3.67
C PHE B 544 15.64 -19.81 4.21
N MET B 545 15.92 -20.87 4.98
CA MET B 545 14.83 -21.54 5.69
C MET B 545 14.15 -20.59 6.67
N VAL B 546 14.95 -19.85 7.44
CA VAL B 546 14.38 -18.87 8.37
C VAL B 546 13.62 -17.78 7.60
N LEU B 547 14.17 -17.33 6.48
CA LEU B 547 13.48 -16.31 5.68
C LEU B 547 12.17 -16.83 5.12
N GLN B 548 12.11 -18.12 4.75
CA GLN B 548 10.86 -18.70 4.30
C GLN B 548 9.83 -18.70 5.41
N SER B 549 10.24 -19.03 6.65
CA SER B 549 9.30 -18.97 7.76
C SER B 549 8.75 -17.55 7.94
N ILE B 550 9.64 -16.55 7.91
CA ILE B 550 9.20 -15.17 8.10
C ILE B 550 8.26 -14.74 6.99
N ALA B 551 8.63 -15.02 5.73
CA ALA B 551 7.84 -14.58 4.59
C ALA B 551 6.47 -15.24 4.56
N SER B 552 6.41 -16.55 4.84
CA SER B 552 5.12 -17.23 4.82
C SER B 552 4.24 -16.78 5.99
N ALA B 553 4.82 -16.58 7.18
CA ALA B 553 4.03 -16.06 8.29
C ALA B 553 3.48 -14.67 7.98
N THR B 554 4.30 -13.82 7.37
CA THR B 554 3.84 -12.48 6.99
C THR B 554 2.74 -12.55 5.93
N TYR B 555 2.84 -13.50 5.00
CA TYR B 555 1.84 -13.60 3.94
C TYR B 555 0.46 -13.96 4.50
N HIS B 556 0.42 -14.80 5.53
CA HIS B 556 -0.86 -15.29 6.05
C HIS B 556 -1.52 -14.33 7.02
N ILE B 557 -0.92 -13.18 7.31
CA ILE B 557 -1.63 -12.17 8.09
C ILE B 557 -2.77 -11.58 7.28
N CYS B 558 -2.50 -11.19 6.03
CA CYS B 558 -3.54 -10.68 5.14
C CYS B 558 -3.22 -11.11 3.71
N PRO B 559 -3.76 -12.22 3.27
CA PRO B 559 -3.57 -12.66 1.88
C PRO B 559 -4.39 -11.81 0.92
N SER B 560 -3.71 -11.03 0.08
CA SER B 560 -4.35 -10.18 -0.91
C SER B 560 -3.56 -10.24 -2.21
N ASP B 561 -4.01 -9.45 -3.19
CA ASP B 561 -3.33 -9.33 -4.48
C ASP B 561 -2.41 -8.11 -4.40
N VAL B 562 -1.12 -8.37 -4.20
CA VAL B 562 -0.12 -7.33 -4.10
C VAL B 562 0.93 -7.53 -5.19
N ALA B 563 1.92 -6.63 -5.24
CA ALA B 563 2.95 -6.74 -6.26
C ALA B 563 3.78 -8.01 -6.10
N PHE B 564 4.15 -8.34 -4.87
CA PHE B 564 4.98 -9.51 -4.58
C PHE B 564 4.21 -10.46 -3.67
N GLN B 565 3.96 -11.68 -4.14
CA GLN B 565 3.18 -12.66 -3.39
C GLN B 565 3.96 -13.18 -2.18
N PHE B 566 5.10 -13.81 -2.44
CA PHE B 566 6.10 -14.14 -1.42
C PHE B 566 5.65 -15.20 -0.43
N ASP B 567 4.89 -16.18 -0.87
CA ASP B 567 4.60 -17.33 -0.01
C ASP B 567 5.56 -18.48 -0.22
N THR B 568 6.03 -18.73 -1.45
CA THR B 568 7.02 -19.77 -1.69
C THR B 568 8.15 -19.40 -2.66
N PRO B 569 8.78 -18.22 -2.57
CA PRO B 569 10.02 -18.03 -3.36
C PRO B 569 11.27 -18.53 -2.65
N CYS B 570 11.30 -18.45 -1.31
CA CYS B 570 12.46 -18.93 -0.58
C CYS B 570 12.66 -20.43 -0.75
N ILE B 571 11.57 -21.17 -0.94
CA ILE B 571 11.70 -22.60 -1.24
C ILE B 571 12.40 -22.81 -2.58
N GLN B 572 12.07 -22.00 -3.58
CA GLN B 572 12.78 -22.06 -4.86
C GLN B 572 14.25 -21.75 -4.68
N VAL B 573 14.57 -20.74 -3.86
CA VAL B 573 15.96 -20.42 -3.59
C VAL B 573 16.66 -21.60 -2.91
N ILE B 574 15.98 -22.26 -1.97
CA ILE B 574 16.57 -23.39 -1.27
C ILE B 574 16.89 -24.52 -2.25
N CYS B 575 15.96 -24.81 -3.16
CA CYS B 575 16.20 -25.84 -4.16
C CYS B 575 17.36 -25.48 -5.06
N GLY B 576 17.42 -24.24 -5.52
CA GLY B 576 18.55 -23.81 -6.34
C GLY B 576 19.87 -23.90 -5.61
N LEU B 577 19.87 -23.57 -4.31
CA LEU B 577 21.09 -23.66 -3.51
C LEU B 577 21.55 -25.09 -3.32
N LEU B 578 20.63 -26.04 -3.14
CA LEU B 578 21.03 -27.44 -3.08
C LEU B 578 21.61 -27.90 -4.42
N MET B 579 21.02 -27.45 -5.52
CA MET B 579 21.59 -27.78 -6.83
C MET B 579 22.99 -27.22 -6.98
N VAL B 580 23.22 -25.99 -6.52
CA VAL B 580 24.56 -25.38 -6.58
C VAL B 580 25.54 -26.17 -5.73
N ARG B 581 25.12 -26.56 -4.52
CA ARG B 581 25.95 -27.38 -3.65
C ARG B 581 26.41 -28.64 -4.38
N GLN B 582 25.47 -29.39 -4.95
CA GLN B 582 25.87 -30.64 -5.59
C GLN B 582 26.62 -30.42 -6.89
N TRP B 583 26.42 -29.28 -7.54
CA TRP B 583 27.15 -28.95 -8.75
C TRP B 583 28.61 -28.64 -8.50
N PHE B 584 28.94 -28.00 -7.38
CA PHE B 584 30.30 -27.52 -7.16
C PHE B 584 31.10 -28.27 -6.10
N VAL B 585 30.50 -29.23 -5.38
CA VAL B 585 31.15 -29.78 -4.19
C VAL B 585 32.40 -30.57 -4.54
N ARG B 586 32.47 -31.15 -5.73
CA ARG B 586 33.64 -31.94 -6.09
C ARG B 586 34.73 -31.15 -6.80
N HIS B 587 34.48 -29.88 -7.12
CA HIS B 587 35.50 -29.02 -7.71
C HIS B 587 36.07 -28.02 -6.72
N GLU B 588 35.24 -27.45 -5.86
CA GLU B 588 35.66 -26.37 -4.98
C GLU B 588 34.69 -26.28 -3.81
N SER B 589 34.97 -25.35 -2.92
CA SER B 589 34.00 -24.97 -1.91
C SER B 589 32.96 -24.06 -2.55
N PRO B 590 31.68 -24.43 -2.56
CA PRO B 590 30.67 -23.65 -3.29
C PRO B 590 30.52 -22.25 -2.71
N SER B 591 30.40 -21.27 -3.59
CA SER B 591 30.32 -19.88 -3.16
C SER B 591 28.86 -19.46 -2.97
N PRO B 592 28.58 -18.53 -2.04
CA PRO B 592 27.22 -18.01 -1.90
C PRO B 592 26.88 -16.79 -2.77
N ALA B 593 27.63 -16.47 -3.82
CA ALA B 593 27.22 -15.42 -4.77
C ALA B 593 26.30 -15.96 -5.86
N TYR B 594 26.36 -17.28 -6.11
CA TYR B 594 25.31 -17.90 -6.88
C TYR B 594 23.96 -17.67 -6.22
N THR B 595 23.95 -17.42 -4.91
CA THR B 595 22.74 -16.95 -4.24
C THR B 595 22.29 -15.60 -4.81
N ASN B 596 23.22 -14.68 -5.07
CA ASN B 596 22.84 -13.41 -5.67
C ASN B 596 22.10 -13.64 -6.98
N ILE B 597 22.72 -14.41 -7.87
CA ILE B 597 22.10 -14.58 -9.19
C ILE B 597 20.77 -15.33 -9.08
N LEU B 598 20.74 -16.36 -8.23
CA LEU B 598 19.52 -17.16 -8.05
C LEU B 598 18.38 -16.33 -7.46
N LEU B 599 18.68 -15.49 -6.47
CA LEU B 599 17.66 -14.68 -5.82
C LEU B 599 17.12 -13.62 -6.77
N VAL B 600 18.00 -12.98 -7.54
CA VAL B 600 17.53 -12.00 -8.51
C VAL B 600 16.60 -12.67 -9.52
N GLY B 601 17.00 -13.84 -10.02
CA GLY B 601 16.13 -14.55 -10.96
C GLY B 601 14.79 -14.93 -10.36
N VAL B 602 14.80 -15.45 -9.14
CA VAL B 602 13.55 -15.93 -8.52
C VAL B 602 12.60 -14.76 -8.26
N VAL B 603 13.11 -13.67 -7.71
CA VAL B 603 12.25 -12.52 -7.43
C VAL B 603 11.73 -11.90 -8.73
N SER B 604 12.58 -11.83 -9.76
CA SER B 604 12.14 -11.28 -11.04
C SER B 604 11.03 -12.13 -11.65
N LEU B 605 11.18 -13.45 -11.61
CA LEU B 605 10.15 -14.33 -12.13
C LEU B 605 8.86 -14.19 -11.34
N ASN B 606 8.96 -14.09 -10.01
CA ASN B 606 7.77 -13.89 -9.18
C ASN B 606 7.03 -12.63 -9.59
N PHE B 607 7.75 -11.51 -9.71
CA PHE B 607 7.12 -10.25 -10.10
C PHE B 607 6.51 -10.36 -11.50
N LEU B 608 7.22 -10.99 -12.43
CA LEU B 608 6.74 -11.09 -13.80
C LEU B 608 5.46 -11.90 -13.88
N ILE B 609 5.39 -13.00 -13.12
CA ILE B 609 4.16 -13.80 -13.08
C ILE B 609 3.03 -12.98 -12.49
N SER B 610 3.33 -12.20 -11.44
CA SER B 610 2.28 -11.39 -10.81
C SER B 610 1.74 -10.34 -11.76
N ALA B 611 2.63 -9.66 -12.50
CA ALA B 611 2.22 -8.53 -13.32
C ALA B 611 1.39 -8.95 -14.52
N PHE B 612 1.64 -10.13 -15.08
CA PHE B 612 0.96 -10.58 -16.29
C PHE B 612 -0.09 -11.65 -16.02
N SER B 613 -0.58 -11.76 -14.78
CA SER B 613 -1.49 -12.85 -14.44
C SER B 613 -2.85 -12.67 -15.11
N LYS B 614 -3.31 -11.43 -15.25
CA LYS B 614 -4.63 -11.20 -15.86
C LYS B 614 -4.64 -11.53 -17.35
N THR B 615 -3.48 -11.49 -18.00
CA THR B 615 -3.42 -11.70 -19.45
C THR B 615 -3.59 -13.17 -19.79
N SER B 616 -3.65 -13.44 -21.09
CA SER B 616 -3.91 -14.79 -21.58
C SER B 616 -2.67 -15.48 -22.12
N TYR B 617 -1.48 -14.91 -21.93
CA TYR B 617 -0.26 -15.47 -22.46
C TYR B 617 0.86 -15.54 -21.41
N VAL B 618 0.51 -15.42 -20.13
CA VAL B 618 1.54 -15.45 -19.08
C VAL B 618 2.26 -16.79 -19.04
N ARG B 619 1.53 -17.90 -19.22
CA ARG B 619 2.16 -19.22 -19.21
C ARG B 619 3.12 -19.42 -20.37
N PHE B 620 2.89 -18.77 -21.51
CA PHE B 620 3.86 -18.85 -22.61
C PHE B 620 5.15 -18.12 -22.26
N ILE B 621 5.05 -16.98 -21.57
CA ILE B 621 6.24 -16.29 -21.10
C ILE B 621 7.00 -17.17 -20.11
N ILE B 622 6.26 -17.82 -19.20
CA ILE B 622 6.89 -18.72 -18.24
C ILE B 622 7.58 -19.88 -18.96
N ALA B 623 6.92 -20.44 -19.97
CA ALA B 623 7.51 -21.55 -20.72
C ALA B 623 8.77 -21.13 -21.45
N VAL B 624 8.78 -19.93 -22.03
CA VAL B 624 9.98 -19.45 -22.71
C VAL B 624 11.13 -19.29 -21.73
N ILE B 625 10.87 -18.67 -20.58
CA ILE B 625 11.92 -18.50 -19.59
C ILE B 625 12.42 -19.84 -19.09
N HIS B 626 11.50 -20.78 -18.88
CA HIS B 626 11.85 -22.12 -18.43
C HIS B 626 12.77 -22.81 -19.43
N VAL B 627 12.41 -22.74 -20.72
CA VAL B 627 13.23 -23.36 -21.77
C VAL B 627 14.62 -22.73 -21.80
N ILE B 628 14.68 -21.39 -21.71
CA ILE B 628 15.97 -20.70 -21.77
C ILE B 628 16.86 -21.12 -20.60
N VAL B 629 16.29 -21.15 -19.39
CA VAL B 629 17.07 -21.49 -18.20
C VAL B 629 17.59 -22.93 -18.30
N VAL B 630 16.72 -23.86 -18.70
CA VAL B 630 17.15 -25.26 -18.78
C VAL B 630 18.19 -25.46 -19.86
N GLY B 631 18.03 -24.80 -21.00
CA GLY B 631 19.05 -24.88 -22.05
C GLY B 631 20.38 -24.34 -21.60
N SER B 632 20.37 -23.21 -20.89
CA SER B 632 21.62 -22.64 -20.38
C SER B 632 22.29 -23.59 -19.40
N ILE B 633 21.50 -24.21 -18.51
CA ILE B 633 22.08 -25.14 -17.53
C ILE B 633 22.68 -26.36 -18.24
N CYS B 634 21.99 -26.88 -19.25
CA CYS B 634 22.53 -28.00 -20.01
C CYS B 634 23.83 -27.61 -20.73
N LEU B 635 23.87 -26.41 -21.31
CA LEU B 635 25.08 -25.95 -21.97
C LEU B 635 26.23 -25.82 -20.97
N ALA B 636 25.94 -25.32 -19.77
CA ALA B 636 26.99 -25.18 -18.76
C ALA B 636 27.50 -26.54 -18.33
N LYS B 637 26.59 -27.52 -18.18
CA LYS B 637 27.02 -28.87 -17.84
C LYS B 637 27.94 -29.44 -18.92
N GLU B 638 27.54 -29.26 -20.19
CA GLU B 638 28.35 -29.74 -21.30
C GLU B 638 29.74 -29.12 -21.26
N ARG B 639 29.80 -27.79 -21.14
CA ARG B 639 31.09 -27.10 -21.15
C ARG B 639 31.96 -27.52 -19.97
N SER B 640 31.36 -27.68 -18.79
CA SER B 640 32.15 -28.04 -17.61
C SER B 640 32.71 -29.45 -17.72
N LEU B 641 31.87 -30.41 -18.09
CA LEU B 641 32.31 -31.80 -18.10
C LEU B 641 32.88 -32.25 -19.44
N GLY B 642 32.49 -31.61 -20.54
CA GLY B 642 32.82 -32.12 -21.85
C GLY B 642 31.87 -33.22 -22.29
N SER B 643 31.89 -33.51 -23.59
CA SER B 643 30.96 -34.49 -24.17
C SER B 643 31.48 -35.91 -23.97
N GLU B 644 31.83 -36.22 -22.72
CA GLU B 644 32.07 -37.60 -22.33
C GLU B 644 30.74 -38.34 -22.35
N LYS B 645 30.57 -39.22 -23.33
CA LYS B 645 29.28 -39.76 -23.74
C LYS B 645 28.34 -40.13 -22.59
N LEU B 646 28.80 -40.99 -21.68
CA LEU B 646 27.92 -41.52 -20.64
C LEU B 646 27.40 -40.43 -19.70
N LYS B 647 28.29 -39.57 -19.21
CA LYS B 647 27.90 -38.60 -18.19
C LYS B 647 27.03 -37.48 -18.74
N THR B 648 27.54 -36.74 -19.73
CA THR B 648 26.88 -35.51 -20.15
C THR B 648 25.60 -35.75 -20.94
N ARG B 649 25.64 -36.67 -21.91
CA ARG B 649 24.53 -36.83 -22.84
C ARG B 649 23.26 -37.27 -22.12
N PHE B 650 23.36 -38.24 -21.21
CA PHE B 650 22.19 -38.71 -20.50
C PHE B 650 21.63 -37.64 -19.57
N PHE B 651 22.51 -36.87 -18.92
CA PHE B 651 22.05 -35.73 -18.13
C PHE B 651 21.23 -34.77 -18.96
N ILE B 652 21.78 -34.37 -20.12
CA ILE B 652 21.09 -33.39 -20.96
C ILE B 652 19.75 -33.95 -21.41
N MET B 653 19.74 -35.20 -21.88
CA MET B 653 18.51 -35.79 -22.39
C MET B 653 17.45 -35.90 -21.30
N ALA B 654 17.84 -36.38 -20.11
CA ALA B 654 16.88 -36.56 -19.03
C ALA B 654 16.32 -35.22 -18.55
N PHE B 655 17.20 -34.23 -18.39
CA PHE B 655 16.72 -32.92 -17.94
C PHE B 655 15.79 -32.28 -18.97
N SER B 656 16.14 -32.38 -20.25
CA SER B 656 15.28 -31.85 -21.28
C SER B 656 13.92 -32.54 -21.27
N MET B 657 13.91 -33.88 -21.16
CA MET B 657 12.64 -34.60 -21.16
C MET B 657 11.79 -34.23 -19.96
N GLY B 658 12.39 -34.18 -18.77
CA GLY B 658 11.60 -33.85 -17.58
C GLY B 658 11.03 -32.45 -17.64
N ASN B 659 11.85 -31.47 -18.03
CA ASN B 659 11.36 -30.10 -18.06
C ASN B 659 10.37 -29.88 -19.19
N PHE B 660 10.55 -30.56 -20.33
CA PHE B 660 9.57 -30.47 -21.40
C PHE B 660 8.25 -31.11 -21.00
N ALA B 661 8.29 -32.22 -20.27
CA ALA B 661 7.06 -32.81 -19.75
C ALA B 661 6.34 -31.85 -18.83
N ALA B 662 7.09 -31.19 -17.93
CA ALA B 662 6.48 -30.21 -17.04
C ALA B 662 5.86 -29.06 -17.83
N ILE B 663 6.57 -28.56 -18.84
CA ILE B 663 6.12 -27.43 -19.65
C ILE B 663 4.84 -27.81 -20.39
N VAL B 664 4.80 -29.02 -20.93
CA VAL B 664 3.61 -29.54 -21.60
C VAL B 664 2.48 -29.59 -20.60
N MET B 665 2.77 -30.04 -19.37
CA MET B 665 1.75 -30.16 -18.34
C MET B 665 1.10 -28.81 -18.05
N TYR B 666 1.88 -27.84 -17.55
CA TYR B 666 1.23 -26.63 -17.08
C TYR B 666 0.75 -25.74 -18.22
N LEU B 667 1.17 -26.01 -19.45
CA LEU B 667 0.63 -25.27 -20.58
C LEU B 667 -0.76 -25.74 -20.97
N THR B 668 -1.02 -27.05 -20.85
CA THR B 668 -2.25 -27.66 -21.36
C THR B 668 -2.91 -28.54 -20.29
N LEU B 669 -3.02 -28.05 -19.07
CA LEU B 669 -3.78 -28.80 -18.07
C LEU B 669 -4.84 -27.95 -17.38
N SER B 670 -4.51 -26.69 -17.08
CA SER B 670 -5.35 -25.71 -16.40
C SER B 670 -5.62 -26.07 -14.95
N ALA B 671 -5.18 -27.25 -14.47
CA ALA B 671 -5.27 -27.59 -13.06
C ALA B 671 -4.07 -27.10 -12.27
N PHE B 672 -3.02 -26.65 -12.95
CA PHE B 672 -1.88 -26.01 -12.31
C PHE B 672 -2.14 -24.51 -12.25
N HIS B 673 -2.24 -23.98 -11.04
CA HIS B 673 -2.45 -22.55 -10.87
C HIS B 673 -1.14 -21.80 -11.09
N LEU B 674 -1.27 -20.51 -11.39
CA LEU B 674 -0.09 -19.69 -11.66
C LEU B 674 0.84 -19.62 -10.45
N ASN B 675 0.28 -19.61 -9.24
CA ASN B 675 1.10 -19.42 -8.05
C ASN B 675 1.91 -20.66 -7.70
N GLN B 676 1.68 -21.78 -8.38
CA GLN B 676 2.35 -23.03 -8.05
C GLN B 676 3.38 -23.47 -9.08
N ILE B 677 3.38 -22.88 -10.28
CA ILE B 677 4.17 -23.41 -11.39
C ILE B 677 5.66 -23.33 -11.10
N ALA B 678 6.14 -22.15 -10.69
CA ALA B 678 7.56 -21.96 -10.45
C ALA B 678 8.07 -22.81 -9.30
N THR B 679 7.29 -22.90 -8.22
CA THR B 679 7.70 -23.73 -7.09
C THR B 679 7.78 -25.20 -7.49
N TYR B 680 6.79 -25.70 -8.23
CA TYR B 680 6.85 -27.08 -8.69
C TYR B 680 8.05 -27.32 -9.59
N CYS B 681 8.35 -26.38 -10.49
CA CYS B 681 9.49 -26.54 -11.38
C CYS B 681 10.81 -26.60 -10.60
N PHE B 682 10.98 -25.72 -9.62
CA PHE B 682 12.20 -25.73 -8.83
C PHE B 682 12.34 -27.02 -8.04
N ILE B 683 11.26 -27.49 -7.41
CA ILE B 683 11.33 -28.73 -6.65
C ILE B 683 11.66 -29.90 -7.54
N ILE B 684 11.00 -30.01 -8.70
CA ILE B 684 11.25 -31.13 -9.60
C ILE B 684 12.69 -31.12 -10.11
N ASN B 685 13.21 -29.95 -10.48
CA ASN B 685 14.58 -29.90 -10.97
C ASN B 685 15.58 -30.25 -9.88
N CYS B 686 15.33 -29.79 -8.65
CA CYS B 686 16.22 -30.17 -7.55
C CYS B 686 16.23 -31.68 -7.34
N ILE B 687 15.05 -32.30 -7.33
CA ILE B 687 14.99 -33.74 -7.12
C ILE B 687 15.67 -34.49 -8.25
N MET B 688 15.46 -34.04 -9.49
CA MET B 688 16.10 -34.67 -10.63
C MET B 688 17.62 -34.59 -10.53
N TYR B 689 18.15 -33.43 -10.13
CA TYR B 689 19.61 -33.32 -10.02
C TYR B 689 20.16 -34.17 -8.87
N LEU B 690 19.44 -34.25 -7.76
CA LEU B 690 19.91 -35.11 -6.68
C LEU B 690 19.90 -36.58 -7.10
N MET B 691 18.87 -37.00 -7.83
CA MET B 691 18.83 -38.37 -8.34
C MET B 691 19.97 -38.62 -9.30
N TYR B 692 20.27 -37.65 -10.17
CA TYR B 692 21.40 -37.80 -11.09
C TYR B 692 22.71 -37.94 -10.33
N TYR B 693 22.91 -37.12 -9.29
CA TYR B 693 24.13 -37.20 -8.49
C TYR B 693 24.26 -38.57 -7.83
N GLY B 694 23.18 -39.08 -7.26
CA GLY B 694 23.22 -40.40 -6.65
C GLY B 694 23.50 -41.51 -7.64
N CYS B 695 22.86 -41.46 -8.81
CA CYS B 695 23.12 -42.48 -9.83
C CYS B 695 24.55 -42.41 -10.33
N MET B 696 25.11 -41.20 -10.44
CA MET B 696 26.50 -41.06 -10.82
C MET B 696 27.42 -41.68 -9.77
N LYS B 697 27.12 -41.45 -8.49
CA LYS B 697 27.89 -42.11 -7.45
C LYS B 697 27.83 -43.62 -7.60
N VAL B 698 26.63 -44.15 -7.85
CA VAL B 698 26.50 -45.60 -7.94
C VAL B 698 27.25 -46.17 -9.14
N LEU B 699 27.12 -45.55 -10.31
CA LEU B 699 27.73 -46.10 -11.52
C LEU B 699 29.21 -45.76 -11.65
N HIS B 700 29.77 -44.95 -10.75
CA HIS B 700 31.21 -44.74 -10.67
C HIS B 700 31.83 -45.66 -9.62
N SER B 701 31.11 -46.72 -9.26
CA SER B 701 31.55 -47.71 -8.28
C SER B 701 31.90 -47.08 -6.94
N GLU B 702 31.08 -46.15 -6.47
CA GLU B 702 31.13 -45.65 -5.10
C GLU B 702 29.94 -46.24 -4.34
N ARG B 703 29.96 -46.07 -3.01
CA ARG B 703 28.93 -46.64 -2.17
C ARG B 703 28.17 -45.54 -1.45
N ILE B 704 26.85 -45.63 -1.47
CA ILE B 704 25.99 -44.75 -0.70
C ILE B 704 25.68 -45.44 0.62
N THR B 705 25.95 -44.76 1.73
CA THR B 705 25.70 -45.36 3.03
C THR B 705 24.21 -45.60 3.24
N SER B 706 23.89 -46.61 4.04
CA SER B 706 22.49 -46.91 4.32
C SER B 706 21.78 -45.73 4.97
N LYS B 707 22.51 -44.94 5.75
CA LYS B 707 21.95 -43.72 6.33
C LYS B 707 21.57 -42.73 5.23
N ALA B 708 22.44 -42.56 4.24
CA ALA B 708 22.13 -41.65 3.14
C ALA B 708 20.99 -42.18 2.28
N LYS B 709 20.90 -43.50 2.09
CA LYS B 709 19.75 -44.06 1.38
C LYS B 709 18.45 -43.82 2.13
N LEU B 710 18.50 -43.97 3.47
CA LEU B 710 17.32 -43.68 4.28
C LEU B 710 16.91 -42.22 4.15
N CYS B 711 17.88 -41.30 4.22
CA CYS B 711 17.56 -39.89 4.11
C CYS B 711 17.05 -39.54 2.72
N GLY B 712 17.59 -40.15 1.67
CA GLY B 712 17.08 -39.90 0.33
C GLY B 712 15.65 -40.40 0.15
N ALA B 713 15.35 -41.59 0.67
CA ALA B 713 13.99 -42.09 0.62
C ALA B 713 13.04 -41.21 1.40
N LEU B 714 13.44 -40.77 2.59
CA LEU B 714 12.58 -39.89 3.38
C LEU B 714 12.37 -38.55 2.69
N SER B 715 13.42 -38.01 2.05
CA SER B 715 13.30 -36.77 1.30
C SER B 715 12.32 -36.92 0.14
N LEU B 716 12.43 -38.03 -0.60
CA LEU B 716 11.50 -38.25 -1.70
C LEU B 716 10.06 -38.38 -1.23
N LEU B 717 9.84 -39.10 -0.13
CA LEU B 717 8.48 -39.26 0.38
C LEU B 717 7.93 -37.93 0.88
N ALA B 718 8.74 -37.17 1.62
CA ALA B 718 8.28 -35.90 2.18
C ALA B 718 7.98 -34.89 1.07
N TRP B 719 8.81 -34.86 0.02
CA TRP B 719 8.52 -33.96 -1.09
C TRP B 719 7.22 -34.31 -1.79
N ALA B 720 6.95 -35.60 -1.98
CA ALA B 720 5.69 -36.02 -2.60
C ALA B 720 4.49 -35.67 -1.74
N VAL B 721 4.57 -35.89 -0.43
CA VAL B 721 3.45 -35.53 0.45
C VAL B 721 3.23 -34.02 0.46
N ALA B 722 4.33 -33.25 0.54
CA ALA B 722 4.22 -31.81 0.51
C ALA B 722 3.60 -31.32 -0.79
N GLY B 723 4.00 -31.92 -1.92
CA GLY B 723 3.40 -31.55 -3.19
C GLY B 723 1.94 -31.90 -3.30
N PHE B 724 1.54 -33.06 -2.76
CA PHE B 724 0.13 -33.40 -2.75
C PHE B 724 -0.69 -32.38 -1.98
N PHE B 725 -0.20 -31.96 -0.82
CA PHE B 725 -0.94 -30.95 -0.05
C PHE B 725 -0.85 -29.56 -0.68
N PHE B 726 0.26 -29.24 -1.36
CA PHE B 726 0.39 -27.97 -2.07
C PHE B 726 -0.61 -27.88 -3.21
N PHE B 727 -0.88 -29.01 -3.87
CA PHE B 727 -1.81 -29.02 -5.00
C PHE B 727 -3.21 -28.56 -4.61
N GLN B 728 -3.56 -28.66 -3.32
CA GLN B 728 -4.90 -28.31 -2.85
C GLN B 728 -5.09 -26.81 -2.64
N ASP B 729 -4.10 -25.98 -2.96
CA ASP B 729 -4.13 -24.55 -2.61
C ASP B 729 -5.35 -23.83 -3.15
N ASP B 730 -5.49 -23.79 -4.48
CA ASP B 730 -6.63 -23.15 -5.13
C ASP B 730 -6.68 -21.66 -4.72
N THR B 731 -5.68 -20.90 -5.14
CA THR B 731 -5.66 -19.46 -4.97
C THR B 731 -5.56 -18.82 -6.35
N ASP B 732 -6.40 -17.81 -6.59
CA ASP B 732 -6.51 -17.23 -7.92
C ASP B 732 -6.99 -15.80 -7.76
N TRP B 733 -6.11 -14.84 -8.04
CA TRP B 733 -6.43 -13.43 -7.87
C TRP B 733 -7.06 -12.82 -9.11
N THR B 734 -7.31 -13.60 -10.16
CA THR B 734 -7.97 -13.10 -11.35
C THR B 734 -9.49 -13.16 -11.25
N ARG B 735 -10.04 -13.97 -10.36
CA ARG B 735 -11.48 -14.07 -10.21
C ARG B 735 -12.01 -12.94 -9.31
N SER B 736 -13.33 -12.87 -9.20
CA SER B 736 -13.95 -11.82 -8.41
C SER B 736 -13.77 -12.09 -6.92
N ALA B 737 -14.03 -11.05 -6.12
CA ALA B 737 -13.90 -11.17 -4.67
C ALA B 737 -14.89 -12.18 -4.10
N ALA B 738 -16.11 -12.23 -4.65
CA ALA B 738 -17.07 -13.24 -4.21
C ALA B 738 -16.57 -14.65 -4.47
N ALA B 739 -16.00 -14.89 -5.66
CA ALA B 739 -15.44 -16.20 -5.97
C ALA B 739 -14.30 -16.56 -5.03
N SER B 740 -13.42 -15.60 -4.70
CA SER B 740 -12.39 -15.85 -3.71
C SER B 740 -12.96 -16.13 -2.33
N ARG B 741 -14.09 -15.51 -1.98
CA ARG B 741 -14.73 -15.75 -0.70
C ARG B 741 -15.52 -17.04 -0.66
N ALA B 742 -15.77 -17.67 -1.81
CA ALA B 742 -16.52 -18.92 -1.84
C ALA B 742 -15.70 -20.13 -1.41
N LEU B 743 -14.44 -19.97 -0.98
CA LEU B 743 -13.60 -21.10 -0.60
C LEU B 743 -14.09 -21.72 0.70
N ASN B 744 -14.29 -23.04 0.70
CA ASN B 744 -14.93 -23.70 1.82
C ASN B 744 -14.29 -25.04 2.20
N LYS B 745 -12.96 -25.09 2.26
CA LYS B 745 -12.33 -26.38 2.61
C LYS B 745 -12.09 -26.46 4.12
N PRO B 746 -12.59 -27.48 4.79
CA PRO B 746 -12.46 -27.56 6.25
C PRO B 746 -11.12 -28.12 6.69
N CYS B 747 -10.84 -27.95 7.98
CA CYS B 747 -9.59 -28.42 8.56
C CYS B 747 -9.56 -29.95 8.60
N LEU B 748 -8.44 -30.52 8.18
CA LEU B 748 -8.33 -31.97 8.06
C LEU B 748 -8.15 -32.63 9.43
N LEU B 749 -7.37 -32.01 10.31
CA LEU B 749 -6.91 -32.67 11.53
C LEU B 749 -7.16 -31.79 12.74
N LEU B 750 -7.76 -32.39 13.78
CA LEU B 750 -7.97 -31.77 15.08
C LEU B 750 -8.70 -30.42 14.99
N GLY B 751 -9.37 -30.17 13.87
CA GLY B 751 -10.00 -28.88 13.67
C GLY B 751 -9.03 -27.72 13.67
N PHE B 752 -7.74 -28.01 13.45
CA PHE B 752 -6.71 -26.97 13.48
C PHE B 752 -5.86 -26.99 12.20
N PHE B 753 -5.58 -28.17 11.67
CA PHE B 753 -4.67 -28.33 10.55
C PHE B 753 -5.45 -28.61 9.27
N GLY B 754 -5.24 -27.77 8.25
CA GLY B 754 -5.76 -28.00 6.93
C GLY B 754 -4.69 -28.44 5.95
N SER B 755 -5.02 -28.35 4.66
CA SER B 755 -4.09 -28.73 3.63
C SER B 755 -2.88 -27.80 3.57
N HIS B 756 -3.11 -26.50 3.73
CA HIS B 756 -2.00 -25.55 3.64
C HIS B 756 -1.10 -25.63 4.88
N ASP B 757 -1.70 -25.85 6.05
CA ASP B 757 -0.91 -26.06 7.26
C ASP B 757 -0.02 -27.29 7.13
N LEU B 758 -0.56 -28.38 6.56
CA LEU B 758 0.24 -29.57 6.34
C LEU B 758 1.29 -29.37 5.26
N TRP B 759 1.00 -28.55 4.25
CA TRP B 759 2.01 -28.20 3.27
C TRP B 759 3.20 -27.49 3.89
N HIS B 760 2.95 -26.57 4.83
CA HIS B 760 4.05 -25.93 5.56
C HIS B 760 4.93 -26.97 6.26
N ILE B 761 4.31 -27.82 7.06
CA ILE B 761 5.05 -28.76 7.91
C ILE B 761 5.83 -29.74 7.05
N PHE B 762 5.18 -30.29 6.01
CA PHE B 762 5.86 -31.30 5.21
C PHE B 762 6.88 -30.72 4.24
N GLY B 763 6.70 -29.47 3.80
CA GLY B 763 7.77 -28.82 3.07
C GLY B 763 8.99 -28.59 3.93
N ALA B 764 8.78 -28.19 5.19
CA ALA B 764 9.90 -28.06 6.11
C ALA B 764 10.61 -29.40 6.32
N LEU B 765 9.83 -30.48 6.48
CA LEU B 765 10.42 -31.80 6.63
C LEU B 765 11.21 -32.21 5.40
N ALA B 766 10.67 -31.95 4.21
CA ALA B 766 11.37 -32.30 2.98
C ALA B 766 12.69 -31.55 2.87
N GLY B 767 12.68 -30.26 3.20
CA GLY B 767 13.91 -29.50 3.22
C GLY B 767 14.93 -30.07 4.19
N LEU B 768 14.49 -30.41 5.39
CA LEU B 768 15.39 -31.00 6.39
C LEU B 768 16.02 -32.30 5.90
N PHE B 769 15.19 -33.19 5.34
CA PHE B 769 15.71 -34.48 4.90
C PHE B 769 16.64 -34.34 3.71
N THR B 770 16.34 -33.41 2.80
CA THR B 770 17.23 -33.16 1.67
C THR B 770 18.58 -32.62 2.14
N PHE B 771 18.55 -31.69 3.09
CA PHE B 771 19.78 -31.15 3.65
C PHE B 771 20.62 -32.25 4.29
N ILE B 772 19.97 -33.13 5.06
CA ILE B 772 20.69 -34.21 5.72
C ILE B 772 21.28 -35.16 4.67
N PHE B 773 20.52 -35.44 3.61
CA PHE B 773 20.99 -36.35 2.58
C PHE B 773 22.23 -35.80 1.88
N VAL B 774 22.22 -34.52 1.51
CA VAL B 774 23.38 -33.98 0.81
C VAL B 774 24.57 -33.84 1.77
N SER B 775 24.28 -33.67 3.06
CA SER B 775 25.36 -33.66 4.04
C SER B 775 26.00 -35.04 4.20
N PHE B 776 25.23 -36.10 4.02
CA PHE B 776 25.71 -37.45 4.30
C PHE B 776 26.14 -38.26 3.07
N VAL B 777 25.73 -37.85 1.86
CA VAL B 777 25.87 -38.73 0.71
C VAL B 777 27.33 -39.03 0.34
N ASP B 778 28.24 -38.10 0.56
CA ASP B 778 29.64 -38.27 0.20
C ASP B 778 30.51 -38.64 1.41
N ASP B 779 29.92 -39.29 2.40
CA ASP B 779 30.65 -39.72 3.58
C ASP B 779 31.44 -41.00 3.35
N ASP B 780 31.28 -41.63 2.20
CA ASP B 780 32.09 -42.79 1.82
C ASP B 780 33.43 -42.35 1.22
N LEU B 781 33.59 -41.06 0.94
CA LEU B 781 34.79 -40.54 0.31
C LEU B 781 35.63 -39.72 1.30
N ILE B 782 35.34 -39.81 2.60
CA ILE B 782 36.01 -39.00 3.59
C ILE B 782 37.50 -39.28 3.65
N ASN B 783 37.92 -40.51 3.35
CA ASN B 783 39.33 -40.87 3.33
C ASN B 783 39.92 -40.95 1.93
N THR B 784 39.12 -40.81 0.88
CA THR B 784 39.63 -40.78 -0.48
C THR B 784 40.34 -39.46 -0.74
N ARG B 785 41.41 -39.48 -1.53
CA ARG B 785 42.23 -38.30 -1.78
C ARG B 785 41.54 -37.44 -2.83
N LYS B 786 41.65 -36.12 -2.66
CA LYS B 786 40.94 -35.18 -3.51
C LYS B 786 41.34 -35.28 -4.97
N THR B 787 42.56 -35.73 -5.23
CA THR B 787 43.02 -35.91 -6.61
C THR B 787 42.44 -37.16 -7.25
N SER B 788 42.08 -38.17 -6.47
CA SER B 788 41.50 -39.40 -6.99
C SER B 788 39.98 -39.41 -6.90
N ILE B 789 39.36 -38.32 -6.46
CA ILE B 789 37.91 -38.24 -6.39
C ILE B 789 37.36 -38.00 -7.80
N ASN B 790 36.37 -38.79 -8.18
CA ASN B 790 35.75 -38.64 -9.50
C ASN B 790 35.01 -37.31 -9.59
N ILE B 791 34.93 -36.78 -10.81
CA ILE B 791 34.31 -35.49 -11.06
C ILE B 791 33.04 -35.70 -11.87
N PHE B 792 31.94 -35.18 -11.35
CA PHE B 792 30.68 -35.12 -12.10
C PHE B 792 29.74 -34.10 -11.46
C1 NAG C . -24.19 21.71 -19.82
C2 NAG C . -24.56 20.29 -19.43
C3 NAG C . -24.31 19.32 -20.59
C4 NAG C . -24.10 20.08 -21.89
C5 NAG C . -22.90 21.00 -21.76
C6 NAG C . -22.83 22.04 -22.86
C7 NAG C . -24.05 20.34 -17.02
C8 NAG C . -23.21 19.76 -15.93
N2 NAG C . -23.83 19.85 -18.24
O3 NAG C . -25.41 18.43 -20.70
O4 NAG C . -23.81 19.15 -22.93
O5 NAG C . -22.92 21.72 -20.51
O6 NAG C . -21.86 21.70 -23.84
O7 NAG C . -24.88 21.22 -16.81
C1 NAG C . -24.88 18.83 -23.86
C2 NAG C . -26.07 19.78 -23.78
C3 NAG C . -26.59 20.10 -25.18
C4 NAG C . -26.56 18.88 -26.09
C5 NAG C . -25.16 18.27 -26.15
C6 NAG C . -24.48 18.49 -27.48
C7 NAG C . -28.17 19.94 -22.52
C8 NAG C . -29.16 19.20 -21.67
N2 NAG C . -27.12 19.23 -22.95
O3 NAG C . -25.82 21.15 -25.76
O4 NAG C . -27.48 17.89 -25.62
O5 NAG C . -24.31 18.87 -25.16
O6 NAG C . -23.24 19.16 -27.31
O7 NAG C . -28.33 21.13 -22.80
C1 NAG D . -21.54 10.65 -15.09
C2 NAG D . -20.12 10.18 -15.39
C3 NAG D . -19.91 8.79 -14.83
C4 NAG D . -21.04 7.87 -15.28
C5 NAG D . -22.37 8.43 -14.79
C6 NAG D . -23.02 7.58 -13.74
C7 NAG D . -19.81 11.33 -17.54
C8 NAG D . -19.56 11.14 -19.01
N2 NAG D . -19.88 10.20 -16.81
O3 NAG D . -19.87 8.84 -13.41
O4 NAG D . -21.06 7.89 -16.71
O5 NAG D . -22.17 9.72 -14.20
O6 NAG D . -23.80 8.37 -12.85
O7 NAG D . -19.94 12.44 -17.04
C1 NAG D . -20.74 6.68 -17.44
C2 NAG D . -19.67 5.81 -16.75
C3 NAG D . -19.44 4.54 -17.56
C4 NAG D . -20.75 3.81 -17.82
C5 NAG D . -21.78 4.76 -18.44
C6 NAG D . -23.14 4.12 -18.60
C7 NAG D . -17.61 6.37 -15.55
C8 NAG D . -16.37 7.22 -15.54
N2 NAG D . -18.43 6.54 -16.59
O3 NAG D . -18.55 3.68 -16.87
O4 NAG D . -20.53 2.73 -18.72
O5 NAG D . -21.96 5.91 -17.60
O6 NAG D . -24.18 5.02 -18.22
O7 NAG D . -17.86 5.57 -14.65
C1 NAG E . -28.81 -0.79 24.84
C2 NAG E . -28.18 0.53 24.43
C3 NAG E . -27.15 1.00 25.46
C4 NAG E . -27.31 0.22 26.76
C5 NAG E . -27.09 -1.27 26.50
C6 NAG E . -27.57 -2.15 27.63
C7 NAG E . -28.24 0.30 21.97
C8 NAG E . -27.42 0.23 20.73
N2 NAG E . -27.55 0.43 23.11
O3 NAG E . -27.33 2.38 25.70
O4 NAG E . -26.30 0.63 27.67
O5 NAG E . -27.80 -1.70 25.32
O6 NAG E . -26.49 -2.61 28.42
O7 NAG E . -29.47 0.24 21.96
C1 NAG E . -26.69 1.53 28.74
C2 NAG E . -28.21 1.65 28.92
C3 NAG E . -28.58 1.69 30.41
C4 NAG E . -27.57 2.49 31.21
C5 NAG E . -26.15 1.99 31.01
C6 NAG E . -25.59 1.28 32.23
C7 NAG E . -30.03 3.03 28.04
C8 NAG E . -30.38 4.30 27.31
N2 NAG E . -28.73 2.82 28.24
O3 NAG E . -28.64 0.36 30.92
O4 NAG E . -27.64 3.87 30.84
O5 NAG E . -26.12 1.03 29.95
O6 NAG E . -25.18 -0.04 31.90
O7 NAG E . -30.90 2.25 28.41
C1 NAG F . -20.19 5.83 19.04
C2 NAG F . -18.81 5.19 19.07
C3 NAG F . -17.80 6.10 18.39
C4 NAG F . -17.91 7.51 18.96
C5 NAG F . -19.33 8.03 18.74
C6 NAG F . -19.39 9.17 17.75
C7 NAG F . -19.01 4.00 21.22
C8 NAG F . -18.46 3.87 22.61
N2 NAG F . -18.42 4.92 20.44
O3 NAG F . -18.04 6.13 17.00
O4 NAG F . -17.71 7.40 20.37
O5 NAG F . -20.16 6.98 18.20
O6 NAG F . -20.63 9.17 17.05
O7 NAG F . -19.94 3.30 20.82
C1 NAG F . -16.54 8.04 20.97
C2 NAG F . -15.30 8.00 20.06
C3 NAG F . -14.14 8.72 20.74
C4 NAG F . -14.54 10.12 21.16
C5 NAG F . -15.82 10.08 21.99
C6 NAG F . -16.35 11.46 22.34
C7 NAG F . -14.40 6.26 18.57
C8 NAG F . -14.08 4.80 18.42
N2 NAG F . -14.93 6.63 19.75
O3 NAG F . -13.02 8.77 19.85
O4 NAG F . -13.51 10.71 21.94
O5 NAG F . -16.87 9.42 21.27
O6 NAG F . -17.76 11.53 22.18
O7 NAG F . -14.17 7.07 17.68
ZN ZN G . 14.57 14.20 -4.65
C1 CLR H . 22.12 28.76 4.70
C2 CLR H . 20.75 29.09 5.29
C3 CLR H . 20.87 29.91 6.57
C4 CLR H . 21.76 29.20 7.59
C5 CLR H . 22.49 28.01 7.02
C6 CLR H . 22.21 26.80 7.48
C7 CLR H . 22.89 25.55 7.00
C8 CLR H . 24.12 25.90 6.18
C9 CLR H . 23.80 26.94 5.12
C10 CLR H . 23.18 28.26 5.69
C11 CLR H . 25.01 27.20 4.22
C12 CLR H . 25.69 25.94 3.68
C13 CLR H . 26.02 24.95 4.79
C14 CLR H . 24.68 24.67 5.49
C15 CLR H . 24.89 23.40 6.29
C16 CLR H . 25.81 22.57 5.38
C17 CLR H . 26.46 23.52 4.35
C18 CLR H . 27.06 25.53 5.76
C19 CLR H . 24.27 29.33 5.89
C20 CLR H . 27.96 23.25 4.18
C21 CLR H . 28.54 23.85 2.91
C22 CLR H . 28.23 21.74 4.23
C23 CLR H . 29.66 21.36 4.55
C24 CLR H . 30.05 20.04 3.91
C25 CLR H . 29.64 19.92 2.44
C26 CLR H . 30.89 19.93 1.55
C27 CLR H . 28.78 18.70 2.18
O1 CLR H . 21.39 31.17 6.23
C1 CLR I . 49.03 21.36 2.23
C2 CLR I . 49.37 22.67 2.95
C3 CLR I . 49.63 22.44 4.42
C4 CLR I . 48.47 21.73 5.09
C5 CLR I . 47.42 21.27 4.11
C6 CLR I . 46.12 21.43 4.40
C7 CLR I . 44.99 20.86 3.60
C8 CLR I . 45.46 19.90 2.50
C9 CLR I . 46.72 20.44 1.85
C10 CLR I . 47.90 20.55 2.87
C11 CLR I . 47.09 19.68 0.57
C12 CLR I . 45.93 19.54 -0.41
C13 CLR I . 44.71 18.87 0.24
C14 CLR I . 44.37 19.73 1.47
C15 CLR I . 43.03 19.20 1.94
C16 CLR I . 42.30 18.92 0.60
C17 CLR I . 43.37 18.94 -0.52
C18 CLR I . 45.02 17.41 0.61
C19 CLR I . 48.40 19.15 3.27
C20 CLR I . 43.03 17.91 -1.61
C21 CLR I . 43.78 18.14 -2.93
C22 CLR I . 41.52 17.95 -1.87
C23 CLR I . 40.77 16.64 -1.67
C24 CLR I . 39.33 16.80 -2.14
C25 CLR I . 38.40 15.64 -1.81
C26 CLR I . 37.60 15.97 -0.55
C27 CLR I . 37.45 15.32 -2.95
O1 CLR I . 50.83 21.70 4.54
C1 CLR J . 6.72 13.26 -25.01
C2 CLR J . 5.37 13.80 -24.52
C3 CLR J . 4.99 15.15 -25.14
C4 CLR J . 6.13 16.16 -25.02
C5 CLR J . 7.42 15.56 -24.53
C6 CLR J . 7.85 15.87 -23.32
C7 CLR J . 9.11 15.33 -22.74
C8 CLR J . 9.98 14.74 -23.85
C9 CLR J . 9.16 13.72 -24.66
C10 CLR J . 7.84 14.28 -25.24
C11 CLR J . 10.07 13.04 -25.69
C12 CLR J . 11.39 12.48 -25.13
C13 CLR J . 12.18 13.54 -24.34
C14 CLR J . 11.21 14.06 -23.27
C15 CLR J . 12.08 14.82 -22.28
C16 CLR J . 13.31 13.90 -22.18
C17 CLR J . 13.37 13.05 -23.49
C18 CLR J . 12.63 14.66 -25.27
C19 CLR J . 7.99 14.56 -26.74
C20 CLR J . 14.79 13.06 -24.09
C21 CLR J . 15.01 11.97 -25.14
C22 CLR J . 15.84 12.95 -22.98
C23 CLR J . 16.55 11.61 -22.86
C24 CLR J . 17.95 11.73 -22.26
C25 CLR J . 19.09 12.05 -23.24
C26 CLR J . 18.82 11.41 -24.60
C27 CLR J . 19.34 13.55 -23.41
O1 CLR J . 4.63 14.93 -26.49
C1 CLR K . 11.66 19.41 -28.07
C2 CLR K . 10.14 19.49 -28.21
C3 CLR K . 9.58 18.28 -28.92
C4 CLR K . 10.07 17.00 -28.25
C5 CLR K . 11.56 16.96 -28.13
C6 CLR K . 12.26 16.20 -28.96
C7 CLR K . 13.75 16.10 -28.93
C8 CLR K . 14.28 16.69 -27.64
C9 CLR K . 13.73 18.10 -27.43
C10 CLR K . 12.17 18.13 -27.38
C11 CLR K . 14.39 18.75 -26.21
C12 CLR K . 15.92 18.72 -26.26
C13 CLR K . 16.48 17.31 -26.42
C14 CLR K . 15.80 16.74 -27.68
C15 CLR K . 16.54 15.43 -27.94
C16 CLR K . 18.00 15.80 -27.58
C17 CLR K . 17.96 17.17 -26.86
C18 CLR K . 16.19 16.46 -25.18
C19 CLR K . 11.66 18.09 -25.93
C20 CLR K . 19.13 17.27 -25.87
C21 CLR K . 19.13 18.53 -25.01
C22 CLR K . 20.43 17.19 -26.66
C23 CLR K . 21.68 16.95 -25.81
C24 CLR K . 22.62 18.15 -25.76
C25 CLR K . 23.88 17.95 -24.93
C26 CLR K . 24.28 16.49 -24.93
C27 CLR K . 25.04 18.82 -25.42
O1 CLR K . 8.17 18.35 -28.93
N POV L . 42.71 -6.65 6.89
P POV L . 39.81 -4.26 8.17
C1 POV L . 37.37 -3.71 7.33
C2 POV L . 36.29 -2.67 7.69
C3 POV L . 36.84 -1.27 7.64
C210 POV L . 26.48 2.27 7.60
C310 POV L . 29.17 6.51 7.89
C11 POV L . 40.15 -6.74 7.40
O11 POV L . 38.29 -3.73 8.38
C211 POV L . 25.18 1.94 8.26
C311 POV L . 29.17 7.63 8.92
C12 POV L . 41.29 -6.96 6.43
O12 POV L . 39.45 -5.53 7.18
C212 POV L . 25.11 2.56 9.66
C312 POV L . 28.39 7.26 10.17
C13 POV L . 43.08 -5.24 6.61
O13 POV L . 40.28 -4.78 9.49
C213 POV L . 23.90 2.06 10.44
C313 POV L . 26.99 6.78 9.89
C14 POV L . 42.77 -6.88 8.36
O14 POV L . 40.63 -3.26 7.39
C214 POV L . 23.92 0.55 10.64
C314 POV L . 25.94 7.88 10.04
C15 POV L . 43.70 -7.56 6.25
C215 POV L . 22.91 0.07 11.68
C315 POV L . 24.95 7.63 11.16
C216 POV L . 21.51 0.57 11.40
C316 POV L . 23.83 8.67 11.20
C217 POV L . 20.50 0.14 12.45
C218 POV L . 20.51 -1.35 12.71
C21 POV L . 35.00 -2.02 9.63
O21 POV L . 35.79 -2.89 9.02
C22 POV L . 33.55 -2.24 9.28
O22 POV L . 35.37 -1.16 10.38
C23 POV L . 32.61 -1.56 10.27
C24 POV L . 31.26 -1.26 9.65
C25 POV L . 31.34 -0.33 8.46
C26 POV L . 30.02 0.36 8.17
C27 POV L . 29.00 -0.54 7.51
C28 POV L . 27.58 -0.01 7.69
C29 POV L . 27.50 1.44 7.36
C31 POV L . 36.04 0.48 6.30
O31 POV L . 36.55 -0.74 6.35
C32 POV L . 35.72 0.88 4.90
O32 POV L . 35.88 1.16 7.28
C33 POV L . 34.91 2.15 4.78
C34 POV L . 33.51 1.94 5.34
C35 POV L . 32.62 3.16 5.20
C36 POV L . 31.15 2.81 5.44
C37 POV L . 30.53 3.59 6.58
C38 POV L . 30.62 5.09 6.39
C39 POV L . 30.54 5.87 7.70
C1 NAG M . -15.93 26.37 -26.89
C2 NAG M . -15.64 27.82 -26.91
C3 NAG M . -16.80 28.47 -27.54
C4 NAG M . -16.57 28.08 -28.95
C5 NAG M . -16.72 26.58 -29.04
C6 NAG M . -16.52 26.16 -30.46
C7 NAG M . -16.05 29.24 -24.98
C8 NAG M . -17.34 28.98 -24.34
N2 NAG M . -15.41 28.28 -25.61
O3 NAG M . -16.60 29.85 -27.54
O4 NAG M . -17.45 28.72 -29.84
O5 NAG M . -15.72 26.00 -28.23
O6 NAG M . -15.24 26.65 -30.78
O7 NAG M . -15.52 30.29 -24.86
ZN ZN N . 1.60 -20.58 3.12
C1 CLR O . -4.37 -35.76 -6.37
C2 CLR O . -5.68 -35.04 -6.72
C3 CLR O . -6.35 -35.64 -7.93
C4 CLR O . -5.40 -35.66 -9.13
C5 CLR O . -3.98 -35.32 -8.77
C6 CLR O . -3.42 -34.22 -9.26
C7 CLR O . -2.03 -33.79 -8.97
C8 CLR O . -1.24 -34.93 -8.35
C9 CLR O . -2.01 -35.55 -7.17
C10 CLR O . -3.43 -36.06 -7.56
C11 CLR O . -1.17 -36.61 -6.47
C12 CLR O . 0.26 -36.19 -6.14
C13 CLR O . 0.99 -35.61 -7.35
C14 CLR O . 0.10 -34.46 -7.83
C15 CLR O . 0.99 -33.62 -8.74
C16 CLR O . 2.36 -33.67 -8.04
C17 CLR O . 2.35 -34.89 -7.08
C18 CLR O . 1.19 -36.68 -8.44
C19 CLR O . -3.41 -37.56 -7.86
C20 CLR O . 3.63 -35.72 -7.17
C21 CLR O . 3.85 -36.64 -5.98
C22 CLR O . 4.84 -34.79 -7.36
C23 CLR O . 6.08 -35.46 -7.94
C24 CLR O . 7.35 -34.80 -7.46
C25 CLR O . 7.38 -34.54 -5.95
C26 CLR O . 8.41 -35.43 -5.27
C27 CLR O . 7.63 -33.06 -5.63
O1 CLR O . -6.78 -36.95 -7.61
C1 CLR P . 20.34 -48.74 -8.80
C2 CLR P . 19.58 -49.88 -9.47
C3 CLR P . 19.70 -49.80 -10.98
C4 CLR P . 19.22 -48.44 -11.49
C5 CLR P . 18.94 -47.45 -10.40
C6 CLR P . 17.86 -46.68 -10.45
C7 CLR P . 17.56 -45.55 -9.52
C8 CLR P . 18.73 -45.23 -8.58
C9 CLR P . 19.38 -46.54 -8.11
C10 CLR P . 19.98 -47.33 -9.29
C11 CLR P . 20.36 -46.30 -6.95
C12 CLR P . 19.78 -45.47 -5.81
C13 CLR P . 19.25 -44.12 -6.30
C14 CLR P . 18.22 -44.44 -7.39
C15 CLR P . 17.55 -43.10 -7.67
C16 CLR P . 17.43 -42.50 -6.27
C17 CLR P . 18.37 -43.30 -5.32
C18 CLR P . 20.41 -43.24 -6.81
C19 CLR P . 21.22 -46.64 -9.88
C20 CLR P . 19.00 -42.39 -4.26
C21 CLR P . 19.60 -43.15 -3.08
C22 CLR P . 17.94 -41.41 -3.76
C23 CLR P . 18.25 -39.93 -3.92
C24 CLR P . 17.20 -39.10 -3.22
C25 CLR P . 17.26 -37.60 -3.47
C26 CLR P . 16.26 -37.22 -4.55
C27 CLR P . 16.98 -36.81 -2.19
O1 CLR P . 21.03 -50.07 -11.35
C1 CLR Q . -0.08 -15.87 24.38
C2 CLR Q . -1.50 -15.34 24.16
C3 CLR Q . -2.57 -16.09 24.91
C4 CLR Q . -2.47 -17.60 24.68
C5 CLR Q . -1.22 -18.00 23.95
C6 CLR Q . -1.31 -18.45 22.70
C7 CLR Q . -0.13 -18.87 21.90
C8 CLR Q . 1.07 -19.10 22.79
C9 CLR Q . 1.31 -17.84 23.66
C10 CLR Q . 0.07 -17.40 24.50
C11 CLR Q . 2.59 -18.02 24.49
C12 CLR Q . 3.82 -18.48 23.69
C13 CLR Q . 3.53 -19.73 22.85
C14 CLR Q . 2.32 -19.38 21.99
C15 CLR Q . 2.27 -20.47 20.93
C16 CLR Q . 3.76 -20.63 20.57
C17 CLR Q . 4.59 -20.14 21.78
C18 CLR Q . 3.25 -20.93 23.76
C19 CLR Q . 0.24 -17.80 25.97
C20 CLR Q . 5.69 -21.14 22.14
C21 CLR Q . 6.76 -20.55 23.07
C22 CLR Q . 6.34 -21.70 20.87
C23 CLR Q . 7.75 -21.19 20.56
C24 CLR Q . 8.57 -22.20 19.75
C25 CLR Q . 9.32 -23.26 20.55
C26 CLR Q . 9.79 -22.70 21.89
C27 CLR Q . 8.52 -24.54 20.77
O1 CLR Q . -2.47 -15.78 26.29
C1 CLR R . -0.20 -23.92 26.99
C2 CLR R . -1.33 -22.96 27.37
C3 CLR R . -0.79 -21.74 28.10
C4 CLR R . 0.31 -21.09 27.27
C5 CLR R . 1.39 -22.07 26.90
C6 CLR R . 2.55 -22.04 27.56
C7 CLR R . 3.67 -22.97 27.29
C8 CLR R . 3.46 -23.68 25.97
C9 CLR R . 2.06 -24.32 25.94
C10 CLR R . 0.92 -23.29 26.13
C11 CLR R . 1.89 -25.17 24.67
C12 CLR R . 3.01 -26.20 24.47
C13 CLR R . 4.40 -25.55 24.45
C14 CLR R . 4.52 -24.75 25.76
C15 CLR R . 5.97 -24.32 25.80
C16 CLR R . 6.71 -25.54 25.25
C17 CLR R . 5.64 -26.48 24.63
C18 CLR R . 4.58 -24.66 23.21
C19 CLR R . 0.34 -22.82 24.79
C20 CLR R . 6.24 -27.27 23.47
C21 CLR R . 5.26 -28.15 22.70
C22 CLR R . 7.37 -28.15 24.02
C23 CLR R . 8.29 -28.77 22.98
C24 CLR R . 8.12 -30.28 22.86
C25 CLR R . 9.03 -30.93 21.81
C26 CLR R . 10.31 -30.13 21.65
C27 CLR R . 9.35 -32.38 22.17
O1 CLR R . -1.86 -20.84 28.34
N POV S . 34.02 -23.64 -14.16
P POV S . 30.12 -23.36 -14.79
C1 POV S . 28.13 -22.14 -13.54
C2 POV S . 26.60 -22.16 -13.66
C3 POV S . 26.06 -23.55 -13.59
C210 POV S . 16.23 -19.13 -11.65
C310 POV S . 15.25 -24.04 -12.10
C11 POV S . 32.18 -21.81 -14.26
O11 POV S . 28.64 -22.69 -14.73
C211 POV S . 15.42 -17.97 -12.11
C311 POV S . 14.32 -24.79 -13.04
C12 POV S . 33.30 -22.48 -13.51
O12 POV S . 30.90 -22.22 -13.85
C212 POV S . 14.71 -18.28 -13.42
C312 POV S . 13.80 -23.92 -14.17
C13 POV S . 33.38 -24.94 -13.85
O13 POV S . 30.60 -23.20 -16.20
C213 POV S . 14.07 -17.05 -14.05
C313 POV S . 13.16 -22.62 -13.70
C14 POV S . 33.98 -23.41 -15.63
O14 POV S . 30.16 -24.68 -14.10
C214 POV S . 15.07 -15.94 -14.34
C314 POV S . 11.66 -22.71 -13.60
C15 POV S . 35.46 -23.69 -13.76
C215 POV S . 14.50 -14.84 -15.23
C315 POV S . 10.92 -21.79 -14.56
C216 POV S . 13.20 -14.27 -14.68
C316 POV S . 9.41 -21.80 -14.34
C217 POV S . 12.60 -13.21 -15.60
C218 POV S . 13.57 -12.10 -15.95
C21 POV S . 24.92 -21.63 -15.31
O21 POV S . 26.18 -21.57 -14.89
C22 POV S . 24.09 -20.51 -14.75
O22 POV S . 24.49 -22.46 -16.05
C23 POV S . 22.80 -20.31 -15.52
C24 POV S . 21.72 -19.65 -14.67
C25 POV S . 21.34 -20.46 -13.45
C26 POV S . 19.98 -20.09 -12.91
C27 POV S . 19.96 -18.78 -12.15
C28 POV S . 18.55 -18.19 -12.06
C29 POV S . 17.56 -19.23 -11.63
C31 POV S . 24.52 -24.38 -12.04
O31 POV S . 25.70 -23.83 -12.25
C32 POV S . 24.24 -24.55 -10.58
O32 POV S . 23.78 -24.70 -12.93
C33 POV S . 22.82 -24.93 -10.25
C34 POV S . 21.86 -23.80 -10.59
C35 POV S . 20.42 -24.09 -10.23
C36 POV S . 19.57 -22.84 -10.25
C37 POV S . 18.40 -22.90 -11.22
C38 POV S . 17.49 -24.08 -10.94
C39 POV S . 16.68 -24.51 -12.17
C1 NAG T . -24.89 -10.25 30.75
C2 NAG T . -25.67 -11.52 30.82
C3 NAG T . -26.84 -11.25 31.68
C4 NAG T . -26.18 -11.20 33.00
C5 NAG T . -25.25 -10.01 33.01
C6 NAG T . -24.60 -9.92 34.36
C7 NAG T . -27.25 -12.15 29.07
C8 NAG T . -28.09 -11.04 28.64
N2 NAG T . -26.03 -11.92 29.54
O3 NAG T . -27.63 -12.40 31.74
O4 NAG T . -27.11 -11.13 34.06
O5 NAG T . -24.28 -10.21 32.01
O6 NAG T . -23.95 -11.16 34.50
O7 NAG T . -27.58 -13.27 28.94
#